data_7Y4X
# 
_entry.id   7Y4X 
# 
_audit_conform.dict_name       mmcif_pdbx.dic 
_audit_conform.dict_version    5.397 
_audit_conform.dict_location   http://mmcif.pdb.org/dictionaries/ascii/mmcif_pdbx.dic 
# 
loop_
_database_2.database_id 
_database_2.database_code 
_database_2.pdbx_database_accession 
_database_2.pdbx_DOI 
PDB   7Y4X         pdb_00007y4x 10.2210/pdb7y4x/pdb 
WWPDB D_1300030263 ?            ?                   
# 
loop_
_pdbx_audit_revision_history.ordinal 
_pdbx_audit_revision_history.data_content_type 
_pdbx_audit_revision_history.major_revision 
_pdbx_audit_revision_history.minor_revision 
_pdbx_audit_revision_history.revision_date 
1 'Structure model' 1 0 2023-05-24 
2 'Structure model' 1 1 2023-11-29 
3 'Structure model' 1 2 2024-10-30 
# 
_pdbx_audit_revision_details.ordinal             1 
_pdbx_audit_revision_details.revision_ordinal    1 
_pdbx_audit_revision_details.data_content_type   'Structure model' 
_pdbx_audit_revision_details.provider            repository 
_pdbx_audit_revision_details.type                'Initial release' 
_pdbx_audit_revision_details.description         ? 
_pdbx_audit_revision_details.details             ? 
# 
loop_
_pdbx_audit_revision_group.ordinal 
_pdbx_audit_revision_group.revision_ordinal 
_pdbx_audit_revision_group.data_content_type 
_pdbx_audit_revision_group.group 
1 2 'Structure model' 'Data collection'        
2 2 'Structure model' 'Refinement description' 
3 3 'Structure model' 'Structure summary'      
# 
loop_
_pdbx_audit_revision_category.ordinal 
_pdbx_audit_revision_category.revision_ordinal 
_pdbx_audit_revision_category.data_content_type 
_pdbx_audit_revision_category.category 
1 2 'Structure model' chem_comp_atom                
2 2 'Structure model' chem_comp_bond                
3 2 'Structure model' pdbx_initial_refinement_model 
4 3 'Structure model' pdbx_entry_details            
5 3 'Structure model' pdbx_modification_feature     
# 
_pdbx_audit_revision_item.ordinal             1 
_pdbx_audit_revision_item.revision_ordinal    3 
_pdbx_audit_revision_item.data_content_type   'Structure model' 
_pdbx_audit_revision_item.item                '_pdbx_entry_details.has_protein_modification' 
# 
_pdbx_database_status.status_code                     REL 
_pdbx_database_status.status_code_sf                  REL 
_pdbx_database_status.status_code_mr                  ? 
_pdbx_database_status.entry_id                        7Y4X 
_pdbx_database_status.recvd_initial_deposition_date   2022-06-16 
_pdbx_database_status.SG_entry                        N 
_pdbx_database_status.deposit_site                    PDBJ 
_pdbx_database_status.process_site                    PDBJ 
_pdbx_database_status.status_code_cs                  ? 
_pdbx_database_status.status_code_nmr_data            ? 
_pdbx_database_status.methods_development_category    ? 
_pdbx_database_status.pdb_format_compatible           Y 
# 
_pdbx_contact_author.id                 2 
_pdbx_contact_author.email              ymyuxtal@163.com 
_pdbx_contact_author.name_first         Yamei 
_pdbx_contact_author.name_last          Yu 
_pdbx_contact_author.name_mi            ? 
_pdbx_contact_author.role               'principal investigator/group leader' 
_pdbx_contact_author.identifier_ORCID   0000-0002-4491-3034 
# 
loop_
_audit_author.name 
_audit_author.pdbx_ordinal 
_audit_author.identifier_ORCID 
'Chen, Q.'  1 ? 
'Yu, Y.'    2 ? 
'Cheng, J.' 3 ? 
# 
_citation.abstract                  ? 
_citation.abstract_id_CAS           ? 
_citation.book_id_ISBN              ? 
_citation.book_publisher            ? 
_citation.book_publisher_city       ? 
_citation.book_title                ? 
_citation.coordinate_linkage        ? 
_citation.country                   UK 
_citation.database_id_Medline       ? 
_citation.details                   ? 
_citation.id                        primary 
_citation.journal_abbrev            'Nat Commun' 
_citation.journal_id_ASTM           ? 
_citation.journal_id_CSD            ? 
_citation.journal_id_ISSN           2041-1723 
_citation.journal_full              ? 
_citation.journal_issue             ? 
_citation.journal_volume            14 
_citation.language                  ? 
_citation.page_first                2522 
_citation.page_last                 2522 
_citation.title                     'Structural basis for the self-recognition of sDSCAM in Chelicerata.' 
_citation.year                      2023 
_citation.database_id_CSD           ? 
_citation.pdbx_database_id_DOI      10.1038/s41467-023-38205-1 
_citation.pdbx_database_id_PubMed   37130844 
_citation.pdbx_database_id_patent   ? 
_citation.unpublished_flag          ? 
# 
loop_
_citation_author.citation_id 
_citation_author.name 
_citation_author.ordinal 
_citation_author.identifier_ORCID 
primary 'Cheng, J.' 1  ?                   
primary 'Yu, Y.'    2  0000-0002-4491-3034 
primary 'Wang, X.'  3  ?                   
primary 'Zheng, X.' 4  ?                   
primary 'Liu, T.'   5  ?                   
primary 'Hu, D.'    6  ?                   
primary 'Jin, Y.'   7  0000-0001-7125-7055 
primary 'Lai, Y.'   8  0000-0001-5347-5155 
primary 'Fu, T.M.'  9  0000-0002-6281-1752 
primary 'Chen, Q.'  10 0000-0002-2398-4482 
# 
loop_
_entity.id 
_entity.type 
_entity.src_method 
_entity.pdbx_description 
_entity.formula_weight 
_entity.pdbx_number_of_molecules 
_entity.pdbx_ec 
_entity.pdbx_mutation 
_entity.pdbx_fragment 
_entity.details 
1 polymer     man 'Down syndrome cell adhesion molecule'   10888.456 2 ? ? ? ? 
2 non-polymer syn 2-acetamido-2-deoxy-beta-D-glucopyranose 221.208   2 ? ? ? ? 
3 water       nat water                                    18.015    4 ? ? ? ? 
# 
_entity_poly.entity_id                      1 
_entity_poly.type                           'polypeptide(L)' 
_entity_poly.nstd_linkage                   no 
_entity_poly.nstd_monomer                   no 
_entity_poly.pdbx_seq_one_letter_code       
;STVPQIKPFYFSTTLQEKQREQITCLAIAGDPPLSFSWTKDGINIDKFSDIIVETPKNFYSVLVILSIQPNHIGNYTCIV
KNSVGSDSFTASLILKVP
;
_entity_poly.pdbx_seq_one_letter_code_can   
;STVPQIKPFYFSTTLQEKQREQITCLAIAGDPPLSFSWTKDGINIDKFSDIIVETPKNFYSVLVILSIQPNHIGNYTCIV
KNSVGSDSFTASLILKVP
;
_entity_poly.pdbx_strand_id                 A,B 
_entity_poly.pdbx_target_identifier         ? 
# 
loop_
_pdbx_entity_nonpoly.entity_id 
_pdbx_entity_nonpoly.name 
_pdbx_entity_nonpoly.comp_id 
2 2-acetamido-2-deoxy-beta-D-glucopyranose NAG 
3 water                                    HOH 
# 
loop_
_entity_poly_seq.entity_id 
_entity_poly_seq.num 
_entity_poly_seq.mon_id 
_entity_poly_seq.hetero 
1 1  SER n 
1 2  THR n 
1 3  VAL n 
1 4  PRO n 
1 5  GLN n 
1 6  ILE n 
1 7  LYS n 
1 8  PRO n 
1 9  PHE n 
1 10 TYR n 
1 11 PHE n 
1 12 SER n 
1 13 THR n 
1 14 THR n 
1 15 LEU n 
1 16 GLN n 
1 17 GLU n 
1 18 LYS n 
1 19 GLN n 
1 20 ARG n 
1 21 GLU n 
1 22 GLN n 
1 23 ILE n 
1 24 THR n 
1 25 CYS n 
1 26 LEU n 
1 27 ALA n 
1 28 ILE n 
1 29 ALA n 
1 30 GLY n 
1 31 ASP n 
1 32 PRO n 
1 33 PRO n 
1 34 LEU n 
1 35 SER n 
1 36 PHE n 
1 37 SER n 
1 38 TRP n 
1 39 THR n 
1 40 LYS n 
1 41 ASP n 
1 42 GLY n 
1 43 ILE n 
1 44 ASN n 
1 45 ILE n 
1 46 ASP n 
1 47 LYS n 
1 48 PHE n 
1 49 SER n 
1 50 ASP n 
1 51 ILE n 
1 52 ILE n 
1 53 VAL n 
1 54 GLU n 
1 55 THR n 
1 56 PRO n 
1 57 LYS n 
1 58 ASN n 
1 59 PHE n 
1 60 TYR n 
1 61 SER n 
1 62 VAL n 
1 63 LEU n 
1 64 VAL n 
1 65 ILE n 
1 66 LEU n 
1 67 SER n 
1 68 ILE n 
1 69 GLN n 
1 70 PRO n 
1 71 ASN n 
1 72 HIS n 
1 73 ILE n 
1 74 GLY n 
1 75 ASN n 
1 76 TYR n 
1 77 THR n 
1 78 CYS n 
1 79 ILE n 
1 80 VAL n 
1 81 LYS n 
1 82 ASN n 
1 83 SER n 
1 84 VAL n 
1 85 GLY n 
1 86 SER n 
1 87 ASP n 
1 88 SER n 
1 89 PHE n 
1 90 THR n 
1 91 ALA n 
1 92 SER n 
1 93 LEU n 
1 94 ILE n 
1 95 LEU n 
1 96 LYS n 
1 97 VAL n 
1 98 PRO n 
# 
_entity_src_gen.entity_id                          1 
_entity_src_gen.pdbx_src_id                        1 
_entity_src_gen.pdbx_alt_source_flag               sample 
_entity_src_gen.pdbx_seq_type                      'Biological sequence' 
_entity_src_gen.pdbx_beg_seq_num                   1 
_entity_src_gen.pdbx_end_seq_num                   98 
_entity_src_gen.gene_src_common_name               ? 
_entity_src_gen.gene_src_genus                     ? 
_entity_src_gen.pdbx_gene_src_gene                 ? 
_entity_src_gen.gene_src_species                   ? 
_entity_src_gen.gene_src_strain                    ? 
_entity_src_gen.gene_src_tissue                    ? 
_entity_src_gen.gene_src_tissue_fraction           ? 
_entity_src_gen.gene_src_details                   ? 
_entity_src_gen.pdbx_gene_src_fragment             ? 
_entity_src_gen.pdbx_gene_src_scientific_name      Chelicerata 
_entity_src_gen.pdbx_gene_src_ncbi_taxonomy_id     6843 
_entity_src_gen.pdbx_gene_src_variant              ? 
_entity_src_gen.pdbx_gene_src_cell_line            ? 
_entity_src_gen.pdbx_gene_src_atcc                 ? 
_entity_src_gen.pdbx_gene_src_organ                ? 
_entity_src_gen.pdbx_gene_src_organelle            ? 
_entity_src_gen.pdbx_gene_src_cell                 ? 
_entity_src_gen.pdbx_gene_src_cellular_location    ? 
_entity_src_gen.host_org_common_name               ? 
_entity_src_gen.pdbx_host_org_scientific_name      'Spodoptera frugiperda' 
_entity_src_gen.pdbx_host_org_ncbi_taxonomy_id     7108 
_entity_src_gen.host_org_genus                     ? 
_entity_src_gen.pdbx_host_org_gene                 ? 
_entity_src_gen.pdbx_host_org_organ                ? 
_entity_src_gen.host_org_species                   ? 
_entity_src_gen.pdbx_host_org_tissue               ? 
_entity_src_gen.pdbx_host_org_tissue_fraction      ? 
_entity_src_gen.pdbx_host_org_strain               ? 
_entity_src_gen.pdbx_host_org_variant              ? 
_entity_src_gen.pdbx_host_org_cell_line            ? 
_entity_src_gen.pdbx_host_org_atcc                 ? 
_entity_src_gen.pdbx_host_org_culture_collection   ? 
_entity_src_gen.pdbx_host_org_cell                 ? 
_entity_src_gen.pdbx_host_org_organelle            ? 
_entity_src_gen.pdbx_host_org_cellular_location    ? 
_entity_src_gen.pdbx_host_org_vector_type          ? 
_entity_src_gen.pdbx_host_org_vector               ? 
_entity_src_gen.host_org_details                   ? 
_entity_src_gen.expression_system_id               ? 
_entity_src_gen.plasmid_name                       ? 
_entity_src_gen.plasmid_details                    ? 
_entity_src_gen.pdbx_description                   ? 
# 
loop_
_chem_comp.id 
_chem_comp.type 
_chem_comp.mon_nstd_flag 
_chem_comp.name 
_chem_comp.pdbx_synonyms 
_chem_comp.formula 
_chem_comp.formula_weight 
ALA 'L-peptide linking'          y ALANINE                                  ? 'C3 H7 N O2'     89.093  
ARG 'L-peptide linking'          y ARGININE                                 ? 'C6 H15 N4 O2 1' 175.209 
ASN 'L-peptide linking'          y ASPARAGINE                               ? 'C4 H8 N2 O3'    132.118 
ASP 'L-peptide linking'          y 'ASPARTIC ACID'                          ? 'C4 H7 N O4'     133.103 
CYS 'L-peptide linking'          y CYSTEINE                                 ? 'C3 H7 N O2 S'   121.158 
GLN 'L-peptide linking'          y GLUTAMINE                                ? 'C5 H10 N2 O3'   146.144 
GLU 'L-peptide linking'          y 'GLUTAMIC ACID'                          ? 'C5 H9 N O4'     147.129 
GLY 'peptide linking'            y GLYCINE                                  ? 'C2 H5 N O2'     75.067  
HIS 'L-peptide linking'          y HISTIDINE                                ? 'C6 H10 N3 O2 1' 156.162 
HOH non-polymer                  . WATER                                    ? 'H2 O'           18.015  
ILE 'L-peptide linking'          y ISOLEUCINE                               ? 'C6 H13 N O2'    131.173 
LEU 'L-peptide linking'          y LEUCINE                                  ? 'C6 H13 N O2'    131.173 
LYS 'L-peptide linking'          y LYSINE                                   ? 'C6 H15 N2 O2 1' 147.195 
NAG 'D-saccharide, beta linking' . 2-acetamido-2-deoxy-beta-D-glucopyranose 
;N-acetyl-beta-D-glucosamine; 2-acetamido-2-deoxy-beta-D-glucose; 2-acetamido-2-deoxy-D-glucose; 2-acetamido-2-deoxy-glucose; N-ACETYL-D-GLUCOSAMINE
;
'C8 H15 N O6'    221.208 
PHE 'L-peptide linking'          y PHENYLALANINE                            ? 'C9 H11 N O2'    165.189 
PRO 'L-peptide linking'          y PROLINE                                  ? 'C5 H9 N O2'     115.130 
SER 'L-peptide linking'          y SERINE                                   ? 'C3 H7 N O3'     105.093 
THR 'L-peptide linking'          y THREONINE                                ? 'C4 H9 N O3'     119.119 
TRP 'L-peptide linking'          y TRYPTOPHAN                               ? 'C11 H12 N2 O2'  204.225 
TYR 'L-peptide linking'          y TYROSINE                                 ? 'C9 H11 N O3'    181.189 
VAL 'L-peptide linking'          y VALINE                                   ? 'C5 H11 N O2'    117.146 
# 
loop_
_pdbx_chem_comp_identifier.comp_id 
_pdbx_chem_comp_identifier.type 
_pdbx_chem_comp_identifier.program 
_pdbx_chem_comp_identifier.program_version 
_pdbx_chem_comp_identifier.identifier 
NAG 'CONDENSED IUPAC CARBOHYDRATE SYMBOL' GMML     1.0 DGlcpNAcb                      
NAG 'COMMON NAME'                         GMML     1.0 N-acetyl-b-D-glucopyranosamine 
NAG 'IUPAC CARBOHYDRATE SYMBOL'           PDB-CARE 1.0 b-D-GlcpNAc                    
NAG 'SNFG CARBOHYDRATE SYMBOL'            GMML     1.0 GlcNAc                         
# 
loop_
_pdbx_poly_seq_scheme.asym_id 
_pdbx_poly_seq_scheme.entity_id 
_pdbx_poly_seq_scheme.seq_id 
_pdbx_poly_seq_scheme.mon_id 
_pdbx_poly_seq_scheme.ndb_seq_num 
_pdbx_poly_seq_scheme.pdb_seq_num 
_pdbx_poly_seq_scheme.auth_seq_num 
_pdbx_poly_seq_scheme.pdb_mon_id 
_pdbx_poly_seq_scheme.auth_mon_id 
_pdbx_poly_seq_scheme.pdb_strand_id 
_pdbx_poly_seq_scheme.pdb_ins_code 
_pdbx_poly_seq_scheme.hetero 
A 1 1  SER 1  0  0  SER SER A . n 
A 1 2  THR 2  1  1  THR THR A . n 
A 1 3  VAL 3  2  2  VAL VAL A . n 
A 1 4  PRO 4  3  3  PRO PRO A . n 
A 1 5  GLN 5  4  4  GLN GLN A . n 
A 1 6  ILE 6  5  5  ILE ILE A . n 
A 1 7  LYS 7  6  6  LYS LYS A . n 
A 1 8  PRO 8  7  7  PRO PRO A . n 
A 1 9  PHE 9  8  8  PHE PHE A . n 
A 1 10 TYR 10 9  9  TYR TYR A . n 
A 1 11 PHE 11 10 10 PHE PHE A . n 
A 1 12 SER 12 11 11 SER SER A . n 
A 1 13 THR 13 12 12 THR THR A . n 
A 1 14 THR 14 13 13 THR THR A . n 
A 1 15 LEU 15 14 14 LEU LEU A . n 
A 1 16 GLN 16 15 15 GLN GLN A . n 
A 1 17 GLU 17 16 16 GLU GLU A . n 
A 1 18 LYS 18 17 17 LYS LYS A . n 
A 1 19 GLN 19 18 18 GLN GLN A . n 
A 1 20 ARG 20 19 19 ARG ARG A . n 
A 1 21 GLU 21 20 20 GLU GLU A . n 
A 1 22 GLN 22 21 21 GLN GLN A . n 
A 1 23 ILE 23 22 22 ILE ILE A . n 
A 1 24 THR 24 23 23 THR THR A . n 
A 1 25 CYS 25 24 24 CYS CYS A . n 
A 1 26 LEU 26 25 25 LEU LEU A . n 
A 1 27 ALA 27 26 26 ALA ALA A . n 
A 1 28 ILE 28 27 27 ILE ILE A . n 
A 1 29 ALA 29 28 28 ALA ALA A . n 
A 1 30 GLY 30 29 29 GLY GLY A . n 
A 1 31 ASP 31 30 30 ASP ASP A . n 
A 1 32 PRO 32 31 31 PRO PRO A . n 
A 1 33 PRO 33 32 32 PRO PRO A . n 
A 1 34 LEU 34 33 33 LEU LEU A . n 
A 1 35 SER 35 34 34 SER SER A . n 
A 1 36 PHE 36 35 35 PHE PHE A . n 
A 1 37 SER 37 36 36 SER SER A . n 
A 1 38 TRP 38 37 37 TRP TRP A . n 
A 1 39 THR 39 38 38 THR THR A . n 
A 1 40 LYS 40 39 39 LYS LYS A . n 
A 1 41 ASP 41 40 40 ASP ASP A . n 
A 1 42 GLY 42 41 41 GLY GLY A . n 
A 1 43 ILE 43 42 42 ILE ILE A . n 
A 1 44 ASN 44 43 43 ASN ASN A . n 
A 1 45 ILE 45 44 44 ILE ILE A . n 
A 1 46 ASP 46 45 45 ASP ASP A . n 
A 1 47 LYS 47 46 46 LYS LYS A . n 
A 1 48 PHE 48 47 47 PHE PHE A . n 
A 1 49 SER 49 48 48 SER SER A . n 
A 1 50 ASP 50 49 49 ASP ASP A . n 
A 1 51 ILE 51 50 50 ILE ILE A . n 
A 1 52 ILE 52 51 51 ILE ILE A . n 
A 1 53 VAL 53 52 52 VAL VAL A . n 
A 1 54 GLU 54 53 53 GLU GLU A . n 
A 1 55 THR 55 54 54 THR THR A . n 
A 1 56 PRO 56 55 55 PRO PRO A . n 
A 1 57 LYS 57 56 56 LYS LYS A . n 
A 1 58 ASN 58 57 57 ASN ASN A . n 
A 1 59 PHE 59 58 58 PHE PHE A . n 
A 1 60 TYR 60 59 59 TYR TYR A . n 
A 1 61 SER 61 60 60 SER SER A . n 
A 1 62 VAL 62 61 61 VAL VAL A . n 
A 1 63 LEU 63 62 62 LEU LEU A . n 
A 1 64 VAL 64 63 63 VAL VAL A . n 
A 1 65 ILE 65 64 64 ILE ILE A . n 
A 1 66 LEU 66 65 65 LEU LEU A . n 
A 1 67 SER 67 66 66 SER SER A . n 
A 1 68 ILE 68 67 67 ILE ILE A . n 
A 1 69 GLN 69 68 68 GLN GLN A . n 
A 1 70 PRO 70 69 69 PRO PRO A . n 
A 1 71 ASN 71 70 70 ASN ASN A . n 
A 1 72 HIS 72 71 71 HIS HIS A . n 
A 1 73 ILE 73 72 72 ILE ILE A . n 
A 1 74 GLY 74 73 73 GLY GLY A . n 
A 1 75 ASN 75 74 74 ASN ASN A . n 
A 1 76 TYR 76 75 75 TYR TYR A . n 
A 1 77 THR 77 76 76 THR THR A . n 
A 1 78 CYS 78 77 77 CYS CYS A . n 
A 1 79 ILE 79 78 78 ILE ILE A . n 
A 1 80 VAL 80 79 79 VAL VAL A . n 
A 1 81 LYS 81 80 80 LYS LYS A . n 
A 1 82 ASN 82 81 81 ASN ASN A . n 
A 1 83 SER 83 82 82 SER SER A . n 
A 1 84 VAL 84 83 83 VAL VAL A . n 
A 1 85 GLY 85 84 84 GLY GLY A . n 
A 1 86 SER 86 85 85 SER SER A . n 
A 1 87 ASP 87 86 86 ASP ASP A . n 
A 1 88 SER 88 87 87 SER SER A . n 
A 1 89 PHE 89 88 88 PHE PHE A . n 
A 1 90 THR 90 89 89 THR THR A . n 
A 1 91 ALA 91 90 90 ALA ALA A . n 
A 1 92 SER 92 91 91 SER SER A . n 
A 1 93 LEU 93 92 92 LEU LEU A . n 
A 1 94 ILE 94 93 93 ILE ILE A . n 
A 1 95 LEU 95 94 94 LEU LEU A . n 
A 1 96 LYS 96 95 95 LYS LYS A . n 
A 1 97 VAL 97 96 ?  ?   ?   A . n 
A 1 98 PRO 98 97 ?  ?   ?   A . n 
B 1 1  SER 1  0  0  SER SER B . n 
B 1 2  THR 2  1  1  THR THR B . n 
B 1 3  VAL 3  2  2  VAL VAL B . n 
B 1 4  PRO 4  3  3  PRO PRO B . n 
B 1 5  GLN 5  4  4  GLN GLN B . n 
B 1 6  ILE 6  5  5  ILE ILE B . n 
B 1 7  LYS 7  6  6  LYS LYS B . n 
B 1 8  PRO 8  7  7  PRO PRO B . n 
B 1 9  PHE 9  8  8  PHE PHE B . n 
B 1 10 TYR 10 9  9  TYR TYR B . n 
B 1 11 PHE 11 10 10 PHE PHE B . n 
B 1 12 SER 12 11 11 SER SER B . n 
B 1 13 THR 13 12 12 THR THR B . n 
B 1 14 THR 14 13 13 THR THR B . n 
B 1 15 LEU 15 14 14 LEU LEU B . n 
B 1 16 GLN 16 15 15 GLN GLN B . n 
B 1 17 GLU 17 16 16 GLU GLU B . n 
B 1 18 LYS 18 17 17 LYS LYS B . n 
B 1 19 GLN 19 18 18 GLN GLN B . n 
B 1 20 ARG 20 19 19 ARG ARG B . n 
B 1 21 GLU 21 20 20 GLU GLU B . n 
B 1 22 GLN 22 21 21 GLN GLN B . n 
B 1 23 ILE 23 22 22 ILE ILE B . n 
B 1 24 THR 24 23 23 THR THR B . n 
B 1 25 CYS 25 24 24 CYS CYS B . n 
B 1 26 LEU 26 25 25 LEU LEU B . n 
B 1 27 ALA 27 26 26 ALA ALA B . n 
B 1 28 ILE 28 27 27 ILE ILE B . n 
B 1 29 ALA 29 28 28 ALA ALA B . n 
B 1 30 GLY 30 29 29 GLY GLY B . n 
B 1 31 ASP 31 30 30 ASP ASP B . n 
B 1 32 PRO 32 31 31 PRO PRO B . n 
B 1 33 PRO 33 32 32 PRO PRO B . n 
B 1 34 LEU 34 33 33 LEU LEU B . n 
B 1 35 SER 35 34 34 SER SER B . n 
B 1 36 PHE 36 35 35 PHE PHE B . n 
B 1 37 SER 37 36 36 SER SER B . n 
B 1 38 TRP 38 37 37 TRP TRP B . n 
B 1 39 THR 39 38 38 THR THR B . n 
B 1 40 LYS 40 39 39 LYS LYS B . n 
B 1 41 ASP 41 40 40 ASP ASP B . n 
B 1 42 GLY 42 41 41 GLY GLY B . n 
B 1 43 ILE 43 42 42 ILE ILE B . n 
B 1 44 ASN 44 43 43 ASN ASN B . n 
B 1 45 ILE 45 44 44 ILE ILE B . n 
B 1 46 ASP 46 45 45 ASP ASP B . n 
B 1 47 LYS 47 46 46 LYS LYS B . n 
B 1 48 PHE 48 47 47 PHE PHE B . n 
B 1 49 SER 49 48 48 SER SER B . n 
B 1 50 ASP 50 49 49 ASP ASP B . n 
B 1 51 ILE 51 50 50 ILE ILE B . n 
B 1 52 ILE 52 51 51 ILE ILE B . n 
B 1 53 VAL 53 52 52 VAL VAL B . n 
B 1 54 GLU 54 53 53 GLU GLU B . n 
B 1 55 THR 55 54 54 THR THR B . n 
B 1 56 PRO 56 55 55 PRO PRO B . n 
B 1 57 LYS 57 56 56 LYS LYS B . n 
B 1 58 ASN 58 57 57 ASN ASN B . n 
B 1 59 PHE 59 58 58 PHE PHE B . n 
B 1 60 TYR 60 59 59 TYR TYR B . n 
B 1 61 SER 61 60 60 SER SER B . n 
B 1 62 VAL 62 61 61 VAL VAL B . n 
B 1 63 LEU 63 62 62 LEU LEU B . n 
B 1 64 VAL 64 63 63 VAL VAL B . n 
B 1 65 ILE 65 64 64 ILE ILE B . n 
B 1 66 LEU 66 65 65 LEU LEU B . n 
B 1 67 SER 67 66 66 SER SER B . n 
B 1 68 ILE 68 67 67 ILE ILE B . n 
B 1 69 GLN 69 68 68 GLN GLN B . n 
B 1 70 PRO 70 69 69 PRO PRO B . n 
B 1 71 ASN 71 70 70 ASN ASN B . n 
B 1 72 HIS 72 71 71 HIS HIS B . n 
B 1 73 ILE 73 72 72 ILE ILE B . n 
B 1 74 GLY 74 73 73 GLY GLY B . n 
B 1 75 ASN 75 74 74 ASN ASN B . n 
B 1 76 TYR 76 75 75 TYR TYR B . n 
B 1 77 THR 77 76 76 THR THR B . n 
B 1 78 CYS 78 77 77 CYS CYS B . n 
B 1 79 ILE 79 78 78 ILE ILE B . n 
B 1 80 VAL 80 79 79 VAL VAL B . n 
B 1 81 LYS 81 80 80 LYS LYS B . n 
B 1 82 ASN 82 81 81 ASN ASN B . n 
B 1 83 SER 83 82 82 SER SER B . n 
B 1 84 VAL 84 83 83 VAL VAL B . n 
B 1 85 GLY 85 84 84 GLY GLY B . n 
B 1 86 SER 86 85 85 SER SER B . n 
B 1 87 ASP 87 86 86 ASP ASP B . n 
B 1 88 SER 88 87 87 SER SER B . n 
B 1 89 PHE 89 88 88 PHE PHE B . n 
B 1 90 THR 90 89 89 THR THR B . n 
B 1 91 ALA 91 90 90 ALA ALA B . n 
B 1 92 SER 92 91 91 SER SER B . n 
B 1 93 LEU 93 92 92 LEU LEU B . n 
B 1 94 ILE 94 93 93 ILE ILE B . n 
B 1 95 LEU 95 94 94 LEU LEU B . n 
B 1 96 LYS 96 95 95 LYS LYS B . n 
B 1 97 VAL 97 96 ?  ?   ?   B . n 
B 1 98 PRO 98 97 ?  ?   ?   B . n 
# 
_pdbx_entity_instance_feature.ordinal        1 
_pdbx_entity_instance_feature.comp_id        NAG 
_pdbx_entity_instance_feature.asym_id        ? 
_pdbx_entity_instance_feature.seq_num        ? 
_pdbx_entity_instance_feature.auth_comp_id   NAG 
_pdbx_entity_instance_feature.auth_asym_id   ? 
_pdbx_entity_instance_feature.auth_seq_num   ? 
_pdbx_entity_instance_feature.feature_type   'SUBJECT OF INVESTIGATION' 
_pdbx_entity_instance_feature.details        ? 
# 
loop_
_pdbx_nonpoly_scheme.asym_id 
_pdbx_nonpoly_scheme.entity_id 
_pdbx_nonpoly_scheme.mon_id 
_pdbx_nonpoly_scheme.ndb_seq_num 
_pdbx_nonpoly_scheme.pdb_seq_num 
_pdbx_nonpoly_scheme.auth_seq_num 
_pdbx_nonpoly_scheme.pdb_mon_id 
_pdbx_nonpoly_scheme.auth_mon_id 
_pdbx_nonpoly_scheme.pdb_strand_id 
_pdbx_nonpoly_scheme.pdb_ins_code 
C 2 NAG 1 100 100 NAG NAG A . 
D 2 NAG 1 100 100 NAG NAG B . 
E 3 HOH 1 201 5   HOH HOH A . 
E 3 HOH 2 202 6   HOH HOH A . 
F 3 HOH 1 201 2   HOH HOH B . 
F 3 HOH 2 202 1   HOH HOH B . 
# 
loop_
_software.citation_id 
_software.classification 
_software.compiler_name 
_software.compiler_version 
_software.contact_author 
_software.contact_author_email 
_software.date 
_software.description 
_software.dependencies 
_software.hardware 
_software.language 
_software.location 
_software.mods 
_software.name 
_software.os 
_software.os_version 
_software.type 
_software.version 
_software.pdbx_ordinal 
? refinement        ? ? ? ? ? ? ? ? ? ? ? PHENIX      ? ? ? '(1.15.2_3472: ???)' 1 
? 'data scaling'    ? ? ? ? ? ? ? ? ? ? ? HKL-2000    ? ? ? .                    2 
? 'data extraction' ? ? ? ? ? ? ? ? ? ? ? PDB_EXTRACT ? ? ? 3.27                 3 
? 'data reduction'  ? ? ? ? ? ? ? ? ? ? ? HKL-3000    ? ? ? .                    4 
? phasing           ? ? ? ? ? ? ? ? ? ? ? PHASER      ? ? ? .                    5 
# 
_cell.angle_alpha                  90.00 
_cell.angle_alpha_esd              ? 
_cell.angle_beta                   90.00 
_cell.angle_beta_esd               ? 
_cell.angle_gamma                  90.00 
_cell.angle_gamma_esd              ? 
_cell.entry_id                     7Y4X 
_cell.details                      ? 
_cell.formula_units_Z              ? 
_cell.length_a                     92.530 
_cell.length_a_esd                 ? 
_cell.length_b                     92.530 
_cell.length_b_esd                 ? 
_cell.length_c                     69.884 
_cell.length_c_esd                 ? 
_cell.volume                       ? 
_cell.volume_esd                   ? 
_cell.Z_PDB                        16 
_cell.reciprocal_angle_alpha       ? 
_cell.reciprocal_angle_beta        ? 
_cell.reciprocal_angle_gamma       ? 
_cell.reciprocal_angle_alpha_esd   ? 
_cell.reciprocal_angle_beta_esd    ? 
_cell.reciprocal_angle_gamma_esd   ? 
_cell.reciprocal_length_a          ? 
_cell.reciprocal_length_b          ? 
_cell.reciprocal_length_c          ? 
_cell.reciprocal_length_a_esd      ? 
_cell.reciprocal_length_b_esd      ? 
_cell.reciprocal_length_c_esd      ? 
_cell.pdbx_unique_axis             ? 
_cell.pdbx_esd_method              ? 
# 
_symmetry.entry_id                         7Y4X 
_symmetry.cell_setting                     ? 
_symmetry.Int_Tables_number                96 
_symmetry.space_group_name_Hall            ? 
_symmetry.space_group_name_H-M             'P 43 21 2' 
_symmetry.pdbx_full_space_group_name_H-M   ? 
# 
_exptl.absorpt_coefficient_mu     ? 
_exptl.absorpt_correction_T_max   ? 
_exptl.absorpt_correction_T_min   ? 
_exptl.absorpt_correction_type    ? 
_exptl.absorpt_process_details    ? 
_exptl.entry_id                   7Y4X 
_exptl.crystals_number            1 
_exptl.details                    ? 
_exptl.method                     'X-RAY DIFFRACTION' 
_exptl.method_details             ? 
# 
_exptl_crystal.colour                       ? 
_exptl_crystal.density_diffrn               ? 
_exptl_crystal.density_Matthews             3.43 
_exptl_crystal.density_method               ? 
_exptl_crystal.density_percent_sol          64.19 
_exptl_crystal.description                  ? 
_exptl_crystal.F_000                        ? 
_exptl_crystal.id                           1 
_exptl_crystal.preparation                  ? 
_exptl_crystal.size_max                     ? 
_exptl_crystal.size_mid                     ? 
_exptl_crystal.size_min                     ? 
_exptl_crystal.size_rad                     ? 
_exptl_crystal.colour_lustre                ? 
_exptl_crystal.colour_modifier              ? 
_exptl_crystal.colour_primary               ? 
_exptl_crystal.density_meas                 ? 
_exptl_crystal.density_meas_esd             ? 
_exptl_crystal.density_meas_gt              ? 
_exptl_crystal.density_meas_lt              ? 
_exptl_crystal.density_meas_temp            ? 
_exptl_crystal.density_meas_temp_esd        ? 
_exptl_crystal.density_meas_temp_gt         ? 
_exptl_crystal.density_meas_temp_lt         ? 
_exptl_crystal.pdbx_crystal_image_url       ? 
_exptl_crystal.pdbx_crystal_image_format    ? 
_exptl_crystal.pdbx_mosaicity               ? 
_exptl_crystal.pdbx_mosaicity_esd           ? 
_exptl_crystal.pdbx_mosaic_method           ? 
_exptl_crystal.pdbx_mosaic_block_size       ? 
_exptl_crystal.pdbx_mosaic_block_size_esd   ? 
# 
_exptl_crystal_grow.apparatus       ? 
_exptl_crystal_grow.atmosphere      ? 
_exptl_crystal_grow.crystal_id      1 
_exptl_crystal_grow.details         ? 
_exptl_crystal_grow.method          'VAPOR DIFFUSION, HANGING DROP' 
_exptl_crystal_grow.method_ref      ? 
_exptl_crystal_grow.pH              ? 
_exptl_crystal_grow.pressure        ? 
_exptl_crystal_grow.pressure_esd    ? 
_exptl_crystal_grow.seeding         ? 
_exptl_crystal_grow.seeding_ref     ? 
_exptl_crystal_grow.temp_details    ? 
_exptl_crystal_grow.temp_esd        ? 
_exptl_crystal_grow.time            ? 
_exptl_crystal_grow.pdbx_details    
'0.2 M Ammonium acetate, 0.1 M Sodium citrate tribasic dihydrate pH 6.0, 25% PEG 3,350, 5% Jeffamine M-600 pH7' 
_exptl_crystal_grow.pdbx_pH_range   ? 
_exptl_crystal_grow.temp            289 
# 
_diffrn.ambient_environment              ? 
_diffrn.ambient_temp                     100 
_diffrn.ambient_temp_details             ? 
_diffrn.ambient_temp_esd                 ? 
_diffrn.crystal_id                       1 
_diffrn.crystal_support                  ? 
_diffrn.crystal_treatment                ? 
_diffrn.details                          ? 
_diffrn.id                               1 
_diffrn.ambient_pressure                 ? 
_diffrn.ambient_pressure_esd             ? 
_diffrn.ambient_pressure_gt              ? 
_diffrn.ambient_pressure_lt              ? 
_diffrn.ambient_temp_gt                  ? 
_diffrn.ambient_temp_lt                  ? 
_diffrn.pdbx_serial_crystal_experiment   N 
# 
_diffrn_detector.details                      ? 
_diffrn_detector.detector                     PIXEL 
_diffrn_detector.diffrn_id                    1 
_diffrn_detector.type                         'DECTRIS PILATUS 6M' 
_diffrn_detector.area_resol_mean              ? 
_diffrn_detector.dtime                        ? 
_diffrn_detector.pdbx_frames_total            ? 
_diffrn_detector.pdbx_collection_time_total   ? 
_diffrn_detector.pdbx_collection_date         2020-12-05 
_diffrn_detector.pdbx_frequency               ? 
_diffrn_detector.id                           ? 
_diffrn_detector.number_of_axes               ? 
# 
_diffrn_radiation.collimation                      ? 
_diffrn_radiation.diffrn_id                        1 
_diffrn_radiation.filter_edge                      ? 
_diffrn_radiation.inhomogeneity                    ? 
_diffrn_radiation.monochromator                    ? 
_diffrn_radiation.polarisn_norm                    ? 
_diffrn_radiation.polarisn_ratio                   ? 
_diffrn_radiation.probe                            ? 
_diffrn_radiation.type                             ? 
_diffrn_radiation.xray_symbol                      ? 
_diffrn_radiation.wavelength_id                    1 
_diffrn_radiation.pdbx_monochromatic_or_laue_m_l   M 
_diffrn_radiation.pdbx_wavelength_list             ? 
_diffrn_radiation.pdbx_wavelength                  ? 
_diffrn_radiation.pdbx_diffrn_protocol             'SINGLE WAVELENGTH' 
_diffrn_radiation.pdbx_analyzer                    ? 
_diffrn_radiation.pdbx_scattering_type             x-ray 
# 
_diffrn_radiation_wavelength.id           1 
_diffrn_radiation_wavelength.wavelength   0.97855 
_diffrn_radiation_wavelength.wt           1.0 
# 
_diffrn_source.current                     ? 
_diffrn_source.details                     ? 
_diffrn_source.diffrn_id                   1 
_diffrn_source.power                       ? 
_diffrn_source.size                        ? 
_diffrn_source.source                      SYNCHROTRON 
_diffrn_source.target                      ? 
_diffrn_source.type                        'SSRF BEAMLINE BL19U1' 
_diffrn_source.voltage                     ? 
_diffrn_source.take-off_angle              ? 
_diffrn_source.pdbx_wavelength_list        0.97855 
_diffrn_source.pdbx_wavelength             ? 
_diffrn_source.pdbx_synchrotron_beamline   BL19U1 
_diffrn_source.pdbx_synchrotron_site       SSRF 
# 
_reflns.B_iso_Wilson_estimate                          ? 
_reflns.entry_id                                       7Y4X 
_reflns.data_reduction_details                         ? 
_reflns.data_reduction_method                          ? 
_reflns.d_resolution_high                              2.95 
_reflns.d_resolution_low                               50.00 
_reflns.details                                        ? 
_reflns.limit_h_max                                    ? 
_reflns.limit_h_min                                    ? 
_reflns.limit_k_max                                    ? 
_reflns.limit_k_min                                    ? 
_reflns.limit_l_max                                    ? 
_reflns.limit_l_min                                    ? 
_reflns.number_all                                     ? 
_reflns.number_obs                                     6793 
_reflns.observed_criterion                             ? 
_reflns.observed_criterion_F_max                       ? 
_reflns.observed_criterion_F_min                       ? 
_reflns.observed_criterion_I_max                       ? 
_reflns.observed_criterion_I_min                       ? 
_reflns.observed_criterion_sigma_F                     ? 
_reflns.observed_criterion_sigma_I                     ? 
_reflns.percent_possible_obs                           99.9 
_reflns.R_free_details                                 ? 
_reflns.Rmerge_F_all                                   ? 
_reflns.Rmerge_F_obs                                   ? 
_reflns.Friedel_coverage                               ? 
_reflns.number_gt                                      ? 
_reflns.threshold_expression                           ? 
_reflns.pdbx_redundancy                                24.3 
_reflns.pdbx_netI_over_av_sigmaI                       ? 
_reflns.pdbx_netI_over_sigmaI                          4.5 
_reflns.pdbx_res_netI_over_av_sigmaI_2                 ? 
_reflns.pdbx_res_netI_over_sigmaI_2                    ? 
_reflns.pdbx_chi_squared                               1.006 
_reflns.pdbx_scaling_rejects                           ? 
_reflns.pdbx_d_res_high_opt                            ? 
_reflns.pdbx_d_res_low_opt                             ? 
_reflns.pdbx_d_res_opt_method                          ? 
_reflns.phase_calculation_details                      ? 
_reflns.pdbx_Rrim_I_all                                0.214 
_reflns.pdbx_Rpim_I_all                                0.043 
_reflns.pdbx_d_opt                                     ? 
_reflns.pdbx_number_measured_all                       164824 
_reflns.pdbx_diffrn_id                                 1 
_reflns.pdbx_ordinal                                   1 
_reflns.pdbx_CC_half                                   0.965 
_reflns.pdbx_CC_star                                   0.991 
_reflns.pdbx_R_split                                   ? 
_reflns.pdbx_Rmerge_I_obs                              0.209 
_reflns.pdbx_Rmerge_I_all                              ? 
_reflns.pdbx_Rsym_value                                ? 
_reflns.pdbx_CC_split_method                           ? 
_reflns.pdbx_aniso_diffraction_limit_axis_1_ortho[1]   ? 
_reflns.pdbx_aniso_diffraction_limit_axis_1_ortho[2]   ? 
_reflns.pdbx_aniso_diffraction_limit_axis_1_ortho[3]   ? 
_reflns.pdbx_aniso_diffraction_limit_axis_2_ortho[1]   ? 
_reflns.pdbx_aniso_diffraction_limit_axis_2_ortho[2]   ? 
_reflns.pdbx_aniso_diffraction_limit_axis_2_ortho[3]   ? 
_reflns.pdbx_aniso_diffraction_limit_axis_3_ortho[1]   ? 
_reflns.pdbx_aniso_diffraction_limit_axis_3_ortho[2]   ? 
_reflns.pdbx_aniso_diffraction_limit_axis_3_ortho[3]   ? 
_reflns.pdbx_aniso_diffraction_limit_1                 ? 
_reflns.pdbx_aniso_diffraction_limit_2                 ? 
_reflns.pdbx_aniso_diffraction_limit_3                 ? 
_reflns.pdbx_aniso_B_tensor_eigenvector_1_ortho[1]     ? 
_reflns.pdbx_aniso_B_tensor_eigenvector_1_ortho[2]     ? 
_reflns.pdbx_aniso_B_tensor_eigenvector_1_ortho[3]     ? 
_reflns.pdbx_aniso_B_tensor_eigenvector_2_ortho[1]     ? 
_reflns.pdbx_aniso_B_tensor_eigenvector_2_ortho[2]     ? 
_reflns.pdbx_aniso_B_tensor_eigenvector_2_ortho[3]     ? 
_reflns.pdbx_aniso_B_tensor_eigenvector_3_ortho[1]     ? 
_reflns.pdbx_aniso_B_tensor_eigenvector_3_ortho[2]     ? 
_reflns.pdbx_aniso_B_tensor_eigenvector_3_ortho[3]     ? 
_reflns.pdbx_aniso_B_tensor_eigenvalue_1               ? 
_reflns.pdbx_aniso_B_tensor_eigenvalue_2               ? 
_reflns.pdbx_aniso_B_tensor_eigenvalue_3               ? 
_reflns.pdbx_orthogonalization_convention              ? 
_reflns.pdbx_percent_possible_ellipsoidal              ? 
_reflns.pdbx_percent_possible_spherical                ? 
_reflns.pdbx_percent_possible_ellipsoidal_anomalous    ? 
_reflns.pdbx_percent_possible_spherical_anomalous      ? 
_reflns.pdbx_redundancy_anomalous                      ? 
_reflns.pdbx_CC_half_anomalous                         ? 
_reflns.pdbx_absDiff_over_sigma_anomalous              ? 
_reflns.pdbx_percent_possible_anomalous                ? 
_reflns.pdbx_observed_signal_threshold                 ? 
_reflns.pdbx_signal_type                               ? 
_reflns.pdbx_signal_details                            ? 
_reflns.pdbx_signal_software_id                        ? 
# 
loop_
_reflns_shell.d_res_high 
_reflns_shell.d_res_low 
_reflns_shell.meanI_over_sigI_all 
_reflns_shell.meanI_over_sigI_obs 
_reflns_shell.number_measured_all 
_reflns_shell.number_measured_obs 
_reflns_shell.number_possible 
_reflns_shell.number_unique_all 
_reflns_shell.number_unique_obs 
_reflns_shell.percent_possible_obs 
_reflns_shell.Rmerge_F_all 
_reflns_shell.Rmerge_F_obs 
_reflns_shell.meanI_over_sigI_gt 
_reflns_shell.meanI_over_uI_all 
_reflns_shell.meanI_over_uI_gt 
_reflns_shell.number_measured_gt 
_reflns_shell.number_unique_gt 
_reflns_shell.percent_possible_gt 
_reflns_shell.Rmerge_F_gt 
_reflns_shell.Rmerge_I_gt 
_reflns_shell.pdbx_redundancy 
_reflns_shell.pdbx_chi_squared 
_reflns_shell.pdbx_netI_over_sigmaI_all 
_reflns_shell.pdbx_netI_over_sigmaI_obs 
_reflns_shell.pdbx_Rrim_I_all 
_reflns_shell.pdbx_Rpim_I_all 
_reflns_shell.pdbx_rejects 
_reflns_shell.pdbx_ordinal 
_reflns_shell.pdbx_diffrn_id 
_reflns_shell.pdbx_CC_half 
_reflns_shell.pdbx_CC_star 
_reflns_shell.pdbx_R_split 
_reflns_shell.percent_possible_all 
_reflns_shell.Rmerge_I_all 
_reflns_shell.Rmerge_I_obs 
_reflns_shell.pdbx_Rsym_value 
_reflns_shell.pdbx_percent_possible_ellipsoidal 
_reflns_shell.pdbx_percent_possible_spherical 
_reflns_shell.pdbx_percent_possible_ellipsoidal_anomalous 
_reflns_shell.pdbx_percent_possible_spherical_anomalous 
_reflns_shell.pdbx_redundancy_anomalous 
_reflns_shell.pdbx_CC_half_anomalous 
_reflns_shell.pdbx_absDiff_over_sigma_anomalous 
_reflns_shell.pdbx_percent_possible_anomalous 
2.95 3.00  ? ? ? ? ? ? 329 ? ? ? ? ? ? ? ? ? ? ? 17.4 0.970 ? ? 1.462 0.345 ? 1  1 0.741 0.923 ? 99.4  ? 1.420 ? ? ? ? ? ? ? ? ? 
3.00 3.06  ? ? ? ? ? ? 328 ? ? ? ? ? ? ? ? ? ? ? 18.4 1.040 ? ? 1.207 0.278 ? 2  1 0.847 0.958 ? 99.7  ? 1.173 ? ? ? ? ? ? ? ? ? 
3.06 3.11  ? ? ? ? ? ? 327 ? ? ? ? ? ? ? ? ? ? ? 21.7 1.041 ? ? 1.117 0.237 ? 3  1 0.895 0.972 ? 99.7  ? 1.091 ? ? ? ? ? ? ? ? ? 
3.11 3.18  ? ? ? ? ? ? 333 ? ? ? ? ? ? ? ? ? ? ? 24.6 1.074 ? ? 1.075 0.213 ? 4  1 0.929 0.981 ? 100.0 ? 1.053 ? ? ? ? ? ? ? ? ? 
3.18 3.25  ? ? ? ? ? ? 318 ? ? ? ? ? ? ? ? ? ? ? 25.8 1.053 ? ? 0.846 0.165 ? 5  1 0.933 0.982 ? 100.0 ? 0.830 ? ? ? ? ? ? ? ? ? 
3.25 3.32  ? ? ? ? ? ? 336 ? ? ? ? ? ? ? ? ? ? ? 25.8 1.024 ? ? 0.752 0.146 ? 6  1 0.951 0.987 ? 100.0 ? 0.737 ? ? ? ? ? ? ? ? ? 
3.32 3.41  ? ? ? ? ? ? 341 ? ? ? ? ? ? ? ? ? ? ? 26.6 1.034 ? ? 0.714 0.137 ? 7  1 0.962 0.990 ? 100.0 ? 0.700 ? ? ? ? ? ? ? ? ? 
3.41 3.50  ? ? ? ? ? ? 323 ? ? ? ? ? ? ? ? ? ? ? 25.8 1.020 ? ? 0.538 0.104 ? 8  1 0.976 0.994 ? 100.0 ? 0.527 ? ? ? ? ? ? ? ? ? 
3.50 3.60  ? ? ? ? ? ? 326 ? ? ? ? ? ? ? ? ? ? ? 26.0 1.072 ? ? 0.430 0.084 ? 9  1 0.980 0.995 ? 100.0 ? 0.421 ? ? ? ? ? ? ? ? ? 
3.60 3.72  ? ? ? ? ? ? 348 ? ? ? ? ? ? ? ? ? ? ? 24.4 1.066 ? ? 0.336 0.067 ? 10 1 0.988 0.997 ? 100.0 ? 0.329 ? ? ? ? ? ? ? ? ? 
3.72 3.85  ? ? ? ? ? ? 333 ? ? ? ? ? ? ? ? ? ? ? 24.5 1.032 ? ? 0.277 0.055 ? 11 1 0.992 0.998 ? 100.0 ? 0.272 ? ? ? ? ? ? ? ? ? 
3.85 4.00  ? ? ? ? ? ? 331 ? ? ? ? ? ? ? ? ? ? ? 26.7 1.023 ? ? 0.239 0.046 ? 12 1 0.993 0.998 ? 100.0 ? 0.235 ? ? ? ? ? ? ? ? ? 
4.00 4.19  ? ? ? ? ? ? 341 ? ? ? ? ? ? ? ? ? ? ? 26.5 0.980 ? ? 0.192 0.037 ? 13 1 0.995 0.999 ? 100.0 ? 0.188 ? ? ? ? ? ? ? ? ? 
4.19 4.41  ? ? ? ? ? ? 336 ? ? ? ? ? ? ? ? ? ? ? 25.9 0.946 ? ? 0.172 0.034 ? 14 1 0.995 0.999 ? 100.0 ? 0.169 ? ? ? ? ? ? ? ? ? 
4.41 4.68  ? ? ? ? ? ? 341 ? ? ? ? ? ? ? ? ? ? ? 25.7 0.910 ? ? 0.147 0.029 ? 15 1 0.996 0.999 ? 100.0 ? 0.144 ? ? ? ? ? ? ? ? ? 
4.68 5.04  ? ? ? ? ? ? 342 ? ? ? ? ? ? ? ? ? ? ? 23.7 0.871 ? ? 0.138 0.027 ? 16 1 0.996 0.999 ? 100.0 ? 0.135 ? ? ? ? ? ? ? ? ? 
5.04 5.55  ? ? ? ? ? ? 342 ? ? ? ? ? ? ? ? ? ? ? 26.2 0.861 ? ? 0.137 0.026 ? 17 1 0.994 0.998 ? 100.0 ? 0.134 ? ? ? ? ? ? ? ? ? 
5.55 6.35  ? ? ? ? ? ? 358 ? ? ? ? ? ? ? ? ? ? ? 25.3 0.855 ? ? 0.136 0.027 ? 18 1 0.997 0.999 ? 100.0 ? 0.134 ? ? ? ? ? ? ? ? ? 
6.35 8.00  ? ? ? ? ? ? 357 ? ? ? ? ? ? ? ? ? ? ? 23.0 0.868 ? ? 0.127 0.026 ? 19 1 0.997 0.999 ? 100.0 ? 0.124 ? ? ? ? ? ? ? ? ? 
8.00 50.00 ? ? ? ? ? ? 403 ? ? ? ? ? ? ? ? ? ? ? 21.6 1.389 ? ? 0.166 0.035 ? 20 1 0.993 0.998 ? 99.8  ? 0.162 ? ? ? ? ? ? ? ? ? 
# 
_refine.aniso_B[1][1]                            ? 
_refine.aniso_B[1][2]                            ? 
_refine.aniso_B[1][3]                            ? 
_refine.aniso_B[2][2]                            ? 
_refine.aniso_B[2][3]                            ? 
_refine.aniso_B[3][3]                            ? 
_refine.B_iso_max                                ? 
_refine.B_iso_mean                               ? 
_refine.B_iso_min                                ? 
_refine.correlation_coeff_Fo_to_Fc               ? 
_refine.correlation_coeff_Fo_to_Fc_free          ? 
_refine.details                                  ? 
_refine.diff_density_max                         ? 
_refine.diff_density_max_esd                     ? 
_refine.diff_density_min                         ? 
_refine.diff_density_min_esd                     ? 
_refine.diff_density_rms                         ? 
_refine.diff_density_rms_esd                     ? 
_refine.entry_id                                 7Y4X 
_refine.pdbx_refine_id                           'X-RAY DIFFRACTION' 
_refine.ls_abs_structure_details                 ? 
_refine.ls_abs_structure_Flack                   ? 
_refine.ls_abs_structure_Flack_esd               ? 
_refine.ls_abs_structure_Rogers                  ? 
_refine.ls_abs_structure_Rogers_esd              ? 
_refine.ls_d_res_high                            2.952 
_refine.ls_d_res_low                             32.714 
_refine.ls_extinction_coef                       ? 
_refine.ls_extinction_coef_esd                   ? 
_refine.ls_extinction_expression                 ? 
_refine.ls_extinction_method                     ? 
_refine.ls_goodness_of_fit_all                   ? 
_refine.ls_goodness_of_fit_all_esd               ? 
_refine.ls_goodness_of_fit_obs                   ? 
_refine.ls_goodness_of_fit_obs_esd               ? 
_refine.ls_hydrogen_treatment                    ? 
_refine.ls_matrix_type                           ? 
_refine.ls_number_constraints                    ? 
_refine.ls_number_parameters                     ? 
_refine.ls_number_reflns_all                     ? 
_refine.ls_number_reflns_obs                     6660 
_refine.ls_number_reflns_R_free                  355 
_refine.ls_number_reflns_R_work                  ? 
_refine.ls_number_restraints                     ? 
_refine.ls_percent_reflns_obs                    98.49 
_refine.ls_percent_reflns_R_free                 5.33 
_refine.ls_R_factor_all                          ? 
_refine.ls_R_factor_obs                          0.2122 
_refine.ls_R_factor_R_free                       0.2457 
_refine.ls_R_factor_R_free_error                 ? 
_refine.ls_R_factor_R_free_error_details         ? 
_refine.ls_R_factor_R_work                       0.2103 
_refine.ls_R_Fsqd_factor_obs                     ? 
_refine.ls_R_I_factor_obs                        ? 
_refine.ls_redundancy_reflns_all                 ? 
_refine.ls_redundancy_reflns_obs                 ? 
_refine.ls_restrained_S_all                      ? 
_refine.ls_restrained_S_obs                      ? 
_refine.ls_shift_over_esd_max                    ? 
_refine.ls_shift_over_esd_mean                   ? 
_refine.ls_structure_factor_coef                 ? 
_refine.ls_weighting_details                     ? 
_refine.ls_weighting_scheme                      ? 
_refine.ls_wR_factor_all                         ? 
_refine.ls_wR_factor_obs                         ? 
_refine.ls_wR_factor_R_free                      ? 
_refine.ls_wR_factor_R_work                      ? 
_refine.occupancy_max                            ? 
_refine.occupancy_min                            ? 
_refine.solvent_model_details                    'FLAT BULK SOLVENT MODEL' 
_refine.solvent_model_param_bsol                 ? 
_refine.solvent_model_param_ksol                 ? 
_refine.pdbx_R_complete                          ? 
_refine.ls_R_factor_gt                           ? 
_refine.ls_goodness_of_fit_gt                    ? 
_refine.ls_goodness_of_fit_ref                   ? 
_refine.ls_shift_over_su_max                     ? 
_refine.ls_shift_over_su_max_lt                  ? 
_refine.ls_shift_over_su_mean                    ? 
_refine.ls_shift_over_su_mean_lt                 ? 
_refine.pdbx_ls_sigma_I                          ? 
_refine.pdbx_ls_sigma_F                          1.34 
_refine.pdbx_ls_sigma_Fsqd                       ? 
_refine.pdbx_data_cutoff_high_absF               ? 
_refine.pdbx_data_cutoff_high_rms_absF           ? 
_refine.pdbx_data_cutoff_low_absF                ? 
_refine.pdbx_isotropic_thermal_model             ? 
_refine.pdbx_ls_cross_valid_method               THROUGHOUT 
_refine.pdbx_method_to_determine_struct          'MOLECULAR REPLACEMENT' 
_refine.pdbx_starting_model                      6zr7 
_refine.pdbx_stereochemistry_target_values       ML 
_refine.pdbx_R_Free_selection_details            ? 
_refine.pdbx_stereochem_target_val_spec_case     ? 
_refine.pdbx_overall_ESU_R                       ? 
_refine.pdbx_overall_ESU_R_Free                  ? 
_refine.pdbx_solvent_vdw_probe_radii             1.11 
_refine.pdbx_solvent_ion_probe_radii             ? 
_refine.pdbx_solvent_shrinkage_radii             0.90 
_refine.pdbx_real_space_R                        ? 
_refine.pdbx_density_correlation                 ? 
_refine.pdbx_pd_number_of_powder_patterns        ? 
_refine.pdbx_pd_number_of_points                 ? 
_refine.pdbx_pd_meas_number_of_points            ? 
_refine.pdbx_pd_proc_ls_prof_R_factor            ? 
_refine.pdbx_pd_proc_ls_prof_wR_factor           ? 
_refine.pdbx_pd_Marquardt_correlation_coeff      ? 
_refine.pdbx_pd_Fsqrd_R_factor                   ? 
_refine.pdbx_pd_ls_matrix_band_width             ? 
_refine.pdbx_overall_phase_error                 24.62 
_refine.pdbx_overall_SU_R_free_Cruickshank_DPI   ? 
_refine.pdbx_overall_SU_R_free_Blow_DPI          ? 
_refine.pdbx_overall_SU_R_Blow_DPI               ? 
_refine.pdbx_TLS_residual_ADP_flag               ? 
_refine.pdbx_diffrn_id                           1 
_refine.overall_SU_B                             ? 
_refine.overall_SU_ML                            0.33 
_refine.overall_SU_R_Cruickshank_DPI             ? 
_refine.overall_SU_R_free                        ? 
_refine.overall_FOM_free_R_set                   ? 
_refine.overall_FOM_work_R_set                   ? 
_refine.pdbx_average_fsc_overall                 ? 
_refine.pdbx_average_fsc_work                    ? 
_refine.pdbx_average_fsc_free                    ? 
# 
_refine_hist.pdbx_refine_id                   'X-RAY DIFFRACTION' 
_refine_hist.cycle_id                         LAST 
_refine_hist.details                          ? 
_refine_hist.d_res_high                       2.952 
_refine_hist.d_res_low                        32.714 
_refine_hist.number_atoms_solvent             4 
_refine_hist.number_atoms_total               1540 
_refine_hist.number_reflns_all                ? 
_refine_hist.number_reflns_obs                ? 
_refine_hist.number_reflns_R_free             ? 
_refine_hist.number_reflns_R_work             ? 
_refine_hist.R_factor_all                     ? 
_refine_hist.R_factor_obs                     ? 
_refine_hist.R_factor_R_free                  ? 
_refine_hist.R_factor_R_work                  ? 
_refine_hist.pdbx_number_residues_total       ? 
_refine_hist.pdbx_B_iso_mean_ligand           ? 
_refine_hist.pdbx_B_iso_mean_solvent          ? 
_refine_hist.pdbx_number_atoms_protein        1508 
_refine_hist.pdbx_number_atoms_nucleic_acid   0 
_refine_hist.pdbx_number_atoms_ligand         28 
_refine_hist.pdbx_number_atoms_lipid          ? 
_refine_hist.pdbx_number_atoms_carb           ? 
_refine_hist.pdbx_pseudo_atom_details         ? 
# 
loop_
_refine_ls_restr.pdbx_refine_id 
_refine_ls_restr.criterion 
_refine_ls_restr.dev_ideal 
_refine_ls_restr.dev_ideal_target 
_refine_ls_restr.number 
_refine_ls_restr.rejects 
_refine_ls_restr.type 
_refine_ls_restr.weight 
_refine_ls_restr.pdbx_restraint_function 
'X-RAY DIFFRACTION' ? 0.003 ? 1572 ? f_bond_d           ? ? 
'X-RAY DIFFRACTION' ? 0.757 ? 2144 ? f_angle_d          ? ? 
'X-RAY DIFFRACTION' ? 3.146 ? 942  ? f_dihedral_angle_d ? ? 
'X-RAY DIFFRACTION' ? 0.068 ? 260  ? f_chiral_restr     ? ? 
'X-RAY DIFFRACTION' ? 0.005 ? 268  ? f_plane_restr      ? ? 
# 
loop_
_refine_ls_shell.pdbx_refine_id 
_refine_ls_shell.d_res_high 
_refine_ls_shell.d_res_low 
_refine_ls_shell.number_reflns_all 
_refine_ls_shell.number_reflns_obs 
_refine_ls_shell.number_reflns_R_free 
_refine_ls_shell.number_reflns_R_work 
_refine_ls_shell.percent_reflns_obs 
_refine_ls_shell.percent_reflns_R_free 
_refine_ls_shell.R_factor_all 
_refine_ls_shell.R_factor_obs 
_refine_ls_shell.R_factor_R_free_error 
_refine_ls_shell.R_factor_R_work 
_refine_ls_shell.redundancy_reflns_all 
_refine_ls_shell.redundancy_reflns_obs 
_refine_ls_shell.wR_factor_all 
_refine_ls_shell.wR_factor_obs 
_refine_ls_shell.wR_factor_R_free 
_refine_ls_shell.wR_factor_R_work 
_refine_ls_shell.pdbx_R_complete 
_refine_ls_shell.pdbx_total_number_of_bins_used 
_refine_ls_shell.pdbx_phase_error 
_refine_ls_shell.pdbx_fsc_work 
_refine_ls_shell.pdbx_fsc_free 
_refine_ls_shell.R_factor_R_free 
'X-RAY DIFFRACTION' 2.9524 3.3792 . . 109 1993 96.00  . . . . 0.2563 . . . . . . . . . . . 0.3115 
'X-RAY DIFFRACTION' 3.3792 4.2560 . . 116 2106 100.00 . . . . 0.2099 . . . . . . . . . . . 0.2329 
'X-RAY DIFFRACTION' 4.2560 32.714 . . 130 2206 100.00 . . . . 0.1946 . . . . . . . . . . . 0.2312 
# 
_struct.entry_id                     7Y4X 
_struct.title                        'Crystal structure of sDscam Ig1 domain, isoform alpha7' 
_struct.pdbx_model_details           ? 
_struct.pdbx_formula_weight          ? 
_struct.pdbx_formula_weight_method   ? 
_struct.pdbx_model_type_details      ? 
_struct.pdbx_CASP_flag               N 
# 
_struct_keywords.entry_id        7Y4X 
_struct_keywords.text            'cell surface receptor, CELL ADHESION' 
_struct_keywords.pdbx_keywords   'CELL ADHESION' 
# 
loop_
_struct_asym.id 
_struct_asym.pdbx_blank_PDB_chainid_flag 
_struct_asym.pdbx_modified 
_struct_asym.entity_id 
_struct_asym.details 
A N N 1 ? 
B N N 1 ? 
C N N 2 ? 
D N N 2 ? 
E N N 3 ? 
F N N 3 ? 
# 
_struct_ref.id                         1 
_struct_ref.db_name                    PDB 
_struct_ref.db_code                    7Y4X 
_struct_ref.pdbx_db_accession          7Y4X 
_struct_ref.pdbx_db_isoform            ? 
_struct_ref.entity_id                  1 
_struct_ref.pdbx_seq_one_letter_code   ? 
_struct_ref.pdbx_align_begin           1 
# 
loop_
_struct_ref_seq.align_id 
_struct_ref_seq.ref_id 
_struct_ref_seq.pdbx_PDB_id_code 
_struct_ref_seq.pdbx_strand_id 
_struct_ref_seq.seq_align_beg 
_struct_ref_seq.pdbx_seq_align_beg_ins_code 
_struct_ref_seq.seq_align_end 
_struct_ref_seq.pdbx_seq_align_end_ins_code 
_struct_ref_seq.pdbx_db_accession 
_struct_ref_seq.db_align_beg 
_struct_ref_seq.pdbx_db_align_beg_ins_code 
_struct_ref_seq.db_align_end 
_struct_ref_seq.pdbx_db_align_end_ins_code 
_struct_ref_seq.pdbx_auth_seq_align_beg 
_struct_ref_seq.pdbx_auth_seq_align_end 
1 1 7Y4X A 1 ? 98 ? 7Y4X 0 ? 97 ? 0 97 
2 1 7Y4X B 1 ? 98 ? 7Y4X 0 ? 97 ? 0 97 
# 
_pdbx_struct_assembly.id                   1 
_pdbx_struct_assembly.details              author_and_software_defined_assembly 
_pdbx_struct_assembly.method_details       PISA 
_pdbx_struct_assembly.oligomeric_details   dimeric 
_pdbx_struct_assembly.oligomeric_count     2 
# 
loop_
_pdbx_struct_assembly_prop.biol_id 
_pdbx_struct_assembly_prop.type 
_pdbx_struct_assembly_prop.value 
_pdbx_struct_assembly_prop.details 
1 'ABSA (A^2)' 2340 ? 
1 MORE         -0   ? 
1 'SSA (A^2)'  9980 ? 
# 
_pdbx_struct_assembly_gen.assembly_id       1 
_pdbx_struct_assembly_gen.oper_expression   1 
_pdbx_struct_assembly_gen.asym_id_list      A,B,C,D,E,F 
# 
_pdbx_struct_assembly_auth_evidence.id                     1 
_pdbx_struct_assembly_auth_evidence.assembly_id            1 
_pdbx_struct_assembly_auth_evidence.experimental_support   'gel filtration' 
_pdbx_struct_assembly_auth_evidence.details                ? 
# 
_pdbx_struct_oper_list.id                   1 
_pdbx_struct_oper_list.type                 'identity operation' 
_pdbx_struct_oper_list.name                 1_555 
_pdbx_struct_oper_list.symmetry_operation   x,y,z 
_pdbx_struct_oper_list.matrix[1][1]         1.0000000000 
_pdbx_struct_oper_list.matrix[1][2]         0.0000000000 
_pdbx_struct_oper_list.matrix[1][3]         0.0000000000 
_pdbx_struct_oper_list.vector[1]            0.0000000000 
_pdbx_struct_oper_list.matrix[2][1]         0.0000000000 
_pdbx_struct_oper_list.matrix[2][2]         1.0000000000 
_pdbx_struct_oper_list.matrix[2][3]         0.0000000000 
_pdbx_struct_oper_list.vector[2]            0.0000000000 
_pdbx_struct_oper_list.matrix[3][1]         0.0000000000 
_pdbx_struct_oper_list.matrix[3][2]         0.0000000000 
_pdbx_struct_oper_list.matrix[3][3]         1.0000000000 
_pdbx_struct_oper_list.vector[3]            0.0000000000 
# 
loop_
_struct_conf.conf_type_id 
_struct_conf.id 
_struct_conf.pdbx_PDB_helix_id 
_struct_conf.beg_label_comp_id 
_struct_conf.beg_label_asym_id 
_struct_conf.beg_label_seq_id 
_struct_conf.pdbx_beg_PDB_ins_code 
_struct_conf.end_label_comp_id 
_struct_conf.end_label_asym_id 
_struct_conf.end_label_seq_id 
_struct_conf.pdbx_end_PDB_ins_code 
_struct_conf.beg_auth_comp_id 
_struct_conf.beg_auth_asym_id 
_struct_conf.beg_auth_seq_id 
_struct_conf.end_auth_comp_id 
_struct_conf.end_auth_asym_id 
_struct_conf.end_auth_seq_id 
_struct_conf.pdbx_PDB_helix_class 
_struct_conf.details 
_struct_conf.pdbx_PDB_helix_length 
HELX_P HELX_P1 AA1 ASP A 46 ? PHE A 48 ? ASP A 45 PHE A 47 5 ? 3 
HELX_P HELX_P2 AA2 GLN A 69 ? ILE A 73 ? GLN A 68 ILE A 72 5 ? 5 
HELX_P HELX_P3 AA3 ASP B 46 ? PHE B 48 ? ASP B 45 PHE B 47 5 ? 3 
HELX_P HELX_P4 AA4 GLN B 69 ? ILE B 73 ? GLN B 68 ILE B 72 5 ? 5 
# 
_struct_conf_type.id          HELX_P 
_struct_conf_type.criteria    ? 
_struct_conf_type.reference   ? 
# 
loop_
_struct_conn.id 
_struct_conn.conn_type_id 
_struct_conn.pdbx_leaving_atom_flag 
_struct_conn.pdbx_PDB_id 
_struct_conn.ptnr1_label_asym_id 
_struct_conn.ptnr1_label_comp_id 
_struct_conn.ptnr1_label_seq_id 
_struct_conn.ptnr1_label_atom_id 
_struct_conn.pdbx_ptnr1_label_alt_id 
_struct_conn.pdbx_ptnr1_PDB_ins_code 
_struct_conn.pdbx_ptnr1_standard_comp_id 
_struct_conn.ptnr1_symmetry 
_struct_conn.ptnr2_label_asym_id 
_struct_conn.ptnr2_label_comp_id 
_struct_conn.ptnr2_label_seq_id 
_struct_conn.ptnr2_label_atom_id 
_struct_conn.pdbx_ptnr2_label_alt_id 
_struct_conn.pdbx_ptnr2_PDB_ins_code 
_struct_conn.ptnr1_auth_asym_id 
_struct_conn.ptnr1_auth_comp_id 
_struct_conn.ptnr1_auth_seq_id 
_struct_conn.ptnr2_auth_asym_id 
_struct_conn.ptnr2_auth_comp_id 
_struct_conn.ptnr2_auth_seq_id 
_struct_conn.ptnr2_symmetry 
_struct_conn.pdbx_ptnr3_label_atom_id 
_struct_conn.pdbx_ptnr3_label_seq_id 
_struct_conn.pdbx_ptnr3_label_comp_id 
_struct_conn.pdbx_ptnr3_label_asym_id 
_struct_conn.pdbx_ptnr3_label_alt_id 
_struct_conn.pdbx_ptnr3_PDB_ins_code 
_struct_conn.details 
_struct_conn.pdbx_dist_value 
_struct_conn.pdbx_value_order 
_struct_conn.pdbx_role 
disulf1 disulf ?   ? A CYS 25 SG  ? ? ? 1_555 A CYS 78 SG ? ? A CYS 24 A CYS 77  1_555 ? ? ? ? ? ? ? 2.027 ? ?               
disulf2 disulf ?   ? B CYS 25 SG  ? ? ? 1_555 B CYS 78 SG ? ? B CYS 24 B CYS 77  1_555 ? ? ? ? ? ? ? 2.027 ? ?               
covale1 covale one ? A ASN 75 ND2 ? ? ? 1_555 C NAG .  C1 ? ? A ASN 74 A NAG 100 1_555 ? ? ? ? ? ? ? 1.449 ? N-Glycosylation 
covale2 covale one ? B ASN 75 ND2 ? ? ? 1_555 D NAG .  C1 ? ? B ASN 74 B NAG 100 1_555 ? ? ? ? ? ? ? 1.452 ? N-Glycosylation 
# 
loop_
_struct_conn_type.id 
_struct_conn_type.criteria 
_struct_conn_type.reference 
disulf ? ? 
covale ? ? 
# 
loop_
_pdbx_modification_feature.ordinal 
_pdbx_modification_feature.label_comp_id 
_pdbx_modification_feature.label_asym_id 
_pdbx_modification_feature.label_seq_id 
_pdbx_modification_feature.label_alt_id 
_pdbx_modification_feature.modified_residue_label_comp_id 
_pdbx_modification_feature.modified_residue_label_asym_id 
_pdbx_modification_feature.modified_residue_label_seq_id 
_pdbx_modification_feature.modified_residue_label_alt_id 
_pdbx_modification_feature.auth_comp_id 
_pdbx_modification_feature.auth_asym_id 
_pdbx_modification_feature.auth_seq_id 
_pdbx_modification_feature.PDB_ins_code 
_pdbx_modification_feature.symmetry 
_pdbx_modification_feature.modified_residue_auth_comp_id 
_pdbx_modification_feature.modified_residue_auth_asym_id 
_pdbx_modification_feature.modified_residue_auth_seq_id 
_pdbx_modification_feature.modified_residue_PDB_ins_code 
_pdbx_modification_feature.modified_residue_symmetry 
_pdbx_modification_feature.comp_id_linking_atom 
_pdbx_modification_feature.modified_residue_id_linking_atom 
_pdbx_modification_feature.modified_residue_id 
_pdbx_modification_feature.ref_pcm_id 
_pdbx_modification_feature.ref_comp_id 
_pdbx_modification_feature.type 
_pdbx_modification_feature.category 
1 NAG C .  ? ASN A 75 ? NAG A 100 ? 1_555 ASN A 74 ? 1_555 C1 ND2 ASN 1 NAG N-Glycosylation Carbohydrate       
2 NAG D .  ? ASN B 75 ? NAG B 100 ? 1_555 ASN B 74 ? 1_555 C1 ND2 ASN 1 NAG N-Glycosylation Carbohydrate       
3 CYS A 25 ? CYS A 78 ? CYS A 24  ? 1_555 CYS A 77 ? 1_555 SG SG  .   . .   None            'Disulfide bridge' 
4 CYS B 25 ? CYS B 78 ? CYS B 24  ? 1_555 CYS B 77 ? 1_555 SG SG  .   . .   None            'Disulfide bridge' 
# 
loop_
_struct_mon_prot_cis.pdbx_id 
_struct_mon_prot_cis.label_comp_id 
_struct_mon_prot_cis.label_seq_id 
_struct_mon_prot_cis.label_asym_id 
_struct_mon_prot_cis.label_alt_id 
_struct_mon_prot_cis.pdbx_PDB_ins_code 
_struct_mon_prot_cis.auth_comp_id 
_struct_mon_prot_cis.auth_seq_id 
_struct_mon_prot_cis.auth_asym_id 
_struct_mon_prot_cis.pdbx_label_comp_id_2 
_struct_mon_prot_cis.pdbx_label_seq_id_2 
_struct_mon_prot_cis.pdbx_label_asym_id_2 
_struct_mon_prot_cis.pdbx_PDB_ins_code_2 
_struct_mon_prot_cis.pdbx_auth_comp_id_2 
_struct_mon_prot_cis.pdbx_auth_seq_id_2 
_struct_mon_prot_cis.pdbx_auth_asym_id_2 
_struct_mon_prot_cis.pdbx_PDB_model_num 
_struct_mon_prot_cis.pdbx_omega_angle 
1 PRO 32 A . ? PRO 31 A PRO 33 A ? PRO 32 A 1 0.38 
2 PRO 32 B . ? PRO 31 B PRO 33 B ? PRO 32 B 1 1.41 
# 
loop_
_struct_sheet.id 
_struct_sheet.type 
_struct_sheet.number_strands 
_struct_sheet.details 
AA1 ? 4 ? 
AA2 ? 4 ? 
AA3 ? 4 ? 
AA4 ? 4 ? 
# 
loop_
_struct_sheet_order.sheet_id 
_struct_sheet_order.range_id_1 
_struct_sheet_order.range_id_2 
_struct_sheet_order.offset 
_struct_sheet_order.sense 
AA1 1 2 ? anti-parallel 
AA1 2 3 ? anti-parallel 
AA1 3 4 ? anti-parallel 
AA2 1 2 ? anti-parallel 
AA2 2 3 ? anti-parallel 
AA2 3 4 ? anti-parallel 
AA3 1 2 ? anti-parallel 
AA3 2 3 ? anti-parallel 
AA3 3 4 ? anti-parallel 
AA4 1 2 ? anti-parallel 
AA4 2 3 ? anti-parallel 
AA4 3 4 ? anti-parallel 
# 
loop_
_struct_sheet_range.sheet_id 
_struct_sheet_range.id 
_struct_sheet_range.beg_label_comp_id 
_struct_sheet_range.beg_label_asym_id 
_struct_sheet_range.beg_label_seq_id 
_struct_sheet_range.pdbx_beg_PDB_ins_code 
_struct_sheet_range.end_label_comp_id 
_struct_sheet_range.end_label_asym_id 
_struct_sheet_range.end_label_seq_id 
_struct_sheet_range.pdbx_end_PDB_ins_code 
_struct_sheet_range.beg_auth_comp_id 
_struct_sheet_range.beg_auth_asym_id 
_struct_sheet_range.beg_auth_seq_id 
_struct_sheet_range.end_auth_comp_id 
_struct_sheet_range.end_auth_asym_id 
_struct_sheet_range.end_auth_seq_id 
AA1 1 GLN A 5  ? LYS A 7  ? GLN A 4  LYS A 6  
AA1 2 GLU A 21 ? ALA A 29 ? GLU A 20 ALA A 28 
AA1 3 TYR A 60 ? ILE A 65 ? TYR A 59 ILE A 64 
AA1 4 ILE A 52 ? LYS A 57 ? ILE A 51 LYS A 56 
AA2 1 ILE A 43 ? ASN A 44 ? ILE A 42 ASN A 43 
AA2 2 SER A 35 ? LYS A 40 ? SER A 34 LYS A 39 
AA2 3 GLY A 74 ? LYS A 81 ? GLY A 73 LYS A 80 
AA2 4 SER A 86 ? LEU A 93 ? SER A 85 LEU A 92 
AA3 1 GLN B 5  ? ILE B 6  ? GLN B 4  ILE B 5  
AA3 2 GLU B 21 ? ALA B 29 ? GLU B 20 ALA B 28 
AA3 3 TYR B 60 ? ILE B 65 ? TYR B 59 ILE B 64 
AA3 4 ILE B 51 ? LYS B 57 ? ILE B 50 LYS B 56 
AA4 1 ILE B 43 ? ASN B 44 ? ILE B 42 ASN B 43 
AA4 2 SER B 35 ? LYS B 40 ? SER B 34 LYS B 39 
AA4 3 GLY B 74 ? LYS B 81 ? GLY B 73 LYS B 80 
AA4 4 SER B 86 ? LEU B 93 ? SER B 85 LEU B 92 
# 
loop_
_pdbx_struct_sheet_hbond.sheet_id 
_pdbx_struct_sheet_hbond.range_id_1 
_pdbx_struct_sheet_hbond.range_id_2 
_pdbx_struct_sheet_hbond.range_1_label_atom_id 
_pdbx_struct_sheet_hbond.range_1_label_comp_id 
_pdbx_struct_sheet_hbond.range_1_label_asym_id 
_pdbx_struct_sheet_hbond.range_1_label_seq_id 
_pdbx_struct_sheet_hbond.range_1_PDB_ins_code 
_pdbx_struct_sheet_hbond.range_1_auth_atom_id 
_pdbx_struct_sheet_hbond.range_1_auth_comp_id 
_pdbx_struct_sheet_hbond.range_1_auth_asym_id 
_pdbx_struct_sheet_hbond.range_1_auth_seq_id 
_pdbx_struct_sheet_hbond.range_2_label_atom_id 
_pdbx_struct_sheet_hbond.range_2_label_comp_id 
_pdbx_struct_sheet_hbond.range_2_label_asym_id 
_pdbx_struct_sheet_hbond.range_2_label_seq_id 
_pdbx_struct_sheet_hbond.range_2_PDB_ins_code 
_pdbx_struct_sheet_hbond.range_2_auth_atom_id 
_pdbx_struct_sheet_hbond.range_2_auth_comp_id 
_pdbx_struct_sheet_hbond.range_2_auth_asym_id 
_pdbx_struct_sheet_hbond.range_2_auth_seq_id 
AA1 1 2 N LYS A 7  ? N LYS A 6  O LEU A 26 ? O LEU A 25 
AA1 2 3 N CYS A 25 ? N CYS A 24 O SER A 61 ? O SER A 60 
AA1 3 4 O VAL A 64 ? O VAL A 63 N ILE A 52 ? N ILE A 51 
AA2 1 2 O ILE A 43 ? O ILE A 42 N LYS A 40 ? N LYS A 39 
AA2 2 3 N THR A 39 ? N THR A 38 O THR A 77 ? O THR A 76 
AA2 3 4 N TYR A 76 ? N TYR A 75 O ALA A 91 ? O ALA A 90 
AA3 1 2 N GLN B 5  ? N GLN B 4  O ALA B 29 ? O ALA B 28 
AA3 2 3 N CYS B 25 ? N CYS B 24 O SER B 61 ? O SER B 60 
AA3 3 4 O VAL B 64 ? O VAL B 63 N ILE B 52 ? N ILE B 51 
AA4 1 2 O ILE B 43 ? O ILE B 42 N LYS B 40 ? N LYS B 39 
AA4 2 3 N THR B 39 ? N THR B 38 O THR B 77 ? O THR B 76 
AA4 3 4 N TYR B 76 ? N TYR B 75 O ALA B 91 ? O ALA B 90 
# 
_pdbx_entry_details.entry_id                   7Y4X 
_pdbx_entry_details.nonpolymer_details         ? 
_pdbx_entry_details.sequence_details           ? 
_pdbx_entry_details.compound_details           ? 
_pdbx_entry_details.source_details             ? 
_pdbx_entry_details.has_ligand_of_interest     Y 
_pdbx_entry_details.has_protein_modification   Y 
# 
loop_
_pdbx_unobs_or_zero_occ_residues.id 
_pdbx_unobs_or_zero_occ_residues.PDB_model_num 
_pdbx_unobs_or_zero_occ_residues.polymer_flag 
_pdbx_unobs_or_zero_occ_residues.occupancy_flag 
_pdbx_unobs_or_zero_occ_residues.auth_asym_id 
_pdbx_unobs_or_zero_occ_residues.auth_comp_id 
_pdbx_unobs_or_zero_occ_residues.auth_seq_id 
_pdbx_unobs_or_zero_occ_residues.PDB_ins_code 
_pdbx_unobs_or_zero_occ_residues.label_asym_id 
_pdbx_unobs_or_zero_occ_residues.label_comp_id 
_pdbx_unobs_or_zero_occ_residues.label_seq_id 
1 1 Y 1 A VAL 96 ? A VAL 97 
2 1 Y 1 A PRO 97 ? A PRO 98 
3 1 Y 1 B VAL 96 ? B VAL 97 
4 1 Y 1 B PRO 97 ? B PRO 98 
# 
loop_
_chem_comp_atom.comp_id 
_chem_comp_atom.atom_id 
_chem_comp_atom.type_symbol 
_chem_comp_atom.pdbx_aromatic_flag 
_chem_comp_atom.pdbx_stereo_config 
_chem_comp_atom.pdbx_ordinal 
ALA N    N N N 1   
ALA CA   C N S 2   
ALA C    C N N 3   
ALA O    O N N 4   
ALA CB   C N N 5   
ALA OXT  O N N 6   
ALA H    H N N 7   
ALA H2   H N N 8   
ALA HA   H N N 9   
ALA HB1  H N N 10  
ALA HB2  H N N 11  
ALA HB3  H N N 12  
ALA HXT  H N N 13  
ARG N    N N N 14  
ARG CA   C N S 15  
ARG C    C N N 16  
ARG O    O N N 17  
ARG CB   C N N 18  
ARG CG   C N N 19  
ARG CD   C N N 20  
ARG NE   N N N 21  
ARG CZ   C N N 22  
ARG NH1  N N N 23  
ARG NH2  N N N 24  
ARG OXT  O N N 25  
ARG H    H N N 26  
ARG H2   H N N 27  
ARG HA   H N N 28  
ARG HB2  H N N 29  
ARG HB3  H N N 30  
ARG HG2  H N N 31  
ARG HG3  H N N 32  
ARG HD2  H N N 33  
ARG HD3  H N N 34  
ARG HE   H N N 35  
ARG HH11 H N N 36  
ARG HH12 H N N 37  
ARG HH21 H N N 38  
ARG HH22 H N N 39  
ARG HXT  H N N 40  
ASN N    N N N 41  
ASN CA   C N S 42  
ASN C    C N N 43  
ASN O    O N N 44  
ASN CB   C N N 45  
ASN CG   C N N 46  
ASN OD1  O N N 47  
ASN ND2  N N N 48  
ASN OXT  O N N 49  
ASN H    H N N 50  
ASN H2   H N N 51  
ASN HA   H N N 52  
ASN HB2  H N N 53  
ASN HB3  H N N 54  
ASN HD21 H N N 55  
ASN HD22 H N N 56  
ASN HXT  H N N 57  
ASP N    N N N 58  
ASP CA   C N S 59  
ASP C    C N N 60  
ASP O    O N N 61  
ASP CB   C N N 62  
ASP CG   C N N 63  
ASP OD1  O N N 64  
ASP OD2  O N N 65  
ASP OXT  O N N 66  
ASP H    H N N 67  
ASP H2   H N N 68  
ASP HA   H N N 69  
ASP HB2  H N N 70  
ASP HB3  H N N 71  
ASP HD2  H N N 72  
ASP HXT  H N N 73  
CYS N    N N N 74  
CYS CA   C N R 75  
CYS C    C N N 76  
CYS O    O N N 77  
CYS CB   C N N 78  
CYS SG   S N N 79  
CYS OXT  O N N 80  
CYS H    H N N 81  
CYS H2   H N N 82  
CYS HA   H N N 83  
CYS HB2  H N N 84  
CYS HB3  H N N 85  
CYS HG   H N N 86  
CYS HXT  H N N 87  
GLN N    N N N 88  
GLN CA   C N S 89  
GLN C    C N N 90  
GLN O    O N N 91  
GLN CB   C N N 92  
GLN CG   C N N 93  
GLN CD   C N N 94  
GLN OE1  O N N 95  
GLN NE2  N N N 96  
GLN OXT  O N N 97  
GLN H    H N N 98  
GLN H2   H N N 99  
GLN HA   H N N 100 
GLN HB2  H N N 101 
GLN HB3  H N N 102 
GLN HG2  H N N 103 
GLN HG3  H N N 104 
GLN HE21 H N N 105 
GLN HE22 H N N 106 
GLN HXT  H N N 107 
GLU N    N N N 108 
GLU CA   C N S 109 
GLU C    C N N 110 
GLU O    O N N 111 
GLU CB   C N N 112 
GLU CG   C N N 113 
GLU CD   C N N 114 
GLU OE1  O N N 115 
GLU OE2  O N N 116 
GLU OXT  O N N 117 
GLU H    H N N 118 
GLU H2   H N N 119 
GLU HA   H N N 120 
GLU HB2  H N N 121 
GLU HB3  H N N 122 
GLU HG2  H N N 123 
GLU HG3  H N N 124 
GLU HE2  H N N 125 
GLU HXT  H N N 126 
GLY N    N N N 127 
GLY CA   C N N 128 
GLY C    C N N 129 
GLY O    O N N 130 
GLY OXT  O N N 131 
GLY H    H N N 132 
GLY H2   H N N 133 
GLY HA2  H N N 134 
GLY HA3  H N N 135 
GLY HXT  H N N 136 
HIS N    N N N 137 
HIS CA   C N S 138 
HIS C    C N N 139 
HIS O    O N N 140 
HIS CB   C N N 141 
HIS CG   C Y N 142 
HIS ND1  N Y N 143 
HIS CD2  C Y N 144 
HIS CE1  C Y N 145 
HIS NE2  N Y N 146 
HIS OXT  O N N 147 
HIS H    H N N 148 
HIS H2   H N N 149 
HIS HA   H N N 150 
HIS HB2  H N N 151 
HIS HB3  H N N 152 
HIS HD1  H N N 153 
HIS HD2  H N N 154 
HIS HE1  H N N 155 
HIS HE2  H N N 156 
HIS HXT  H N N 157 
HOH O    O N N 158 
HOH H1   H N N 159 
HOH H2   H N N 160 
ILE N    N N N 161 
ILE CA   C N S 162 
ILE C    C N N 163 
ILE O    O N N 164 
ILE CB   C N S 165 
ILE CG1  C N N 166 
ILE CG2  C N N 167 
ILE CD1  C N N 168 
ILE OXT  O N N 169 
ILE H    H N N 170 
ILE H2   H N N 171 
ILE HA   H N N 172 
ILE HB   H N N 173 
ILE HG12 H N N 174 
ILE HG13 H N N 175 
ILE HG21 H N N 176 
ILE HG22 H N N 177 
ILE HG23 H N N 178 
ILE HD11 H N N 179 
ILE HD12 H N N 180 
ILE HD13 H N N 181 
ILE HXT  H N N 182 
LEU N    N N N 183 
LEU CA   C N S 184 
LEU C    C N N 185 
LEU O    O N N 186 
LEU CB   C N N 187 
LEU CG   C N N 188 
LEU CD1  C N N 189 
LEU CD2  C N N 190 
LEU OXT  O N N 191 
LEU H    H N N 192 
LEU H2   H N N 193 
LEU HA   H N N 194 
LEU HB2  H N N 195 
LEU HB3  H N N 196 
LEU HG   H N N 197 
LEU HD11 H N N 198 
LEU HD12 H N N 199 
LEU HD13 H N N 200 
LEU HD21 H N N 201 
LEU HD22 H N N 202 
LEU HD23 H N N 203 
LEU HXT  H N N 204 
LYS N    N N N 205 
LYS CA   C N S 206 
LYS C    C N N 207 
LYS O    O N N 208 
LYS CB   C N N 209 
LYS CG   C N N 210 
LYS CD   C N N 211 
LYS CE   C N N 212 
LYS NZ   N N N 213 
LYS OXT  O N N 214 
LYS H    H N N 215 
LYS H2   H N N 216 
LYS HA   H N N 217 
LYS HB2  H N N 218 
LYS HB3  H N N 219 
LYS HG2  H N N 220 
LYS HG3  H N N 221 
LYS HD2  H N N 222 
LYS HD3  H N N 223 
LYS HE2  H N N 224 
LYS HE3  H N N 225 
LYS HZ1  H N N 226 
LYS HZ2  H N N 227 
LYS HZ3  H N N 228 
LYS HXT  H N N 229 
NAG C1   C N R 230 
NAG C2   C N R 231 
NAG C3   C N R 232 
NAG C4   C N S 233 
NAG C5   C N R 234 
NAG C6   C N N 235 
NAG C7   C N N 236 
NAG C8   C N N 237 
NAG N2   N N N 238 
NAG O1   O N N 239 
NAG O3   O N N 240 
NAG O4   O N N 241 
NAG O5   O N N 242 
NAG O6   O N N 243 
NAG O7   O N N 244 
NAG H1   H N N 245 
NAG H2   H N N 246 
NAG H3   H N N 247 
NAG H4   H N N 248 
NAG H5   H N N 249 
NAG H61  H N N 250 
NAG H62  H N N 251 
NAG H81  H N N 252 
NAG H82  H N N 253 
NAG H83  H N N 254 
NAG HN2  H N N 255 
NAG HO1  H N N 256 
NAG HO3  H N N 257 
NAG HO4  H N N 258 
NAG HO6  H N N 259 
PHE N    N N N 260 
PHE CA   C N S 261 
PHE C    C N N 262 
PHE O    O N N 263 
PHE CB   C N N 264 
PHE CG   C Y N 265 
PHE CD1  C Y N 266 
PHE CD2  C Y N 267 
PHE CE1  C Y N 268 
PHE CE2  C Y N 269 
PHE CZ   C Y N 270 
PHE OXT  O N N 271 
PHE H    H N N 272 
PHE H2   H N N 273 
PHE HA   H N N 274 
PHE HB2  H N N 275 
PHE HB3  H N N 276 
PHE HD1  H N N 277 
PHE HD2  H N N 278 
PHE HE1  H N N 279 
PHE HE2  H N N 280 
PHE HZ   H N N 281 
PHE HXT  H N N 282 
PRO N    N N N 283 
PRO CA   C N S 284 
PRO C    C N N 285 
PRO O    O N N 286 
PRO CB   C N N 287 
PRO CG   C N N 288 
PRO CD   C N N 289 
PRO OXT  O N N 290 
PRO H    H N N 291 
PRO HA   H N N 292 
PRO HB2  H N N 293 
PRO HB3  H N N 294 
PRO HG2  H N N 295 
PRO HG3  H N N 296 
PRO HD2  H N N 297 
PRO HD3  H N N 298 
PRO HXT  H N N 299 
SER N    N N N 300 
SER CA   C N S 301 
SER C    C N N 302 
SER O    O N N 303 
SER CB   C N N 304 
SER OG   O N N 305 
SER OXT  O N N 306 
SER H    H N N 307 
SER H2   H N N 308 
SER HA   H N N 309 
SER HB2  H N N 310 
SER HB3  H N N 311 
SER HG   H N N 312 
SER HXT  H N N 313 
THR N    N N N 314 
THR CA   C N S 315 
THR C    C N N 316 
THR O    O N N 317 
THR CB   C N R 318 
THR OG1  O N N 319 
THR CG2  C N N 320 
THR OXT  O N N 321 
THR H    H N N 322 
THR H2   H N N 323 
THR HA   H N N 324 
THR HB   H N N 325 
THR HG1  H N N 326 
THR HG21 H N N 327 
THR HG22 H N N 328 
THR HG23 H N N 329 
THR HXT  H N N 330 
TRP N    N N N 331 
TRP CA   C N S 332 
TRP C    C N N 333 
TRP O    O N N 334 
TRP CB   C N N 335 
TRP CG   C Y N 336 
TRP CD1  C Y N 337 
TRP CD2  C Y N 338 
TRP NE1  N Y N 339 
TRP CE2  C Y N 340 
TRP CE3  C Y N 341 
TRP CZ2  C Y N 342 
TRP CZ3  C Y N 343 
TRP CH2  C Y N 344 
TRP OXT  O N N 345 
TRP H    H N N 346 
TRP H2   H N N 347 
TRP HA   H N N 348 
TRP HB2  H N N 349 
TRP HB3  H N N 350 
TRP HD1  H N N 351 
TRP HE1  H N N 352 
TRP HE3  H N N 353 
TRP HZ2  H N N 354 
TRP HZ3  H N N 355 
TRP HH2  H N N 356 
TRP HXT  H N N 357 
TYR N    N N N 358 
TYR CA   C N S 359 
TYR C    C N N 360 
TYR O    O N N 361 
TYR CB   C N N 362 
TYR CG   C Y N 363 
TYR CD1  C Y N 364 
TYR CD2  C Y N 365 
TYR CE1  C Y N 366 
TYR CE2  C Y N 367 
TYR CZ   C Y N 368 
TYR OH   O N N 369 
TYR OXT  O N N 370 
TYR H    H N N 371 
TYR H2   H N N 372 
TYR HA   H N N 373 
TYR HB2  H N N 374 
TYR HB3  H N N 375 
TYR HD1  H N N 376 
TYR HD2  H N N 377 
TYR HE1  H N N 378 
TYR HE2  H N N 379 
TYR HH   H N N 380 
TYR HXT  H N N 381 
VAL N    N N N 382 
VAL CA   C N S 383 
VAL C    C N N 384 
VAL O    O N N 385 
VAL CB   C N N 386 
VAL CG1  C N N 387 
VAL CG2  C N N 388 
VAL OXT  O N N 389 
VAL H    H N N 390 
VAL H2   H N N 391 
VAL HA   H N N 392 
VAL HB   H N N 393 
VAL HG11 H N N 394 
VAL HG12 H N N 395 
VAL HG13 H N N 396 
VAL HG21 H N N 397 
VAL HG22 H N N 398 
VAL HG23 H N N 399 
VAL HXT  H N N 400 
# 
loop_
_chem_comp_bond.comp_id 
_chem_comp_bond.atom_id_1 
_chem_comp_bond.atom_id_2 
_chem_comp_bond.value_order 
_chem_comp_bond.pdbx_aromatic_flag 
_chem_comp_bond.pdbx_stereo_config 
_chem_comp_bond.pdbx_ordinal 
ALA N   CA   sing N N 1   
ALA N   H    sing N N 2   
ALA N   H2   sing N N 3   
ALA CA  C    sing N N 4   
ALA CA  CB   sing N N 5   
ALA CA  HA   sing N N 6   
ALA C   O    doub N N 7   
ALA C   OXT  sing N N 8   
ALA CB  HB1  sing N N 9   
ALA CB  HB2  sing N N 10  
ALA CB  HB3  sing N N 11  
ALA OXT HXT  sing N N 12  
ARG N   CA   sing N N 13  
ARG N   H    sing N N 14  
ARG N   H2   sing N N 15  
ARG CA  C    sing N N 16  
ARG CA  CB   sing N N 17  
ARG CA  HA   sing N N 18  
ARG C   O    doub N N 19  
ARG C   OXT  sing N N 20  
ARG CB  CG   sing N N 21  
ARG CB  HB2  sing N N 22  
ARG CB  HB3  sing N N 23  
ARG CG  CD   sing N N 24  
ARG CG  HG2  sing N N 25  
ARG CG  HG3  sing N N 26  
ARG CD  NE   sing N N 27  
ARG CD  HD2  sing N N 28  
ARG CD  HD3  sing N N 29  
ARG NE  CZ   sing N N 30  
ARG NE  HE   sing N N 31  
ARG CZ  NH1  sing N N 32  
ARG CZ  NH2  doub N N 33  
ARG NH1 HH11 sing N N 34  
ARG NH1 HH12 sing N N 35  
ARG NH2 HH21 sing N N 36  
ARG NH2 HH22 sing N N 37  
ARG OXT HXT  sing N N 38  
ASN N   CA   sing N N 39  
ASN N   H    sing N N 40  
ASN N   H2   sing N N 41  
ASN CA  C    sing N N 42  
ASN CA  CB   sing N N 43  
ASN CA  HA   sing N N 44  
ASN C   O    doub N N 45  
ASN C   OXT  sing N N 46  
ASN CB  CG   sing N N 47  
ASN CB  HB2  sing N N 48  
ASN CB  HB3  sing N N 49  
ASN CG  OD1  doub N N 50  
ASN CG  ND2  sing N N 51  
ASN ND2 HD21 sing N N 52  
ASN ND2 HD22 sing N N 53  
ASN OXT HXT  sing N N 54  
ASP N   CA   sing N N 55  
ASP N   H    sing N N 56  
ASP N   H2   sing N N 57  
ASP CA  C    sing N N 58  
ASP CA  CB   sing N N 59  
ASP CA  HA   sing N N 60  
ASP C   O    doub N N 61  
ASP C   OXT  sing N N 62  
ASP CB  CG   sing N N 63  
ASP CB  HB2  sing N N 64  
ASP CB  HB3  sing N N 65  
ASP CG  OD1  doub N N 66  
ASP CG  OD2  sing N N 67  
ASP OD2 HD2  sing N N 68  
ASP OXT HXT  sing N N 69  
CYS N   CA   sing N N 70  
CYS N   H    sing N N 71  
CYS N   H2   sing N N 72  
CYS CA  C    sing N N 73  
CYS CA  CB   sing N N 74  
CYS CA  HA   sing N N 75  
CYS C   O    doub N N 76  
CYS C   OXT  sing N N 77  
CYS CB  SG   sing N N 78  
CYS CB  HB2  sing N N 79  
CYS CB  HB3  sing N N 80  
CYS SG  HG   sing N N 81  
CYS OXT HXT  sing N N 82  
GLN N   CA   sing N N 83  
GLN N   H    sing N N 84  
GLN N   H2   sing N N 85  
GLN CA  C    sing N N 86  
GLN CA  CB   sing N N 87  
GLN CA  HA   sing N N 88  
GLN C   O    doub N N 89  
GLN C   OXT  sing N N 90  
GLN CB  CG   sing N N 91  
GLN CB  HB2  sing N N 92  
GLN CB  HB3  sing N N 93  
GLN CG  CD   sing N N 94  
GLN CG  HG2  sing N N 95  
GLN CG  HG3  sing N N 96  
GLN CD  OE1  doub N N 97  
GLN CD  NE2  sing N N 98  
GLN NE2 HE21 sing N N 99  
GLN NE2 HE22 sing N N 100 
GLN OXT HXT  sing N N 101 
GLU N   CA   sing N N 102 
GLU N   H    sing N N 103 
GLU N   H2   sing N N 104 
GLU CA  C    sing N N 105 
GLU CA  CB   sing N N 106 
GLU CA  HA   sing N N 107 
GLU C   O    doub N N 108 
GLU C   OXT  sing N N 109 
GLU CB  CG   sing N N 110 
GLU CB  HB2  sing N N 111 
GLU CB  HB3  sing N N 112 
GLU CG  CD   sing N N 113 
GLU CG  HG2  sing N N 114 
GLU CG  HG3  sing N N 115 
GLU CD  OE1  doub N N 116 
GLU CD  OE2  sing N N 117 
GLU OE2 HE2  sing N N 118 
GLU OXT HXT  sing N N 119 
GLY N   CA   sing N N 120 
GLY N   H    sing N N 121 
GLY N   H2   sing N N 122 
GLY CA  C    sing N N 123 
GLY CA  HA2  sing N N 124 
GLY CA  HA3  sing N N 125 
GLY C   O    doub N N 126 
GLY C   OXT  sing N N 127 
GLY OXT HXT  sing N N 128 
HIS N   CA   sing N N 129 
HIS N   H    sing N N 130 
HIS N   H2   sing N N 131 
HIS CA  C    sing N N 132 
HIS CA  CB   sing N N 133 
HIS CA  HA   sing N N 134 
HIS C   O    doub N N 135 
HIS C   OXT  sing N N 136 
HIS CB  CG   sing N N 137 
HIS CB  HB2  sing N N 138 
HIS CB  HB3  sing N N 139 
HIS CG  ND1  sing Y N 140 
HIS CG  CD2  doub Y N 141 
HIS ND1 CE1  doub Y N 142 
HIS ND1 HD1  sing N N 143 
HIS CD2 NE2  sing Y N 144 
HIS CD2 HD2  sing N N 145 
HIS CE1 NE2  sing Y N 146 
HIS CE1 HE1  sing N N 147 
HIS NE2 HE2  sing N N 148 
HIS OXT HXT  sing N N 149 
HOH O   H1   sing N N 150 
HOH O   H2   sing N N 151 
ILE N   CA   sing N N 152 
ILE N   H    sing N N 153 
ILE N   H2   sing N N 154 
ILE CA  C    sing N N 155 
ILE CA  CB   sing N N 156 
ILE CA  HA   sing N N 157 
ILE C   O    doub N N 158 
ILE C   OXT  sing N N 159 
ILE CB  CG1  sing N N 160 
ILE CB  CG2  sing N N 161 
ILE CB  HB   sing N N 162 
ILE CG1 CD1  sing N N 163 
ILE CG1 HG12 sing N N 164 
ILE CG1 HG13 sing N N 165 
ILE CG2 HG21 sing N N 166 
ILE CG2 HG22 sing N N 167 
ILE CG2 HG23 sing N N 168 
ILE CD1 HD11 sing N N 169 
ILE CD1 HD12 sing N N 170 
ILE CD1 HD13 sing N N 171 
ILE OXT HXT  sing N N 172 
LEU N   CA   sing N N 173 
LEU N   H    sing N N 174 
LEU N   H2   sing N N 175 
LEU CA  C    sing N N 176 
LEU CA  CB   sing N N 177 
LEU CA  HA   sing N N 178 
LEU C   O    doub N N 179 
LEU C   OXT  sing N N 180 
LEU CB  CG   sing N N 181 
LEU CB  HB2  sing N N 182 
LEU CB  HB3  sing N N 183 
LEU CG  CD1  sing N N 184 
LEU CG  CD2  sing N N 185 
LEU CG  HG   sing N N 186 
LEU CD1 HD11 sing N N 187 
LEU CD1 HD12 sing N N 188 
LEU CD1 HD13 sing N N 189 
LEU CD2 HD21 sing N N 190 
LEU CD2 HD22 sing N N 191 
LEU CD2 HD23 sing N N 192 
LEU OXT HXT  sing N N 193 
LYS N   CA   sing N N 194 
LYS N   H    sing N N 195 
LYS N   H2   sing N N 196 
LYS CA  C    sing N N 197 
LYS CA  CB   sing N N 198 
LYS CA  HA   sing N N 199 
LYS C   O    doub N N 200 
LYS C   OXT  sing N N 201 
LYS CB  CG   sing N N 202 
LYS CB  HB2  sing N N 203 
LYS CB  HB3  sing N N 204 
LYS CG  CD   sing N N 205 
LYS CG  HG2  sing N N 206 
LYS CG  HG3  sing N N 207 
LYS CD  CE   sing N N 208 
LYS CD  HD2  sing N N 209 
LYS CD  HD3  sing N N 210 
LYS CE  NZ   sing N N 211 
LYS CE  HE2  sing N N 212 
LYS CE  HE3  sing N N 213 
LYS NZ  HZ1  sing N N 214 
LYS NZ  HZ2  sing N N 215 
LYS NZ  HZ3  sing N N 216 
LYS OXT HXT  sing N N 217 
NAG C1  C2   sing N N 218 
NAG C1  O1   sing N N 219 
NAG C1  O5   sing N N 220 
NAG C1  H1   sing N N 221 
NAG C2  C3   sing N N 222 
NAG C2  N2   sing N N 223 
NAG C2  H2   sing N N 224 
NAG C3  C4   sing N N 225 
NAG C3  O3   sing N N 226 
NAG C3  H3   sing N N 227 
NAG C4  C5   sing N N 228 
NAG C4  O4   sing N N 229 
NAG C4  H4   sing N N 230 
NAG C5  C6   sing N N 231 
NAG C5  O5   sing N N 232 
NAG C5  H5   sing N N 233 
NAG C6  O6   sing N N 234 
NAG C6  H61  sing N N 235 
NAG C6  H62  sing N N 236 
NAG C7  C8   sing N N 237 
NAG C7  N2   sing N N 238 
NAG C7  O7   doub N N 239 
NAG C8  H81  sing N N 240 
NAG C8  H82  sing N N 241 
NAG C8  H83  sing N N 242 
NAG N2  HN2  sing N N 243 
NAG O1  HO1  sing N N 244 
NAG O3  HO3  sing N N 245 
NAG O4  HO4  sing N N 246 
NAG O6  HO6  sing N N 247 
PHE N   CA   sing N N 248 
PHE N   H    sing N N 249 
PHE N   H2   sing N N 250 
PHE CA  C    sing N N 251 
PHE CA  CB   sing N N 252 
PHE CA  HA   sing N N 253 
PHE C   O    doub N N 254 
PHE C   OXT  sing N N 255 
PHE CB  CG   sing N N 256 
PHE CB  HB2  sing N N 257 
PHE CB  HB3  sing N N 258 
PHE CG  CD1  doub Y N 259 
PHE CG  CD2  sing Y N 260 
PHE CD1 CE1  sing Y N 261 
PHE CD1 HD1  sing N N 262 
PHE CD2 CE2  doub Y N 263 
PHE CD2 HD2  sing N N 264 
PHE CE1 CZ   doub Y N 265 
PHE CE1 HE1  sing N N 266 
PHE CE2 CZ   sing Y N 267 
PHE CE2 HE2  sing N N 268 
PHE CZ  HZ   sing N N 269 
PHE OXT HXT  sing N N 270 
PRO N   CA   sing N N 271 
PRO N   CD   sing N N 272 
PRO N   H    sing N N 273 
PRO CA  C    sing N N 274 
PRO CA  CB   sing N N 275 
PRO CA  HA   sing N N 276 
PRO C   O    doub N N 277 
PRO C   OXT  sing N N 278 
PRO CB  CG   sing N N 279 
PRO CB  HB2  sing N N 280 
PRO CB  HB3  sing N N 281 
PRO CG  CD   sing N N 282 
PRO CG  HG2  sing N N 283 
PRO CG  HG3  sing N N 284 
PRO CD  HD2  sing N N 285 
PRO CD  HD3  sing N N 286 
PRO OXT HXT  sing N N 287 
SER N   CA   sing N N 288 
SER N   H    sing N N 289 
SER N   H2   sing N N 290 
SER CA  C    sing N N 291 
SER CA  CB   sing N N 292 
SER CA  HA   sing N N 293 
SER C   O    doub N N 294 
SER C   OXT  sing N N 295 
SER CB  OG   sing N N 296 
SER CB  HB2  sing N N 297 
SER CB  HB3  sing N N 298 
SER OG  HG   sing N N 299 
SER OXT HXT  sing N N 300 
THR N   CA   sing N N 301 
THR N   H    sing N N 302 
THR N   H2   sing N N 303 
THR CA  C    sing N N 304 
THR CA  CB   sing N N 305 
THR CA  HA   sing N N 306 
THR C   O    doub N N 307 
THR C   OXT  sing N N 308 
THR CB  OG1  sing N N 309 
THR CB  CG2  sing N N 310 
THR CB  HB   sing N N 311 
THR OG1 HG1  sing N N 312 
THR CG2 HG21 sing N N 313 
THR CG2 HG22 sing N N 314 
THR CG2 HG23 sing N N 315 
THR OXT HXT  sing N N 316 
TRP N   CA   sing N N 317 
TRP N   H    sing N N 318 
TRP N   H2   sing N N 319 
TRP CA  C    sing N N 320 
TRP CA  CB   sing N N 321 
TRP CA  HA   sing N N 322 
TRP C   O    doub N N 323 
TRP C   OXT  sing N N 324 
TRP CB  CG   sing N N 325 
TRP CB  HB2  sing N N 326 
TRP CB  HB3  sing N N 327 
TRP CG  CD1  doub Y N 328 
TRP CG  CD2  sing Y N 329 
TRP CD1 NE1  sing Y N 330 
TRP CD1 HD1  sing N N 331 
TRP CD2 CE2  doub Y N 332 
TRP CD2 CE3  sing Y N 333 
TRP NE1 CE2  sing Y N 334 
TRP NE1 HE1  sing N N 335 
TRP CE2 CZ2  sing Y N 336 
TRP CE3 CZ3  doub Y N 337 
TRP CE3 HE3  sing N N 338 
TRP CZ2 CH2  doub Y N 339 
TRP CZ2 HZ2  sing N N 340 
TRP CZ3 CH2  sing Y N 341 
TRP CZ3 HZ3  sing N N 342 
TRP CH2 HH2  sing N N 343 
TRP OXT HXT  sing N N 344 
TYR N   CA   sing N N 345 
TYR N   H    sing N N 346 
TYR N   H2   sing N N 347 
TYR CA  C    sing N N 348 
TYR CA  CB   sing N N 349 
TYR CA  HA   sing N N 350 
TYR C   O    doub N N 351 
TYR C   OXT  sing N N 352 
TYR CB  CG   sing N N 353 
TYR CB  HB2  sing N N 354 
TYR CB  HB3  sing N N 355 
TYR CG  CD1  doub Y N 356 
TYR CG  CD2  sing Y N 357 
TYR CD1 CE1  sing Y N 358 
TYR CD1 HD1  sing N N 359 
TYR CD2 CE2  doub Y N 360 
TYR CD2 HD2  sing N N 361 
TYR CE1 CZ   doub Y N 362 
TYR CE1 HE1  sing N N 363 
TYR CE2 CZ   sing Y N 364 
TYR CE2 HE2  sing N N 365 
TYR CZ  OH   sing N N 366 
TYR OH  HH   sing N N 367 
TYR OXT HXT  sing N N 368 
VAL N   CA   sing N N 369 
VAL N   H    sing N N 370 
VAL N   H2   sing N N 371 
VAL CA  C    sing N N 372 
VAL CA  CB   sing N N 373 
VAL CA  HA   sing N N 374 
VAL C   O    doub N N 375 
VAL C   OXT  sing N N 376 
VAL CB  CG1  sing N N 377 
VAL CB  CG2  sing N N 378 
VAL CB  HB   sing N N 379 
VAL CG1 HG11 sing N N 380 
VAL CG1 HG12 sing N N 381 
VAL CG1 HG13 sing N N 382 
VAL CG2 HG21 sing N N 383 
VAL CG2 HG22 sing N N 384 
VAL CG2 HG23 sing N N 385 
VAL OXT HXT  sing N N 386 
# 
_pdbx_audit_support.funding_organization   'National Natural Science Foundation of China (NSFC)' 
_pdbx_audit_support.country                China 
_pdbx_audit_support.grant_number           ? 
_pdbx_audit_support.ordinal                1 
# 
_pdbx_initial_refinement_model.id               1 
_pdbx_initial_refinement_model.entity_id_list   ? 
_pdbx_initial_refinement_model.type             'experimental model' 
_pdbx_initial_refinement_model.source_name      PDB 
_pdbx_initial_refinement_model.accession_code   6ZR7 
_pdbx_initial_refinement_model.details          ? 
# 
_atom_sites.entry_id                    7Y4X 
_atom_sites.Cartn_transf_matrix[1][1]   ? 
_atom_sites.Cartn_transf_matrix[1][2]   ? 
_atom_sites.Cartn_transf_matrix[1][3]   ? 
_atom_sites.Cartn_transf_matrix[2][1]   ? 
_atom_sites.Cartn_transf_matrix[2][2]   ? 
_atom_sites.Cartn_transf_matrix[2][3]   ? 
_atom_sites.Cartn_transf_matrix[3][1]   ? 
_atom_sites.Cartn_transf_matrix[3][2]   ? 
_atom_sites.Cartn_transf_matrix[3][3]   ? 
_atom_sites.Cartn_transf_vector[1]      ? 
_atom_sites.Cartn_transf_vector[2]      ? 
_atom_sites.Cartn_transf_vector[3]      ? 
_atom_sites.fract_transf_matrix[1][1]   0.00861459 
_atom_sites.fract_transf_matrix[1][2]   -0.00237812 
_atom_sites.fract_transf_matrix[1][3]   -0.00607656 
_atom_sites.fract_transf_matrix[2][1]   0.00613430 
_atom_sites.fract_transf_matrix[2][2]   -0.00048003 
_atom_sites.fract_transf_matrix[2][3]   0.00888432 
_atom_sites.fract_transf_matrix[3][1]   -0.00294594 
_atom_sites.fract_transf_matrix[3][2]   -0.01394378 
_atom_sites.fract_transf_matrix[3][3]   0.00128066 
_atom_sites.fract_transf_vector[1]      0.344516 
_atom_sites.fract_transf_vector[2]      -0.149998 
_atom_sites.fract_transf_vector[3]      0.055390 
_atom_sites.solution_primary            ? 
_atom_sites.solution_secondary          ? 
_atom_sites.solution_hydrogens          ? 
_atom_sites.special_details             ? 
# 
loop_
_atom_type.symbol 
C 
H 
N 
O 
S 
# 
loop_
_atom_site.group_PDB 
_atom_site.id 
_atom_site.type_symbol 
_atom_site.label_atom_id 
_atom_site.label_alt_id 
_atom_site.label_comp_id 
_atom_site.label_asym_id 
_atom_site.label_entity_id 
_atom_site.label_seq_id 
_atom_site.pdbx_PDB_ins_code 
_atom_site.Cartn_x 
_atom_site.Cartn_y 
_atom_site.Cartn_z 
_atom_site.occupancy 
_atom_site.B_iso_or_equiv 
_atom_site.pdbx_formal_charge 
_atom_site.auth_seq_id 
_atom_site.auth_comp_id 
_atom_site.auth_asym_id 
_atom_site.auth_atom_id 
_atom_site.pdbx_PDB_model_num 
ATOM   1    N N   . SER A 1 1  ? 2.364   6.619   24.518  1.00 64.60  ? 0   SER A N   1 
ATOM   2    C CA  . SER A 1 1  ? 1.109   6.364   25.213  1.00 57.17  ? 0   SER A CA  1 
ATOM   3    C C   . SER A 1 1  ? 0.045   5.838   24.255  1.00 72.72  ? 0   SER A C   1 
ATOM   4    O O   . SER A 1 1  ? -1.111  5.656   24.639  1.00 63.17  ? 0   SER A O   1 
ATOM   5    C CB  . SER A 1 1  ? 0.610   7.637   25.899  1.00 61.09  ? 0   SER A CB  1 
ATOM   6    O OG  . SER A 1 1  ? -0.351  8.299   25.092  1.00 67.11  ? 0   SER A OG  1 
ATOM   7    N N   . THR A 1 2  ? 0.428   5.621   22.998  1.00 57.03  ? 1   THR A N   1 
ATOM   8    C CA  . THR A 1 2  ? -0.483  5.111   21.979  1.00 63.33  ? 1   THR A CA  1 
ATOM   9    C C   . THR A 1 2  ? 0.101   3.836   21.387  1.00 55.71  ? 1   THR A C   1 
ATOM   10   O O   . THR A 1 2  ? 1.201   3.857   20.823  1.00 54.98  ? 1   THR A O   1 
ATOM   11   C CB  . THR A 1 2  ? -0.738  6.153   20.884  1.00 54.54  ? 1   THR A CB  1 
ATOM   12   O OG1 . THR A 1 2  ? -0.758  7.464   21.464  1.00 64.05  ? 1   THR A OG1 1 
ATOM   13   C CG2 . THR A 1 2  ? -2.070  5.885   20.198  1.00 50.10  ? 1   THR A CG2 1 
ATOM   14   N N   . VAL A 1 3  ? -0.645  2.742   21.506  1.00 57.91  ? 2   VAL A N   1 
ATOM   15   C CA  . VAL A 1 3  ? -0.231  1.412   21.061  1.00 51.71  ? 2   VAL A CA  1 
ATOM   16   C C   . VAL A 1 3  ? -0.380  1.327   19.546  1.00 53.23  ? 2   VAL A C   1 
ATOM   17   O O   . VAL A 1 3  ? -1.275  1.971   18.979  1.00 55.06  ? 2   VAL A O   1 
ATOM   18   C CB  . VAL A 1 3  ? -1.048  0.330   21.793  1.00 50.88  ? 2   VAL A CB  1 
ATOM   19   C CG1 . VAL A 1 3  ? -1.180  -0.956  20.978  1.00 65.81  ? 2   VAL A CG1 1 
ATOM   20   C CG2 . VAL A 1 3  ? -0.443  0.044   23.161  1.00 47.39  ? 2   VAL A CG2 1 
ATOM   21   N N   . PRO A 1 4  ? 0.482   0.580   18.849  1.00 48.08  ? 3   PRO A N   1 
ATOM   22   C CA  . PRO A 1 4  ? 0.361   0.481   17.390  1.00 45.00  ? 3   PRO A CA  1 
ATOM   23   C C   . PRO A 1 4  ? -0.987  -0.073  16.954  1.00 45.99  ? 3   PRO A C   1 
ATOM   24   O O   . PRO A 1 4  ? -1.658  -0.802  17.690  1.00 46.25  ? 3   PRO A O   1 
ATOM   25   C CB  . PRO A 1 4  ? 1.498   -0.473  17.004  1.00 42.88  ? 3   PRO A CB  1 
ATOM   26   C CG  . PRO A 1 4  ? 2.485   -0.360  18.108  1.00 46.91  ? 3   PRO A CG  1 
ATOM   27   C CD  . PRO A 1 4  ? 1.689   -0.101  19.353  1.00 47.78  ? 3   PRO A CD  1 
ATOM   28   N N   . GLN A 1 5  ? -1.376  0.282   15.730  1.00 39.98  ? 4   GLN A N   1 
ATOM   29   C CA  . GLN A 1 5  ? -2.593  -0.229  15.112  1.00 50.20  ? 4   GLN A CA  1 
ATOM   30   C C   . GLN A 1 5  ? -2.370  -0.301  13.610  1.00 49.69  ? 4   GLN A C   1 
ATOM   31   O O   . GLN A 1 5  ? -1.967  0.691   12.996  1.00 54.68  ? 4   GLN A O   1 
ATOM   32   C CB  . GLN A 1 5  ? -3.804  0.654   15.436  1.00 52.82  ? 4   GLN A CB  1 
ATOM   33   C CG  . GLN A 1 5  ? -5.141  -0.012  15.141  1.00 71.22  ? 4   GLN A CG  1 
ATOM   34   C CD  . GLN A 1 5  ? -6.239  0.981   14.813  1.00 85.23  ? 4   GLN A CD  1 
ATOM   35   O OE1 . GLN A 1 5  ? -6.544  1.873   15.606  1.00 75.63  ? 4   GLN A OE1 1 
ATOM   36   N NE2 . GLN A 1 5  ? -6.846  0.826   13.641  1.00 61.96  ? 4   GLN A NE2 1 
ATOM   37   N N   . ILE A 1 6  ? -2.628  -1.468  13.029  1.00 40.14  ? 5   ILE A N   1 
ATOM   38   C CA  . ILE A 1 6  ? -2.332  -1.724  11.624  1.00 43.06  ? 5   ILE A CA  1 
ATOM   39   C C   . ILE A 1 6  ? -3.575  -1.460  10.786  1.00 46.47  ? 5   ILE A C   1 
ATOM   40   O O   . ILE A 1 6  ? -4.678  -1.897  11.135  1.00 64.14  ? 5   ILE A O   1 
ATOM   41   C CB  . ILE A 1 6  ? -1.833  -3.164  11.420  1.00 36.26  ? 5   ILE A CB  1 
ATOM   42   C CG1 . ILE A 1 6  ? -0.541  -3.396  12.198  1.00 35.45  ? 5   ILE A CG1 1 
ATOM   43   C CG2 . ILE A 1 6  ? -1.625  -3.464  9.942   1.00 28.73  ? 5   ILE A CG2 1 
ATOM   44   C CD1 . ILE A 1 6  ? -0.096  -4.835  12.200  1.00 36.14  ? 5   ILE A CD1 1 
ATOM   45   N N   . LYS A 1 7  ? -3.397  -0.746  9.681   1.00 42.73  ? 6   LYS A N   1 
ATOM   46   C CA  . LYS A 1 7  ? -4.465  -0.622  8.701   1.00 39.48  ? 6   LYS A CA  1 
ATOM   47   C C   . LYS A 1 7  ? -4.501  -1.877  7.835   1.00 51.26  ? 6   LYS A C   1 
ATOM   48   O O   . LYS A 1 7  ? -3.456  -2.299  7.325   1.00 54.46  ? 6   LYS A O   1 
ATOM   49   C CB  . LYS A 1 7  ? -4.264  0.615   7.833   1.00 38.99  ? 6   LYS A CB  1 
ATOM   50   C CG  . LYS A 1 7  ? -5.271  0.747   6.705   1.00 46.49  ? 6   LYS A CG  1 
ATOM   51   C CD  . LYS A 1 7  ? -4.881  1.864   5.756   1.00 44.24  ? 6   LYS A CD  1 
ATOM   52   C CE  . LYS A 1 7  ? -5.643  1.762   4.447   1.00 42.77  ? 6   LYS A CE  1 
ATOM   53   N NZ  . LYS A 1 7  ? -5.042  2.631   3.397   1.00 35.89  ? 6   LYS A NZ  1 
ATOM   54   N N   . PRO A 1 8  ? -5.665  -2.503  7.662   1.00 49.07  ? 7   PRO A N   1 
ATOM   55   C CA  . PRO A 1 8  ? -5.727  -3.775  6.932   1.00 48.28  ? 7   PRO A CA  1 
ATOM   56   C C   . PRO A 1 8  ? -5.166  -3.666  5.519   1.00 41.35  ? 7   PRO A C   1 
ATOM   57   O O   . PRO A 1 8  ? -5.267  -2.626  4.863   1.00 41.97  ? 7   PRO A O   1 
ATOM   58   C CB  . PRO A 1 8  ? -7.225  -4.096  6.914   1.00 37.30  ? 7   PRO A CB  1 
ATOM   59   C CG  . PRO A 1 8  ? -7.763  -3.417  8.126   1.00 42.79  ? 7   PRO A CG  1 
ATOM   60   C CD  . PRO A 1 8  ? -6.946  -2.166  8.307   1.00 51.19  ? 7   PRO A CD  1 
ATOM   61   N N   . PHE A 1 9  ? -4.561  -4.762  5.062   1.00 35.12  ? 8   PHE A N   1 
ATOM   62   C CA  . PHE A 1 9  ? -4.040  -4.877  3.707   1.00 42.38  ? 8   PHE A CA  1 
ATOM   63   C C   . PHE A 1 9  ? -4.498  -6.201  3.109   1.00 44.68  ? 8   PHE A C   1 
ATOM   64   O O   . PHE A 1 9  ? -4.783  -7.164  3.825   1.00 54.45  ? 8   PHE A O   1 
ATOM   65   C CB  . PHE A 1 9  ? -2.507  -4.778  3.674   1.00 46.99  ? 8   PHE A CB  1 
ATOM   66   C CG  . PHE A 1 9  ? -1.815  -5.664  4.674   1.00 32.41  ? 8   PHE A CG  1 
ATOM   67   C CD1 . PHE A 1 9  ? -1.532  -6.986  4.370   1.00 35.94  ? 8   PHE A CD1 1 
ATOM   68   C CD2 . PHE A 1 9  ? -1.438  -5.172  5.912   1.00 40.87  ? 8   PHE A CD2 1 
ATOM   69   C CE1 . PHE A 1 9  ? -0.893  -7.802  5.285   1.00 29.78  ? 8   PHE A CE1 1 
ATOM   70   C CE2 . PHE A 1 9  ? -0.798  -5.982  6.833   1.00 32.77  ? 8   PHE A CE2 1 
ATOM   71   C CZ  . PHE A 1 9  ? -0.525  -7.299  6.518   1.00 41.00  ? 8   PHE A CZ  1 
ATOM   72   N N   . TYR A 1 10 ? -4.570  -6.242  1.780   1.00 38.22  ? 9   TYR A N   1 
ATOM   73   C CA  . TYR A 1 10 ? -5.064  -7.419  1.082   1.00 45.89  ? 9   TYR A CA  1 
ATOM   74   C C   . TYR A 1 10 ? -4.267  -7.648  -0.192  1.00 43.22  ? 9   TYR A C   1 
ATOM   75   O O   . TYR A 1 10 ? -3.781  -6.704  -0.818  1.00 35.60  ? 9   TYR A O   1 
ATOM   76   C CB  . TYR A 1 10 ? -6.551  -7.292  0.716   1.00 54.40  ? 9   TYR A CB  1 
ATOM   77   C CG  . TYR A 1 10 ? -7.400  -6.557  1.729   1.00 82.40  ? 9   TYR A CG  1 
ATOM   78   C CD1 . TYR A 1 10 ? -7.584  -5.184  1.645   1.00 81.92  ? 9   TYR A CD1 1 
ATOM   79   C CD2 . TYR A 1 10 ? -8.025  -7.240  2.764   1.00 91.81  ? 9   TYR A CD2 1 
ATOM   80   C CE1 . TYR A 1 10 ? -8.363  -4.508  2.569   1.00 72.69  ? 9   TYR A CE1 1 
ATOM   81   C CE2 . TYR A 1 10 ? -8.807  -6.575  3.693   1.00 75.68  ? 9   TYR A CE2 1 
ATOM   82   C CZ  . TYR A 1 10 ? -8.973  -5.209  3.590   1.00 74.61  ? 9   TYR A CZ  1 
ATOM   83   O OH  . TYR A 1 10 ? -9.749  -4.540  4.511   1.00 72.38  ? 9   TYR A OH  1 
ATOM   84   N N   . PHE A 1 11 ? -4.141  -8.919  -0.563  1.00 49.17  ? 10  PHE A N   1 
ATOM   85   C CA  . PHE A 1 11 ? -3.668  -9.281  -1.887  1.00 43.74  ? 10  PHE A CA  1 
ATOM   86   C C   . PHE A 1 11 ? -4.829  -9.265  -2.874  1.00 48.72  ? 10  PHE A C   1 
ATOM   87   O O   . PHE A 1 11 ? -6.004  -9.250  -2.495  1.00 46.82  ? 10  PHE A O   1 
ATOM   88   C CB  . PHE A 1 11 ? -3.019  -10.663 -1.885  1.00 49.07  ? 10  PHE A CB  1 
ATOM   89   C CG  . PHE A 1 11 ? -1.782  -10.755 -1.044  1.00 49.05  ? 10  PHE A CG  1 
ATOM   90   C CD1 . PHE A 1 11 ? -0.562  -10.317 -1.531  1.00 46.18  ? 10  PHE A CD1 1 
ATOM   91   C CD2 . PHE A 1 11 ? -1.835  -11.300 0.226   1.00 48.44  ? 10  PHE A CD2 1 
ATOM   92   C CE1 . PHE A 1 11 ? 0.579   -10.410 -0.762  1.00 39.13  ? 10  PHE A CE1 1 
ATOM   93   C CE2 . PHE A 1 11 ? -0.698  -11.397 0.999   1.00 45.71  ? 10  PHE A CE2 1 
ATOM   94   C CZ  . PHE A 1 11 ? 0.511   -10.953 0.504   1.00 53.99  ? 10  PHE A CZ  1 
ATOM   95   N N   . SER A 1 12 ? -4.486  -9.278  -4.159  1.00 57.66  ? 11  SER A N   1 
ATOM   96   C CA  . SER A 1 12 ? -5.508  -9.210  -5.194  1.00 52.52  ? 11  SER A CA  1 
ATOM   97   C C   . SER A 1 12 ? -6.384  -10.454 -5.178  1.00 57.57  ? 11  SER A C   1 
ATOM   98   O O   . SER A 1 12 ? -5.910  -11.566 -4.925  1.00 59.13  ? 11  SER A O   1 
ATOM   99   C CB  . SER A 1 12 ? -4.874  -9.048  -6.575  1.00 49.72  ? 11  SER A CB  1 
ATOM   100  O OG  . SER A 1 12 ? -5.879  -8.870  -7.563  1.00 61.32  ? 11  SER A OG  1 
ATOM   101  N N   . THR A 1 13 ? -7.672  -10.261 -5.473  1.00 61.06  ? 12  THR A N   1 
ATOM   102  C CA  . THR A 1 13 ? -8.587  -11.387 -5.590  1.00 66.05  ? 12  THR A CA  1 
ATOM   103  C C   . THR A 1 13 ? -8.403  -12.127 -6.909  1.00 67.31  ? 12  THR A C   1 
ATOM   104  O O   . THR A 1 13 ? -8.666  -13.330 -6.972  1.00 58.84  ? 12  THR A O   1 
ATOM   105  C CB  . THR A 1 13 ? -10.036 -10.907 -5.448  1.00 67.70  ? 12  THR A CB  1 
ATOM   106  O OG1 . THR A 1 13 ? -10.457 -10.313 -6.678  1.00 77.70  ? 12  THR A OG1 1 
ATOM   107  C CG2 . THR A 1 13 ? -10.126 -9.892  -4.320  1.00 48.02  ? 12  THR A CG2 1 
ATOM   108  N N   . THR A 1 14 ? -7.913  -11.444 -7.945  1.00 58.74  ? 13  THR A N   1 
ATOM   109  C CA  . THR A 1 14 ? -7.758  -12.005 -9.283  1.00 53.94  ? 13  THR A CA  1 
ATOM   110  C C   . THR A 1 14 ? -6.296  -12.235 -9.642  1.00 57.10  ? 13  THR A C   1 
ATOM   111  O O   . THR A 1 14 ? -5.896  -12.066 -10.796 1.00 62.53  ? 13  THR A O   1 
ATOM   112  C CB  . THR A 1 14 ? -8.413  -11.095 -10.321 1.00 69.93  ? 13  THR A CB  1 
ATOM   113  O OG1 . THR A 1 14 ? -7.638  -9.891  -10.463 1.00 53.20  ? 13  THR A OG1 1 
ATOM   114  C CG2 . THR A 1 14 ? -9.824  -10.739 -9.887  1.00 51.37  ? 13  THR A CG2 1 
ATOM   115  N N   . LEU A 1 15 ? -5.489  -12.597 -8.650  1.00 55.91  ? 14  LEU A N   1 
ATOM   116  C CA  . LEU A 1 15 ? -4.065  -12.803 -8.866  1.00 57.53  ? 14  LEU A CA  1 
ATOM   117  C C   . LEU A 1 15 ? -3.818  -13.908 -9.883  1.00 59.91  ? 14  LEU A C   1 
ATOM   118  O O   . LEU A 1 15 ? -4.428  -14.979 -9.827  1.00 79.71  ? 14  LEU A O   1 
ATOM   119  C CB  . LEU A 1 15 ? -3.396  -13.155 -7.541  1.00 74.30  ? 14  LEU A CB  1 
ATOM   120  C CG  . LEU A 1 15 ? -1.956  -12.700 -7.343  1.00 69.20  ? 14  LEU A CG  1 
ATOM   121  C CD1 . LEU A 1 15 ? -1.811  -11.226 -7.702  1.00 51.83  ? 14  LEU A CD1 1 
ATOM   122  C CD2 . LEU A 1 15 ? -1.560  -12.955 -5.894  1.00 68.27  ? 14  LEU A CD2 1 
ATOM   123  N N   . GLN A 1 16 ? -2.908  -13.643 -10.816 1.00 69.07  ? 15  GLN A N   1 
ATOM   124  C CA  . GLN A 1 16 ? -2.456  -14.647 -11.765 1.00 63.24  ? 15  GLN A CA  1 
ATOM   125  C C   . GLN A 1 16 ? -0.940  -14.615 -11.864 1.00 59.56  ? 15  GLN A C   1 
ATOM   126  O O   . GLN A 1 16 ? -0.299  -13.595 -11.592 1.00 72.75  ? 15  GLN A O   1 
ATOM   127  C CB  . GLN A 1 16 ? -3.080  -14.454 -13.155 1.00 68.16  ? 15  GLN A CB  1 
ATOM   128  C CG  . GLN A 1 16 ? -4.458  -13.813 -13.160 1.00 86.92  ? 15  GLN A CG  1 
ATOM   129  C CD  . GLN A 1 16 ? -4.882  -13.385 -14.550 1.00 87.95  ? 15  GLN A CD  1 
ATOM   130  O OE1 . GLN A 1 16 ? -4.234  -13.730 -15.537 1.00 82.03  ? 15  GLN A OE1 1 
ATOM   131  N NE2 . GLN A 1 16 ? -5.970  -12.628 -14.635 1.00 110.89 ? 15  GLN A NE2 1 
ATOM   132  N N   . GLU A 1 17 ? -0.379  -15.755 -12.269 1.00 62.00  ? 16  GLU A N   1 
ATOM   133  C CA  . GLU A 1 17 ? 1.063   -15.961 -12.269 1.00 58.53  ? 16  GLU A CA  1 
ATOM   134  C C   . GLU A 1 17 ? 1.773   -14.873 -13.066 1.00 67.90  ? 16  GLU A C   1 
ATOM   135  O O   . GLU A 1 17 ? 1.240   -14.337 -14.042 1.00 79.02  ? 16  GLU A O   1 
ATOM   136  C CB  . GLU A 1 17 ? 1.378   -17.341 -12.849 1.00 66.33  ? 16  GLU A CB  1 
ATOM   137  C CG  . GLU A 1 17 ? 2.666   -17.968 -12.359 1.00 79.02  ? 16  GLU A CG  1 
ATOM   138  C CD  . GLU A 1 17 ? 2.740   -19.444 -12.692 1.00 78.68  ? 16  GLU A CD  1 
ATOM   139  O OE1 . GLU A 1 17 ? 1.821   -20.188 -12.287 1.00 72.26  ? 16  GLU A OE1 1 
ATOM   140  O OE2 . GLU A 1 17 ? 3.705   -19.860 -13.366 1.00 87.21  ? 16  GLU A OE2 1 
ATOM   141  N N   . LYS A 1 18 ? 2.988   -14.543 -12.625 1.00 61.23  ? 17  LYS A N   1 
ATOM   142  C CA  . LYS A 1 18 ? 3.890   -13.558 -13.222 1.00 65.69  ? 17  LYS A CA  1 
ATOM   143  C C   . LYS A 1 18 ? 3.391   -12.124 -13.097 1.00 67.50  ? 17  LYS A C   1 
ATOM   144  O O   . LYS A 1 18 ? 4.001   -11.213 -13.673 1.00 74.51  ? 17  LYS A O   1 
ATOM   145  C CB  . LYS A 1 18 ? 4.190   -13.874 -14.693 1.00 63.41  ? 17  LYS A CB  1 
ATOM   146  C CG  . LYS A 1 18 ? 4.560   -15.333 -14.942 1.00 69.64  ? 17  LYS A CG  1 
ATOM   147  C CD  . LYS A 1 18 ? 5.588   -15.480 -16.059 1.00 97.07  ? 17  LYS A CD  1 
ATOM   148  C CE  . LYS A 1 18 ? 5.328   -14.518 -17.205 1.00 107.87 ? 17  LYS A CE  1 
ATOM   149  N NZ  . LYS A 1 18 ? 6.515   -14.374 -18.094 1.00 83.01  ? 17  LYS A NZ  1 
ATOM   150  N N   . GLN A 1 19 ? 2.310   -11.887 -12.356 1.00 51.08  ? 18  GLN A N   1 
ATOM   151  C CA  . GLN A 1 19 ? 1.896   -10.528 -12.053 1.00 44.41  ? 18  GLN A CA  1 
ATOM   152  C C   . GLN A 1 19 ? 2.678   -9.989  -10.855 1.00 60.11  ? 18  GLN A C   1 
ATOM   153  O O   . GLN A 1 19 ? 3.323   -10.731 -10.110 1.00 54.17  ? 18  GLN A O   1 
ATOM   154  C CB  . GLN A 1 19 ? 0.393   -10.467 -11.778 1.00 59.37  ? 18  GLN A CB  1 
ATOM   155  C CG  . GLN A 1 19 ? -0.488  -10.504 -13.019 1.00 59.49  ? 18  GLN A CG  1 
ATOM   156  C CD  . GLN A 1 19 ? -1.968  -10.454 -12.679 1.00 63.98  ? 18  GLN A CD  1 
ATOM   157  O OE1 . GLN A 1 19 ? -2.349  -10.549 -11.513 1.00 59.84  ? 18  GLN A OE1 1 
ATOM   158  N NE2 . GLN A 1 19 ? -2.807  -10.301 -13.698 1.00 69.67  ? 18  GLN A NE2 1 
ATOM   159  N N   . ARG A 1 20 ? 2.611   -8.675  -10.675 1.00 55.43  ? 19  ARG A N   1 
ATOM   160  C CA  . ARG A 1 20 ? 3.292   -8.000  -9.580  1.00 40.24  ? 19  ARG A CA  1 
ATOM   161  C C   . ARG A 1 20 ? 2.321   -7.742  -8.436  1.00 43.98  ? 19  ARG A C   1 
ATOM   162  O O   . ARG A 1 20 ? 1.114   -7.593  -8.642  1.00 54.98  ? 19  ARG A O   1 
ATOM   163  C CB  . ARG A 1 20 ? 3.908   -6.682  -10.051 1.00 33.42  ? 19  ARG A CB  1 
ATOM   164  C CG  . ARG A 1 20 ? 4.836   -6.828  -11.241 1.00 40.05  ? 19  ARG A CG  1 
ATOM   165  C CD  . ARG A 1 20 ? 5.212   -5.479  -11.821 1.00 47.09  ? 19  ARG A CD  1 
ATOM   166  N NE  . ARG A 1 20 ? 4.066   -4.819  -12.436 1.00 57.26  ? 19  ARG A NE  1 
ATOM   167  C CZ  . ARG A 1 20 ? 3.953   -4.579  -13.738 1.00 47.74  ? 19  ARG A CZ  1 
ATOM   168  N NH1 . ARG A 1 20 ? 4.920   -4.950  -14.566 1.00 45.41  ? 19  ARG A NH1 1 
ATOM   169  N NH2 . ARG A 1 20 ? 2.873   -3.974  -14.209 1.00 48.41  ? 19  ARG A NH2 1 
ATOM   170  N N   . GLU A 1 21 ? 2.865   -7.685  -7.221  1.00 38.23  ? 20  GLU A N   1 
ATOM   171  C CA  . GLU A 1 21 ? 2.058   -7.495  -6.026  1.00 40.72  ? 20  GLU A CA  1 
ATOM   172  C C   . GLU A 1 21 ? 2.802   -6.617  -5.031  1.00 54.11  ? 20  GLU A C   1 
ATOM   173  O O   . GLU A 1 21 ? 4.035   -6.612  -4.977  1.00 44.28  ? 20  GLU A O   1 
ATOM   174  C CB  . GLU A 1 21 ? 1.700   -8.838  -5.376  1.00 30.44  ? 20  GLU A CB  1 
ATOM   175  C CG  . GLU A 1 21 ? 0.664   -8.738  -4.273  1.00 53.33  ? 20  GLU A CG  1 
ATOM   176  C CD  . GLU A 1 21 ? -0.673  -8.222  -4.764  1.00 54.32  ? 20  GLU A CD  1 
ATOM   177  O OE1 . GLU A 1 21 ? -1.235  -8.823  -5.702  1.00 59.59  ? 20  GLU A OE1 1 
ATOM   178  O OE2 . GLU A 1 21 ? -1.163  -7.215  -4.213  1.00 55.34  ? 20  GLU A OE2 1 
ATOM   179  N N   . GLN A 1 22 ? 2.030   -5.868  -4.247  1.00 40.31  ? 21  GLN A N   1 
ATOM   180  C CA  . GLN A 1 22 ? 2.560   -5.050  -3.167  1.00 34.77  ? 21  GLN A CA  1 
ATOM   181  C C   . GLN A 1 22 ? 1.506   -4.940  -2.078  1.00 39.82  ? 21  GLN A C   1 
ATOM   182  O O   . GLN A 1 22 ? 0.319   -4.761  -2.368  1.00 45.27  ? 21  GLN A O   1 
ATOM   183  C CB  . GLN A 1 22 ? 2.960   -3.651  -3.653  1.00 39.61  ? 21  GLN A CB  1 
ATOM   184  C CG  . GLN A 1 22 ? 3.782   -2.847  -2.646  1.00 37.18  ? 21  GLN A CG  1 
ATOM   185  C CD  . GLN A 1 22 ? 2.964   -1.816  -1.883  1.00 42.56  ? 21  GLN A CD  1 
ATOM   186  O OE1 . GLN A 1 22 ? 1.928   -2.132  -1.299  1.00 44.81  ? 21  GLN A OE1 1 
ATOM   187  N NE2 . GLN A 1 22 ? 3.434   -0.574  -1.881  1.00 39.56  ? 21  GLN A NE2 1 
ATOM   188  N N   . ILE A 1 23 ? 1.944   -5.064  -0.829  1.00 32.87  ? 22  ILE A N   1 
ATOM   189  C CA  . ILE A 1 23 ? 1.103   -4.778  0.324   1.00 39.59  ? 22  ILE A CA  1 
ATOM   190  C C   . ILE A 1 23 ? 1.894   -3.907  1.286   1.00 42.50  ? 22  ILE A C   1 
ATOM   191  O O   . ILE A 1 23 ? 3.115   -4.041  1.421   1.00 44.55  ? 22  ILE A O   1 
ATOM   192  C CB  . ILE A 1 23 ? 0.599   -6.053  1.034   1.00 34.86  ? 22  ILE A CB  1 
ATOM   193  C CG1 . ILE A 1 23 ? 1.745   -7.041  1.241   1.00 45.05  ? 22  ILE A CG1 1 
ATOM   194  C CG2 . ILE A 1 23 ? -0.541  -6.685  0.249   1.00 37.78  ? 22  ILE A CG2 1 
ATOM   195  C CD1 . ILE A 1 23 ? 1.458   -8.081  2.295   1.00 31.45  ? 22  ILE A CD1 1 
ATOM   196  N N   . THR A 1 24 ? 1.185   -2.995  1.945   1.00 35.36  ? 23  THR A N   1 
ATOM   197  C CA  . THR A 1 24 ? 1.782   -2.060  2.887   1.00 35.57  ? 23  THR A CA  1 
ATOM   198  C C   . THR A 1 24 ? 1.169   -2.289  4.258   1.00 47.50  ? 23  THR A C   1 
ATOM   199  O O   . THR A 1 24 ? -0.056  -2.239  4.413   1.00 37.10  ? 23  THR A O   1 
ATOM   200  C CB  . THR A 1 24 ? 1.572   -0.610  2.450   1.00 37.83  ? 23  THR A CB  1 
ATOM   201  O OG1 . THR A 1 24 ? 2.199   -0.404  1.182   1.00 42.06  ? 23  THR A OG1 1 
ATOM   202  C CG2 . THR A 1 24 ? 2.187   0.340   3.476   1.00 31.15  ? 23  THR A CG2 1 
ATOM   203  N N   . CYS A 1 25 ? 2.024   -2.544  5.245   1.00 45.24  ? 24  CYS A N   1 
ATOM   204  C CA  . CYS A 1 25 ? 1.612   -2.655  6.643   1.00 43.67  ? 24  CYS A CA  1 
ATOM   205  C C   . CYS A 1 25 ? 1.757   -1.281  7.273   1.00 47.64  ? 24  CYS A C   1 
ATOM   206  O O   . CYS A 1 25 ? 2.819   -0.913  7.773   1.00 37.74  ? 24  CYS A O   1 
ATOM   207  C CB  . CYS A 1 25 ? 2.448   -3.694  7.374   1.00 35.69  ? 24  CYS A CB  1 
ATOM   208  S SG  . CYS A 1 25 ? 1.974   -3.973  9.097   1.00 46.89  ? 24  CYS A SG  1 
ATOM   209  N N   . LEU A 1 26 ? 0.681   -0.502  7.242   1.00 47.63  ? 25  LEU A N   1 
ATOM   210  C CA  . LEU A 1 26 ? 0.719   0.873   7.726   1.00 39.87  ? 25  LEU A CA  1 
ATOM   211  C C   . LEU A 1 26 ? 0.319   0.928   9.196   1.00 35.52  ? 25  LEU A C   1 
ATOM   212  O O   . LEU A 1 26 ? -0.747  0.434   9.575   1.00 39.51  ? 25  LEU A O   1 
ATOM   213  C CB  . LEU A 1 26 ? -0.203  1.760   6.893   1.00 38.91  ? 25  LEU A CB  1 
ATOM   214  C CG  . LEU A 1 26 ? -0.556  3.119   7.515   1.00 33.25  ? 25  LEU A CG  1 
ATOM   215  C CD1 . LEU A 1 26 ? 0.610   4.100   7.457   1.00 44.46  ? 25  LEU A CD1 1 
ATOM   216  C CD2 . LEU A 1 26 ? -1.789  3.706   6.857   1.00 41.95  ? 25  LEU A CD2 1 
ATOM   217  N N   . ALA A 1 27 ? 1.169   1.529   10.021  1.00 35.01  ? 26  ALA A N   1 
ATOM   218  C CA  . ALA A 1 27 ? 0.812   1.814   11.408  1.00 34.76  ? 26  ALA A CA  1 
ATOM   219  C C   . ALA A 1 27 ? -0.010  3.094   11.409  1.00 48.09  ? 26  ALA A C   1 
ATOM   220  O O   . ALA A 1 27 ? 0.516   4.200   11.547  1.00 54.89  ? 26  ALA A O   1 
ATOM   221  C CB  . ALA A 1 27 ? 2.059   1.937   12.272  1.00 32.77  ? 26  ALA A CB  1 
ATOM   222  N N   . ILE A 1 28 ? -1.325  2.935   11.243  1.00 45.17  ? 27  ILE A N   1 
ATOM   223  C CA  . ILE A 1 28 ? -2.217  4.088   11.176  1.00 49.93  ? 27  ILE A CA  1 
ATOM   224  C C   . ILE A 1 28 ? -2.209  4.851   12.495  1.00 46.86  ? 27  ILE A C   1 
ATOM   225  O O   . ILE A 1 28 ? -2.456  6.062   12.521  1.00 49.60  ? 27  ILE A O   1 
ATOM   226  C CB  . ILE A 1 28 ? -3.633  3.632   10.772  1.00 46.26  ? 27  ILE A CB  1 
ATOM   227  C CG1 . ILE A 1 28 ? -4.575  4.826   10.630  1.00 56.77  ? 27  ILE A CG1 1 
ATOM   228  C CG2 . ILE A 1 28 ? -4.191  2.634   11.773  1.00 45.52  ? 27  ILE A CG2 1 
ATOM   229  C CD1 . ILE A 1 28 ? -5.769  4.562   9.741   1.00 55.99  ? 27  ILE A CD1 1 
ATOM   230  N N   . ALA A 1 29 ? -1.911  4.171   13.601  1.00 49.68  ? 28  ALA A N   1 
ATOM   231  C CA  . ALA A 1 29 ? -1.746  4.817   14.892  1.00 50.84  ? 28  ALA A CA  1 
ATOM   232  C C   . ALA A 1 29 ? -0.598  4.148   15.633  1.00 55.48  ? 28  ALA A C   1 
ATOM   233  O O   . ALA A 1 29 ? -0.306  2.969   15.417  1.00 61.90  ? 28  ALA A O   1 
ATOM   234  C CB  . ALA A 1 29 ? -3.030  4.753   15.730  1.00 36.66  ? 28  ALA A CB  1 
ATOM   235  N N   . GLY A 1 30 ? 0.058   4.912   16.501  1.00 42.43  ? 29  GLY A N   1 
ATOM   236  C CA  . GLY A 1 30 ? 1.163   4.377   17.273  1.00 39.63  ? 29  GLY A CA  1 
ATOM   237  C C   . GLY A 1 30 ? 2.342   5.321   17.391  1.00 52.77  ? 29  GLY A C   1 
ATOM   238  O O   . GLY A 1 30 ? 2.753   5.943   16.407  1.00 48.79  ? 29  GLY A O   1 
ATOM   239  N N   . ASP A 1 31 ? 2.899   5.428   18.592  1.00 45.06  ? 30  ASP A N   1 
ATOM   240  C CA  . ASP A 1 31 ? 4.004   6.350   18.809  1.00 54.55  ? 30  ASP A CA  1 
ATOM   241  C C   . ASP A 1 31 ? 5.302   5.762   18.260  1.00 52.50  ? 30  ASP A C   1 
ATOM   242  O O   . ASP A 1 31 ? 5.597   4.587   18.489  1.00 63.62  ? 30  ASP A O   1 
ATOM   243  C CB  . ASP A 1 31 ? 4.166   6.653   20.298  1.00 61.70  ? 30  ASP A CB  1 
ATOM   244  C CG  . ASP A 1 31 ? 2.983   7.404   20.873  1.00 65.87  ? 30  ASP A CG  1 
ATOM   245  O OD1 . ASP A 1 31 ? 2.335   8.166   20.123  1.00 60.39  ? 30  ASP A OD1 1 
ATOM   246  O OD2 . ASP A 1 31 ? 2.702   7.233   22.077  1.00 58.05  ? 30  ASP A OD2 1 
ATOM   247  N N   . PRO A 1 32 ? 6.083   6.549   17.527  1.00 63.45  ? 31  PRO A N   1 
ATOM   248  C CA  . PRO A 1 32 ? 7.402   6.087   17.083  1.00 60.12  ? 31  PRO A CA  1 
ATOM   249  C C   . PRO A 1 32 ? 8.357   5.984   18.258  1.00 49.78  ? 31  PRO A C   1 
ATOM   250  O O   . PRO A 1 32 ? 8.129   6.611   19.304  1.00 49.01  ? 31  PRO A O   1 
ATOM   251  C CB  . PRO A 1 32 ? 7.843   7.180   16.095  1.00 53.49  ? 31  PRO A CB  1 
ATOM   252  C CG  . PRO A 1 32 ? 7.075   8.390   16.503  1.00 60.36  ? 31  PRO A CG  1 
ATOM   253  C CD  . PRO A 1 32 ? 5.752   7.882   16.996  1.00 57.46  ? 31  PRO A CD  1 
ATOM   254  N N   . PRO A 1 33 ? 9.443   5.201   18.134  1.00 59.55  ? 32  PRO A N   1 
ATOM   255  C CA  . PRO A 1 33 ? 9.822   4.418   16.953  1.00 36.39  ? 32  PRO A CA  1 
ATOM   256  C C   . PRO A 1 33 ? 9.043   3.112   16.827  1.00 55.72  ? 32  PRO A C   1 
ATOM   257  O O   . PRO A 1 33 ? 8.689   2.498   17.836  1.00 60.68  ? 32  PRO A O   1 
ATOM   258  C CB  . PRO A 1 33 ? 11.308  4.147   17.183  1.00 43.34  ? 32  PRO A CB  1 
ATOM   259  C CG  . PRO A 1 33 ? 11.444  4.100   18.662  1.00 38.04  ? 32  PRO A CG  1 
ATOM   260  C CD  . PRO A 1 33 ? 10.447  5.091   19.208  1.00 52.47  ? 32  PRO A CD  1 
ATOM   261  N N   . LEU A 1 34 ? 8.780   2.701   15.591  1.00 46.30  ? 33  LEU A N   1 
ATOM   262  C CA  . LEU A 1 34 ? 8.013   1.498   15.307  1.00 39.69  ? 33  LEU A CA  1 
ATOM   263  C C   . LEU A 1 34 ? 8.905   0.468   14.627  1.00 40.74  ? 33  LEU A C   1 
ATOM   264  O O   . LEU A 1 34 ? 9.730   0.812   13.775  1.00 41.80  ? 33  LEU A O   1 
ATOM   265  C CB  . LEU A 1 34 ? 6.803   1.821   14.427  1.00 39.74  ? 33  LEU A CB  1 
ATOM   266  C CG  . LEU A 1 34 ? 5.846   2.877   14.989  1.00 41.95  ? 33  LEU A CG  1 
ATOM   267  C CD1 . LEU A 1 34 ? 5.028   3.512   13.875  1.00 41.52  ? 33  LEU A CD1 1 
ATOM   268  C CD2 . LEU A 1 34 ? 4.933   2.277   16.050  1.00 42.49  ? 33  LEU A CD2 1 
ATOM   269  N N   . SER A 1 35 ? 8.739   -0.796  15.015  1.00 40.04  ? 34  SER A N   1 
ATOM   270  C CA  . SER A 1 35 ? 9.541   -1.899  14.502  1.00 29.72  ? 34  SER A CA  1 
ATOM   271  C C   . SER A 1 35 ? 8.632   -2.870  13.764  1.00 37.50  ? 34  SER A C   1 
ATOM   272  O O   . SER A 1 35 ? 7.696   -3.421  14.355  1.00 50.65  ? 34  SER A O   1 
ATOM   273  C CB  . SER A 1 35 ? 10.285  -2.610  15.632  1.00 29.66  ? 34  SER A CB  1 
ATOM   274  O OG  . SER A 1 35 ? 11.593  -2.091  15.775  1.00 45.75  ? 34  SER A OG  1 
ATOM   275  N N   . PHE A 1 36 ? 8.910   -3.081  12.482  1.00 35.06  ? 35  PHE A N   1 
ATOM   276  C CA  . PHE A 1 36 ? 8.086   -3.925  11.631  1.00 39.51  ? 35  PHE A CA  1 
ATOM   277  C C   . PHE A 1 36 ? 8.769   -5.263  11.392  1.00 33.89  ? 35  PHE A C   1 
ATOM   278  O O   . PHE A 1 36 ? 9.994   -5.334  11.253  1.00 35.73  ? 35  PHE A O   1 
ATOM   279  C CB  . PHE A 1 36 ? 7.799   -3.242  10.292  1.00 31.62  ? 35  PHE A CB  1 
ATOM   280  C CG  . PHE A 1 36 ? 6.969   -1.997  10.413  1.00 34.52  ? 35  PHE A CG  1 
ATOM   281  C CD1 . PHE A 1 36 ? 7.543   -0.801  10.812  1.00 38.59  ? 35  PHE A CD1 1 
ATOM   282  C CD2 . PHE A 1 36 ? 5.613   -2.023  10.134  1.00 45.43  ? 35  PHE A CD2 1 
ATOM   283  C CE1 . PHE A 1 36 ? 6.781   0.345   10.928  1.00 37.99  ? 35  PHE A CE1 1 
ATOM   284  C CE2 . PHE A 1 36 ? 4.846   -0.879  10.247  1.00 41.06  ? 35  PHE A CE2 1 
ATOM   285  C CZ  . PHE A 1 36 ? 5.432   0.304   10.647  1.00 39.32  ? 35  PHE A CZ  1 
ATOM   286  N N   . SER A 1 37 ? 7.967   -6.323  11.349  1.00 38.88  ? 36  SER A N   1 
ATOM   287  C CA  . SER A 1 37 ? 8.455   -7.665  11.078  1.00 37.27  ? 36  SER A CA  1 
ATOM   288  C C   . SER A 1 37 ? 7.432   -8.388  10.217  1.00 39.12  ? 36  SER A C   1 
ATOM   289  O O   . SER A 1 37 ? 6.244   -8.054  10.231  1.00 40.32  ? 36  SER A O   1 
ATOM   290  C CB  . SER A 1 37 ? 8.713   -8.447  12.372  1.00 30.99  ? 36  SER A CB  1 
ATOM   291  O OG  . SER A 1 37 ? 7.761   -8.115  13.366  1.00 52.41  ? 36  SER A OG  1 
ATOM   292  N N   . TRP A 1 38 ? 7.903   -9.379  9.463   1.00 36.56  ? 37  TRP A N   1 
ATOM   293  C CA  . TRP A 1 38 ? 7.049   -10.147 8.572   1.00 37.47  ? 37  TRP A CA  1 
ATOM   294  C C   . TRP A 1 38 ? 7.332   -11.633 8.716   1.00 33.12  ? 37  TRP A C   1 
ATOM   295  O O   . TRP A 1 38 ? 8.473   -12.050 8.937   1.00 28.36  ? 37  TRP A O   1 
ATOM   296  C CB  . TRP A 1 38 ? 7.243   -9.747  7.102   1.00 28.18  ? 37  TRP A CB  1 
ATOM   297  C CG  . TRP A 1 38 ? 6.763   -8.373  6.768   1.00 31.99  ? 37  TRP A CG  1 
ATOM   298  C CD1 . TRP A 1 38 ? 7.462   -7.211  6.891   1.00 28.29  ? 37  TRP A CD1 1 
ATOM   299  C CD2 . TRP A 1 38 ? 5.479   -8.017  6.241   1.00 44.47  ? 37  TRP A CD2 1 
ATOM   300  N NE1 . TRP A 1 38 ? 6.695   -6.151  6.477   1.00 35.17  ? 37  TRP A NE1 1 
ATOM   301  C CE2 . TRP A 1 38 ? 5.473   -6.618  6.073   1.00 38.93  ? 37  TRP A CE2 1 
ATOM   302  C CE3 . TRP A 1 38 ? 4.335   -8.744  5.895   1.00 33.35  ? 37  TRP A CE3 1 
ATOM   303  C CZ2 . TRP A 1 38 ? 4.369   -5.933  5.575   1.00 40.95  ? 37  TRP A CZ2 1 
ATOM   304  C CZ3 . TRP A 1 38 ? 3.238   -8.059  5.403   1.00 35.51  ? 37  TRP A CZ3 1 
ATOM   305  C CH2 . TRP A 1 38 ? 3.263   -6.668  5.248   1.00 39.37  ? 37  TRP A CH2 1 
ATOM   306  N N   . THR A 1 39 ? 6.274   -12.427 8.586   1.00 32.81  ? 38  THR A N   1 
ATOM   307  C CA  . THR A 1 39 ? 6.381   -13.871 8.453   1.00 41.49  ? 38  THR A CA  1 
ATOM   308  C C   . THR A 1 39 ? 5.445   -14.342 7.351   1.00 40.43  ? 38  THR A C   1 
ATOM   309  O O   . THR A 1 39 ? 4.388   -13.749 7.116   1.00 43.86  ? 38  THR A O   1 
ATOM   310  C CB  . THR A 1 39 ? 6.038   -14.617 9.757   1.00 30.34  ? 38  THR A CB  1 
ATOM   311  O OG1 . THR A 1 39 ? 4.669   -14.377 10.104  1.00 47.40  ? 38  THR A OG1 1 
ATOM   312  C CG2 . THR A 1 39 ? 6.938   -14.172 10.900  1.00 30.50  ? 38  THR A CG2 1 
ATOM   313  N N   . LYS A 1 40 ? 5.850   -15.409 6.667   1.00 40.65  ? 39  LYS A N   1 
ATOM   314  C CA  . LYS A 1 40 ? 4.987   -16.123 5.735   1.00 39.26  ? 39  LYS A CA  1 
ATOM   315  C C   . LYS A 1 40 ? 4.778   -17.526 6.279   1.00 42.97  ? 39  LYS A C   1 
ATOM   316  O O   . LYS A 1 40 ? 5.745   -18.279 6.442   1.00 38.76  ? 39  LYS A O   1 
ATOM   317  C CB  . LYS A 1 40 ? 5.583   -16.173 4.329   1.00 37.70  ? 39  LYS A CB  1 
ATOM   318  C CG  . LYS A 1 40 ? 4.646   -16.798 3.302   1.00 35.22  ? 39  LYS A CG  1 
ATOM   319  C CD  . LYS A 1 40 ? 5.311   -16.947 1.945   1.00 44.78  ? 39  LYS A CD  1 
ATOM   320  C CE  . LYS A 1 40 ? 4.457   -17.776 0.997   1.00 44.71  ? 39  LYS A CE  1 
ATOM   321  N NZ  . LYS A 1 40 ? 4.488   -19.231 1.316   1.00 42.83  ? 39  LYS A NZ  1 
ATOM   322  N N   . ASP A 1 41 ? 3.521   -17.868 6.565   1.00 34.61  ? 40  ASP A N   1 
ATOM   323  C CA  . ASP A 1 41 ? 3.175   -19.152 7.174   1.00 29.33  ? 40  ASP A CA  1 
ATOM   324  C C   . ASP A 1 41 ? 3.979   -19.382 8.452   1.00 35.17  ? 40  ASP A C   1 
ATOM   325  O O   . ASP A 1 41 ? 4.421   -20.496 8.745   1.00 51.02  ? 40  ASP A O   1 
ATOM   326  C CB  . ASP A 1 41 ? 3.372   -20.305 6.187   1.00 31.54  ? 40  ASP A CB  1 
ATOM   327  C CG  . ASP A 1 41 ? 2.512   -20.163 4.947   1.00 37.54  ? 40  ASP A CG  1 
ATOM   328  O OD1 . ASP A 1 41 ? 1.353   -19.714 5.070   1.00 45.37  ? 40  ASP A OD1 1 
ATOM   329  O OD2 . ASP A 1 41 ? 2.997   -20.506 3.847   1.00 39.03  ? 40  ASP A OD2 1 
ATOM   330  N N   . GLY A 1 42 ? 4.178   -18.310 9.215   1.00 33.64  ? 41  GLY A N   1 
ATOM   331  C CA  . GLY A 1 42 ? 4.912   -18.378 10.460  1.00 32.45  ? 41  GLY A CA  1 
ATOM   332  C C   . GLY A 1 42 ? 6.418   -18.401 10.330  1.00 34.90  ? 41  GLY A C   1 
ATOM   333  O O   . GLY A 1 42 ? 7.108   -18.449 11.356  1.00 35.82  ? 41  GLY A O   1 
ATOM   334  N N   . ILE A 1 43 ? 6.954   -18.366 9.113   1.00 30.88  ? 42  ILE A N   1 
ATOM   335  C CA  . ILE A 1 43 ? 8.395   -18.405 8.886   1.00 38.86  ? 42  ILE A CA  1 
ATOM   336  C C   . ILE A 1 43 ? 8.890   -16.994 8.620   1.00 39.19  ? 42  ILE A C   1 
ATOM   337  O O   . ILE A 1 43 ? 8.253   -16.230 7.884   1.00 39.71  ? 42  ILE A O   1 
ATOM   338  C CB  . ILE A 1 43 ? 8.754   -19.339 7.715   1.00 38.26  ? 42  ILE A CB  1 
ATOM   339  C CG1 . ILE A 1 43 ? 8.176   -20.735 7.945   1.00 34.15  ? 42  ILE A CG1 1 
ATOM   340  C CG2 . ILE A 1 43 ? 10.262  -19.411 7.531   1.00 34.84  ? 42  ILE A CG2 1 
ATOM   341  C CD1 . ILE A 1 43 ? 8.163   -21.592 6.702   1.00 25.81  ? 42  ILE A CD1 1 
ATOM   342  N N   . ASN A 1 44 ? 10.024  -16.646 9.229   1.00 37.69  ? 43  ASN A N   1 
ATOM   343  C CA  . ASN A 1 44 ? 10.696  -15.383 8.949   1.00 34.68  ? 43  ASN A CA  1 
ATOM   344  C C   . ASN A 1 44 ? 10.771  -15.142 7.448   1.00 32.40  ? 43  ASN A C   1 
ATOM   345  O O   . ASN A 1 44 ? 11.233  -16.001 6.693   1.00 45.29  ? 43  ASN A O   1 
ATOM   346  C CB  . ASN A 1 44 ? 12.104  -15.404 9.551   1.00 40.33  ? 43  ASN A CB  1 
ATOM   347  C CG  . ASN A 1 44 ? 12.737  -14.028 9.629   1.00 34.14  ? 43  ASN A CG  1 
ATOM   348  O OD1 . ASN A 1 44 ? 12.426  -13.137 8.838   1.00 45.33  ? 43  ASN A OD1 1 
ATOM   349  N ND2 . ASN A 1 44 ? 13.647  -13.854 10.579  1.00 44.42  ? 43  ASN A ND2 1 
ATOM   350  N N   . ILE A 1 45 ? 10.311  -13.965 7.020   1.00 41.27  ? 44  ILE A N   1 
ATOM   351  C CA  . ILE A 1 45 ? 10.361  -13.592 5.614   1.00 50.34  ? 44  ILE A CA  1 
ATOM   352  C C   . ILE A 1 45 ? 11.789  -13.547 5.081   1.00 48.12  ? 44  ILE A C   1 
ATOM   353  O O   . ILE A 1 45 ? 11.988  -13.430 3.868   1.00 45.61  ? 44  ILE A O   1 
ATOM   354  C CB  . ILE A 1 45 ? 9.649   -12.235 5.403   1.00 40.02  ? 44  ILE A CB  1 
ATOM   355  C CG1 . ILE A 1 45 ? 9.072   -12.142 3.988   1.00 44.41  ? 44  ILE A CG1 1 
ATOM   356  C CG2 . ILE A 1 45 ? 10.597  -11.077 5.689   1.00 35.77  ? 44  ILE A CG2 1 
ATOM   357  C CD1 . ILE A 1 45 ? 7.795   -12.935 3.799   1.00 31.94  ? 44  ILE A CD1 1 
ATOM   358  N N   . ASP A 1 46 ? 12.784  -13.635 5.971   1.00 49.17  ? 45  ASP A N   1 
ATOM   359  C CA  . ASP A 1 46 ? 14.182  -13.748 5.563   1.00 32.77  ? 45  ASP A CA  1 
ATOM   360  C C   . ASP A 1 46 ? 14.391  -14.883 4.569   1.00 51.70  ? 45  ASP A C   1 
ATOM   361  O O   . ASP A 1 46 ? 15.165  -14.751 3.615   1.00 46.48  ? 45  ASP A O   1 
ATOM   362  C CB  . ASP A 1 46 ? 15.061  -13.982 6.794   1.00 51.43  ? 45  ASP A CB  1 
ATOM   363  C CG  . ASP A 1 46 ? 15.552  -12.696 7.419   1.00 80.13  ? 45  ASP A CG  1 
ATOM   364  O OD1 . ASP A 1 46 ? 15.138  -11.611 6.963   1.00 70.05  ? 45  ASP A OD1 1 
ATOM   365  O OD2 . ASP A 1 46 ? 16.351  -12.774 8.378   1.00 77.29  ? 45  ASP A OD2 1 
ATOM   366  N N   . LYS A 1 47 ? 13.703  -16.005 4.777   1.00 44.65  ? 46  LYS A N   1 
ATOM   367  C CA  . LYS A 1 47 ? 13.991  -17.233 4.047   1.00 42.45  ? 46  LYS A CA  1 
ATOM   368  C C   . LYS A 1 47 ? 13.468  -17.235 2.618   1.00 65.76  ? 46  LYS A C   1 
ATOM   369  O O   . LYS A 1 47 ? 13.755  -18.182 1.877   1.00 78.46  ? 46  LYS A O   1 
ATOM   370  C CB  . LYS A 1 47 ? 13.402  -18.432 4.793   1.00 49.81  ? 46  LYS A CB  1 
ATOM   371  C CG  . LYS A 1 47 ? 13.672  -18.422 6.285   1.00 62.31  ? 46  LYS A CG  1 
ATOM   372  C CD  . LYS A 1 47 ? 15.160  -18.341 6.581   1.00 60.52  ? 46  LYS A CD  1 
ATOM   373  C CE  . LYS A 1 47 ? 15.450  -18.722 8.020   1.00 71.03  ? 46  LYS A CE  1 
ATOM   374  N NZ  . LYS A 1 47 ? 15.032  -20.121 8.310   1.00 66.44  ? 46  LYS A NZ  1 
ATOM   375  N N   . PHE A 1 48 ? 12.712  -16.227 2.210   1.00 46.66  ? 47  PHE A N   1 
ATOM   376  C CA  . PHE A 1 48 ? 12.066  -16.224 0.902   1.00 43.81  ? 47  PHE A CA  1 
ATOM   377  C C   . PHE A 1 48 ? 12.818  -15.246 0.007   1.00 57.12  ? 47  PHE A C   1 
ATOM   378  O O   . PHE A 1 48 ? 12.630  -14.028 0.098   1.00 67.91  ? 47  PHE A O   1 
ATOM   379  C CB  . PHE A 1 48 ? 10.585  -15.898 1.043   1.00 42.93  ? 47  PHE A CB  1 
ATOM   380  C CG  . PHE A 1 48 ? 9.835   -16.925 1.831   1.00 46.81  ? 47  PHE A CG  1 
ATOM   381  C CD1 . PHE A 1 48 ? 9.365   -18.070 1.213   1.00 45.04  ? 47  PHE A CD1 1 
ATOM   382  C CD2 . PHE A 1 48 ? 9.644   -16.774 3.193   1.00 57.19  ? 47  PHE A CD2 1 
ATOM   383  C CE1 . PHE A 1 48 ? 8.689   -19.034 1.931   1.00 47.60  ? 47  PHE A CE1 1 
ATOM   384  C CE2 . PHE A 1 48 ? 8.965   -17.738 3.922   1.00 40.53  ? 47  PHE A CE2 1 
ATOM   385  C CZ  . PHE A 1 48 ? 8.487   -18.869 3.288   1.00 39.16  ? 47  PHE A CZ  1 
ATOM   386  N N   . SER A 1 49 ? 13.669  -15.806 -0.861  1.00 75.47  ? 48  SER A N   1 
ATOM   387  C CA  . SER A 1 49 ? 14.582  -15.020 -1.678  1.00 73.24  ? 48  SER A CA  1 
ATOM   388  C C   . SER A 1 49 ? 13.858  -14.084 -2.632  1.00 67.64  ? 48  SER A C   1 
ATOM   389  O O   . SER A 1 49 ? 14.419  -13.049 -2.998  1.00 59.62  ? 48  SER A O   1 
ATOM   390  C CB  . SER A 1 49 ? 15.501  -15.957 -2.475  1.00 62.81  ? 48  SER A CB  1 
ATOM   391  O OG  . SER A 1 49 ? 14.766  -17.051 -2.991  1.00 81.27  ? 48  SER A OG  1 
ATOM   392  N N   . ASP A 1 50 ? 12.649  -14.437 -3.065  1.00 57.53  ? 49  ASP A N   1 
ATOM   393  C CA  . ASP A 1 50 ? 11.936  -13.720 -4.111  1.00 50.88  ? 49  ASP A CA  1 
ATOM   394  C C   . ASP A 1 50 ? 10.948  -12.700 -3.563  1.00 54.38  ? 49  ASP A C   1 
ATOM   395  O O   . ASP A 1 50 ? 10.018  -12.309 -4.277  1.00 51.28  ? 49  ASP A O   1 
ATOM   396  C CB  . ASP A 1 50 ? 11.212  -14.720 -5.014  1.00 55.83  ? 49  ASP A CB  1 
ATOM   397  C CG  . ASP A 1 50 ? 10.574  -15.844 -4.227  1.00 86.41  ? 49  ASP A CG  1 
ATOM   398  O OD1 . ASP A 1 50 ? 10.772  -15.875 -2.993  1.00 67.07  ? 49  ASP A OD1 1 
ATOM   399  O OD2 . ASP A 1 50 ? 9.891   -16.695 -4.835  1.00 92.74  ? 49  ASP A OD2 1 
ATOM   400  N N   . ILE A 1 51 ? 11.127  -12.263 -2.319  1.00 51.29  ? 50  ILE A N   1 
ATOM   401  C CA  . ILE A 1 51 ? 10.241  -11.298 -1.679  1.00 40.43  ? 50  ILE A CA  1 
ATOM   402  C C   . ILE A 1 51 ? 11.088  -10.132 -1.191  1.00 38.93  ? 50  ILE A C   1 
ATOM   403  O O   . ILE A 1 51 ? 12.111  -10.338 -0.528  1.00 48.87  ? 50  ILE A O   1 
ATOM   404  C CB  . ILE A 1 51 ? 9.453   -11.933 -0.519  1.00 40.57  ? 50  ILE A CB  1 
ATOM   405  C CG1 . ILE A 1 51 ? 8.589   -13.090 -1.027  1.00 40.30  ? 50  ILE A CG1 1 
ATOM   406  C CG2 . ILE A 1 51 ? 8.597   -10.894 0.186   1.00 39.71  ? 50  ILE A CG2 1 
ATOM   407  C CD1 . ILE A 1 51 ? 7.767   -13.754 0.057   1.00 40.18  ? 50  ILE A CD1 1 
ATOM   408  N N   . ILE A 1 52 ? 10.666  -8.915  -1.524  1.00 34.50  ? 51  ILE A N   1 
ATOM   409  C CA  . ILE A 1 52 ? 11.373  -7.699  -1.141  1.00 44.66  ? 51  ILE A CA  1 
ATOM   410  C C   . ILE A 1 52 ? 10.610  -7.040  -0.003  1.00 38.37  ? 51  ILE A C   1 
ATOM   411  O O   . ILE A 1 52 ? 9.402   -6.800  -0.114  1.00 46.92  ? 51  ILE A O   1 
ATOM   412  C CB  . ILE A 1 52 ? 11.528  -6.739  -2.332  1.00 38.35  ? 51  ILE A CB  1 
ATOM   413  C CG1 . ILE A 1 52 ? 12.411  -7.368  -3.410  1.00 29.38  ? 51  ILE A CG1 1 
ATOM   414  C CG2 . ILE A 1 52 ? 12.109  -5.414  -1.873  1.00 36.11  ? 51  ILE A CG2 1 
ATOM   415  C CD1 . ILE A 1 52 ? 12.338  -6.661  -4.744  1.00 29.94  ? 51  ILE A CD1 1 
ATOM   416  N N   . VAL A 1 53 ? 11.311  -6.754  1.091   1.00 41.03  ? 52  VAL A N   1 
ATOM   417  C CA  . VAL A 1 53 ? 10.724  -6.130  2.271   1.00 42.50  ? 52  VAL A CA  1 
ATOM   418  C C   . VAL A 1 53 ? 11.537  -4.888  2.603   1.00 42.07  ? 52  VAL A C   1 
ATOM   419  O O   . VAL A 1 53 ? 12.761  -4.969  2.769   1.00 53.19  ? 52  VAL A O   1 
ATOM   420  C CB  . VAL A 1 53 ? 10.684  -7.088  3.474   1.00 35.33  ? 52  VAL A CB  1 
ATOM   421  C CG1 . VAL A 1 53 ? 10.058  -6.401  4.677   1.00 44.00  ? 52  VAL A CG1 1 
ATOM   422  C CG2 . VAL A 1 53 ? 9.918   -8.351  3.122   1.00 41.85  ? 52  VAL A CG2 1 
ATOM   423  N N   . GLU A 1 54 ? 10.866  -3.745  2.694   1.00 45.53  ? 53  GLU A N   1 
ATOM   424  C CA  . GLU A 1 54 ? 11.509  -2.487  3.033   1.00 44.70  ? 53  GLU A CA  1 
ATOM   425  C C   . GLU A 1 54 ? 10.670  -1.749  4.066   1.00 38.82  ? 53  GLU A C   1 
ATOM   426  O O   . GLU A 1 54 ? 9.495   -2.055  4.280   1.00 42.79  ? 53  GLU A O   1 
ATOM   427  C CB  . GLU A 1 54 ? 11.713  -1.599  1.795   1.00 52.19  ? 53  GLU A CB  1 
ATOM   428  C CG  . GLU A 1 54 ? 12.857  -2.039  0.898   1.00 81.49  ? 53  GLU A CG  1 
ATOM   429  C CD  . GLU A 1 54 ? 12.674  -1.600  -0.542  1.00 69.26  ? 53  GLU A CD  1 
ATOM   430  O OE1 . GLU A 1 54 ? 11.676  -0.909  -0.836  1.00 63.31  ? 53  GLU A OE1 1 
ATOM   431  O OE2 . GLU A 1 54 ? 13.528  -1.953  -1.383  1.00 51.60  ? 53  GLU A OE2 1 
ATOM   432  N N   . THR A 1 55 ? 11.303  -0.774  4.715   1.00 47.51  ? 54  THR A N   1 
ATOM   433  C CA  . THR A 1 55 ? 10.634  0.176   5.598   1.00 42.86  ? 54  THR A CA  1 
ATOM   434  C C   . THR A 1 55 ? 10.947  1.559   5.041   1.00 37.98  ? 54  THR A C   1 
ATOM   435  O O   . THR A 1 55 ? 11.897  2.222   5.487   1.00 52.96  ? 54  THR A O   1 
ATOM   436  C CB  . THR A 1 55 ? 11.086  0.023   7.050   1.00 42.98  ? 54  THR A CB  1 
ATOM   437  O OG1 . THR A 1 55 ? 10.804  -1.307  7.503   1.00 48.41  ? 54  THR A OG1 1 
ATOM   438  C CG2 . THR A 1 55 ? 10.353  1.008   7.946   1.00 34.64  ? 54  THR A CG2 1 
ATOM   439  N N   . PRO A 1 56 ? 10.187  2.013   4.038   1.00 51.48  ? 55  PRO A N   1 
ATOM   440  C CA  . PRO A 1 56 ? 10.538  3.285   3.381   1.00 45.84  ? 55  PRO A CA  1 
ATOM   441  C C   . PRO A 1 56 ? 10.431  4.482   4.306   1.00 59.38  ? 55  PRO A C   1 
ATOM   442  O O   . PRO A 1 56 ? 11.294  5.368   4.270   1.00 59.32  ? 55  PRO A O   1 
ATOM   443  C CB  . PRO A 1 56 ? 9.535   3.364   2.218   1.00 34.50  ? 55  PRO A CB  1 
ATOM   444  C CG  . PRO A 1 56 ? 8.998   1.962   2.059   1.00 39.28  ? 55  PRO A CG  1 
ATOM   445  C CD  . PRO A 1 56 ? 9.009   1.377   3.431   1.00 36.27  ? 55  PRO A CD  1 
ATOM   446  N N   . LYS A 1 57 ? 9.389   4.538   5.128   1.00 51.27  ? 56  LYS A N   1 
ATOM   447  C CA  . LYS A 1 57 ? 9.249   5.538   6.174   1.00 42.25  ? 56  LYS A CA  1 
ATOM   448  C C   . LYS A 1 57 ? 9.053   4.821   7.503   1.00 44.11  ? 56  LYS A C   1 
ATOM   449  O O   . LYS A 1 57 ? 8.660   3.653   7.545   1.00 56.43  ? 56  LYS A O   1 
ATOM   450  C CB  . LYS A 1 57 ? 8.082   6.488   5.884   1.00 44.20  ? 56  LYS A CB  1 
ATOM   451  C CG  . LYS A 1 57 ? 8.086   7.026   4.458   1.00 47.79  ? 56  LYS A CG  1 
ATOM   452  C CD  . LYS A 1 57 ? 7.165   8.223   4.296   1.00 56.20  ? 56  LYS A CD  1 
ATOM   453  C CE  . LYS A 1 57 ? 7.067   8.640   2.835   1.00 52.84  ? 56  LYS A CE  1 
ATOM   454  N NZ  . LYS A 1 57 ? 8.411   8.888   2.240   1.00 44.72  ? 56  LYS A NZ  1 
ATOM   455  N N   . ASN A 1 58 ? 9.330   5.527   8.597   1.00 41.33  ? 57  ASN A N   1 
ATOM   456  C CA  . ASN A 1 58 ? 9.401   4.884   9.904   1.00 48.97  ? 57  ASN A CA  1 
ATOM   457  C C   . ASN A 1 58 ? 8.040   4.490   10.473  1.00 46.19  ? 57  ASN A C   1 
ATOM   458  O O   . ASN A 1 58 ? 7.971   4.121   11.651  1.00 54.96  ? 57  ASN A O   1 
ATOM   459  C CB  . ASN A 1 58 ? 10.130  5.786   10.906  1.00 57.54  ? 57  ASN A CB  1 
ATOM   460  C CG  . ASN A 1 58 ? 9.436   7.119   11.113  1.00 56.74  ? 57  ASN A CG  1 
ATOM   461  O OD1 . ASN A 1 58 ? 8.437   7.426   10.462  1.00 60.97  ? 57  ASN A OD1 1 
ATOM   462  N ND2 . ASN A 1 58 ? 9.963   7.918   12.033  1.00 67.57  ? 57  ASN A ND2 1 
ATOM   463  N N   . PHE A 1 59 ? 6.962   4.547   9.684   1.00 49.96  ? 58  PHE A N   1 
ATOM   464  C CA  . PHE A 1 59 ? 5.644   4.166   10.178  1.00 49.81  ? 58  PHE A CA  1 
ATOM   465  C C   . PHE A 1 59 ? 4.873   3.260   9.222   1.00 42.68  ? 58  PHE A C   1 
ATOM   466  O O   . PHE A 1 59 ? 3.673   3.045   9.432   1.00 44.20  ? 58  PHE A O   1 
ATOM   467  C CB  . PHE A 1 59 ? 4.805   5.409   10.510  1.00 47.17  ? 58  PHE A CB  1 
ATOM   468  C CG  . PHE A 1 59 ? 4.563   6.315   9.338   1.00 48.08  ? 58  PHE A CG  1 
ATOM   469  C CD1 . PHE A 1 59 ? 5.486   7.291   8.998   1.00 50.23  ? 58  PHE A CD1 1 
ATOM   470  C CD2 . PHE A 1 59 ? 3.408   6.199   8.582   1.00 48.50  ? 58  PHE A CD2 1 
ATOM   471  C CE1 . PHE A 1 59 ? 5.265   8.127   7.922   1.00 58.65  ? 58  PHE A CE1 1 
ATOM   472  C CE2 . PHE A 1 59 ? 3.181   7.032   7.506   1.00 49.41  ? 58  PHE A CE2 1 
ATOM   473  C CZ  . PHE A 1 59 ? 4.111   7.997   7.175   1.00 71.26  ? 58  PHE A CZ  1 
ATOM   474  N N   . TYR A 1 60 ? 5.515   2.719   8.188   1.00 38.87  ? 59  TYR A N   1 
ATOM   475  C CA  . TYR A 1 60 ? 4.901   1.646   7.419   1.00 37.41  ? 59  TYR A CA  1 
ATOM   476  C C   . TYR A 1 60 ? 5.987   0.808   6.762   1.00 37.27  ? 59  TYR A C   1 
ATOM   477  O O   . TYR A 1 60 ? 7.077   1.299   6.456   1.00 40.10  ? 59  TYR A O   1 
ATOM   478  C CB  . TYR A 1 60 ? 3.900   2.165   6.371   1.00 45.73  ? 59  TYR A CB  1 
ATOM   479  C CG  . TYR A 1 60 ? 4.464   2.972   5.215   1.00 37.80  ? 59  TYR A CG  1 
ATOM   480  C CD1 . TYR A 1 60 ? 4.994   2.345   4.092   1.00 35.44  ? 59  TYR A CD1 1 
ATOM   481  C CD2 . TYR A 1 60 ? 4.411   4.359   5.221   1.00 43.91  ? 59  TYR A CD2 1 
ATOM   482  C CE1 . TYR A 1 60 ? 5.488   3.077   3.026   1.00 50.01  ? 59  TYR A CE1 1 
ATOM   483  C CE2 . TYR A 1 60 ? 4.901   5.101   4.160   1.00 43.05  ? 59  TYR A CE2 1 
ATOM   484  C CZ  . TYR A 1 60 ? 5.439   4.455   3.066   1.00 45.46  ? 59  TYR A CZ  1 
ATOM   485  O OH  . TYR A 1 60 ? 5.926   5.190   2.009   1.00 44.14  ? 59  TYR A OH  1 
ATOM   486  N N   . SER A 1 61 ? 5.677   -0.471  6.571   1.00 44.38  ? 60  SER A N   1 
ATOM   487  C CA  . SER A 1 61 ? 6.555   -1.417  5.901   1.00 30.32  ? 60  SER A CA  1 
ATOM   488  C C   . SER A 1 61 ? 5.878   -1.929  4.638   1.00 29.35  ? 60  SER A C   1 
ATOM   489  O O   . SER A 1 61 ? 4.648   -1.994  4.556   1.00 42.17  ? 60  SER A O   1 
ATOM   490  C CB  . SER A 1 61 ? 6.913   -2.588  6.817   1.00 38.50  ? 60  SER A CB  1 
ATOM   491  O OG  . SER A 1 61 ? 7.509   -3.645  6.087   1.00 48.53  ? 60  SER A OG  1 
ATOM   492  N N   . VAL A 1 62 ? 6.691   -2.293  3.649   1.00 35.44  ? 61  VAL A N   1 
ATOM   493  C CA  . VAL A 1 62 ? 6.208   -2.636  2.317   1.00 32.98  ? 61  VAL A CA  1 
ATOM   494  C C   . VAL A 1 62 ? 6.763   -3.998  1.928   1.00 40.69  ? 61  VAL A C   1 
ATOM   495  O O   . VAL A 1 62 ? 7.962   -4.255  2.090   1.00 30.83  ? 61  VAL A O   1 
ATOM   496  C CB  . VAL A 1 62 ? 6.608   -1.572  1.277   1.00 27.92  ? 61  VAL A CB  1 
ATOM   497  C CG1 . VAL A 1 62 ? 6.168   -1.994  -0.110  1.00 30.14  ? 61  VAL A CG1 1 
ATOM   498  C CG2 . VAL A 1 62 ? 6.003   -0.231  1.637   1.00 28.56  ? 61  VAL A CG2 1 
ATOM   499  N N   . LEU A 1 63 ? 5.893   -4.865  1.414   1.00 34.03  ? 62  LEU A N   1 
ATOM   500  C CA  . LEU A 1 63 ? 6.265   -6.187  0.924   1.00 36.54  ? 62  LEU A CA  1 
ATOM   501  C C   . LEU A 1 63 ? 5.946   -6.249  -0.563  1.00 33.72  ? 62  LEU A C   1 
ATOM   502  O O   . LEU A 1 63 ? 4.802   -6.006  -0.962  1.00 57.21  ? 62  LEU A O   1 
ATOM   503  C CB  . LEU A 1 63 ? 5.518   -7.281  1.690   1.00 42.49  ? 62  LEU A CB  1 
ATOM   504  C CG  . LEU A 1 63 ? 6.015   -8.717  1.534   1.00 40.04  ? 62  LEU A CG  1 
ATOM   505  C CD1 . LEU A 1 63 ? 6.287   -9.345  2.893   1.00 38.70  ? 62  LEU A CD1 1 
ATOM   506  C CD2 . LEU A 1 63 ? 5.007   -9.539  0.753   1.00 43.84  ? 62  LEU A CD2 1 
ATOM   507  N N   . VAL A 1 64 ? 6.949   -6.579  -1.377  1.00 33.65  ? 63  VAL A N   1 
ATOM   508  C CA  . VAL A 1 64 ? 6.863   -6.462  -2.830  1.00 46.56  ? 63  VAL A CA  1 
ATOM   509  C C   . VAL A 1 64 ? 7.257   -7.791  -3.465  1.00 37.95  ? 63  VAL A C   1 
ATOM   510  O O   . VAL A 1 64 ? 8.271   -8.388  -3.088  1.00 38.94  ? 63  VAL A O   1 
ATOM   511  C CB  . VAL A 1 64 ? 7.761   -5.325  -3.357  1.00 37.79  ? 63  VAL A CB  1 
ATOM   512  C CG1 . VAL A 1 64 ? 7.924   -5.413  -4.869  1.00 26.11  ? 63  VAL A CG1 1 
ATOM   513  C CG2 . VAL A 1 64 ? 7.195   -3.977  -2.960  1.00 34.48  ? 63  VAL A CG2 1 
ATOM   514  N N   . ILE A 1 65 ? 6.460   -8.242  -4.433  1.00 37.46  ? 64  ILE A N   1 
ATOM   515  C CA  . ILE A 1 65 ? 6.728   -9.457  -5.196  1.00 32.37  ? 64  ILE A CA  1 
ATOM   516  C C   . ILE A 1 65 ? 6.773   -9.066  -6.668  1.00 35.67  ? 64  ILE A C   1 
ATOM   517  O O   . ILE A 1 65 ? 5.758   -8.644  -7.236  1.00 36.97  ? 64  ILE A O   1 
ATOM   518  C CB  . ILE A 1 65 ? 5.672   -10.539 -4.943  1.00 35.26  ? 64  ILE A CB  1 
ATOM   519  C CG1 . ILE A 1 65 ? 5.640   -10.913 -3.460  1.00 40.06  ? 64  ILE A CG1 1 
ATOM   520  C CG2 . ILE A 1 65 ? 5.947   -11.757 -5.797  1.00 37.68  ? 64  ILE A CG2 1 
ATOM   521  C CD1 . ILE A 1 65 ? 4.525   -11.863 -3.094  1.00 43.28  ? 64  ILE A CD1 1 
ATOM   522  N N   . LEU A 1 66 ? 7.946   -9.206  -7.288  1.00 38.03  ? 65  LEU A N   1 
ATOM   523  C CA  . LEU A 1 66 ? 8.129   -8.694  -8.643  1.00 36.45  ? 65  LEU A CA  1 
ATOM   524  C C   . LEU A 1 66 ? 7.437   -9.568  -9.683  1.00 49.89  ? 65  LEU A C   1 
ATOM   525  O O   . LEU A 1 66 ? 6.906   -9.055  -10.675 1.00 46.24  ? 65  LEU A O   1 
ATOM   526  C CB  . LEU A 1 66 ? 9.618   -8.565  -8.957  1.00 29.45  ? 65  LEU A CB  1 
ATOM   527  C CG  . LEU A 1 66 ? 10.369  -7.558  -8.085  1.00 32.76  ? 65  LEU A CG  1 
ATOM   528  C CD1 . LEU A 1 66 ? 11.791  -7.371  -8.578  1.00 24.77  ? 65  LEU A CD1 1 
ATOM   529  C CD2 . LEU A 1 66 ? 9.632   -6.230  -8.063  1.00 24.88  ? 65  LEU A CD2 1 
ATOM   530  N N   . SER A 1 67 ? 7.443   -10.886 -9.493  1.00 48.52  ? 66  SER A N   1 
ATOM   531  C CA  . SER A 1 67 ? 6.778   -11.803 -10.417 1.00 47.75  ? 66  SER A CA  1 
ATOM   532  C C   . SER A 1 67 ? 6.238   -12.966 -9.603  1.00 54.99  ? 66  SER A C   1 
ATOM   533  O O   . SER A 1 67 ? 7.011   -13.738 -9.023  1.00 52.16  ? 66  SER A O   1 
ATOM   534  C CB  . SER A 1 67 ? 7.722   -12.302 -11.510 1.00 44.06  ? 66  SER A CB  1 
ATOM   535  O OG  . SER A 1 67 ? 7.338   -13.602 -11.923 1.00 61.16  ? 66  SER A OG  1 
ATOM   536  N N   . ILE A 1 68 ? 4.914   -13.105 -9.584  1.00 49.29  ? 67  ILE A N   1 
ATOM   537  C CA  . ILE A 1 68 ? 4.285   -14.067 -8.695  1.00 55.23  ? 67  ILE A CA  1 
ATOM   538  C C   . ILE A 1 68 ? 4.381   -15.463 -9.291  1.00 62.06  ? 67  ILE A C   1 
ATOM   539  O O   . ILE A 1 68 ? 4.165   -15.671 -10.493 1.00 59.92  ? 67  ILE A O   1 
ATOM   540  C CB  . ILE A 1 68 ? 2.830   -13.655 -8.413  1.00 57.62  ? 67  ILE A CB  1 
ATOM   541  C CG1 . ILE A 1 68 ? 2.821   -12.517 -7.386  1.00 55.90  ? 67  ILE A CG1 1 
ATOM   542  C CG2 . ILE A 1 68 ? 2.007   -14.848 -7.942  1.00 55.36  ? 67  ILE A CG2 1 
ATOM   543  C CD1 . ILE A 1 68 ? 1.467   -12.032 -6.995  1.00 44.21  ? 67  ILE A CD1 1 
ATOM   544  N N   . GLN A 1 69 ? 4.734   -16.423 -8.450  1.00 63.22  ? 68  GLN A N   1 
ATOM   545  C CA  . GLN A 1 69 ? 4.836   -17.830 -8.805  1.00 65.17  ? 68  GLN A CA  1 
ATOM   546  C C   . GLN A 1 69 ? 4.105   -18.640 -7.751  1.00 68.95  ? 68  GLN A C   1 
ATOM   547  O O   . GLN A 1 69 ? 3.729   -18.113 -6.697  1.00 70.42  ? 68  GLN A O   1 
ATOM   548  C CB  . GLN A 1 69 ? 6.311   -18.253 -8.904  1.00 61.38  ? 68  GLN A CB  1 
ATOM   549  C CG  . GLN A 1 69 ? 7.187   -17.324 -9.726  1.00 69.83  ? 68  GLN A CG  1 
ATOM   550  C CD  . GLN A 1 69 ? 8.647   -17.433 -9.341  1.00 91.20  ? 68  GLN A CD  1 
ATOM   551  O OE1 . GLN A 1 69 ? 9.243   -18.508 -9.423  1.00 95.52  ? 68  GLN A OE1 1 
ATOM   552  N NE2 . GLN A 1 69 ? 9.233   -16.321 -8.918  1.00 70.88  ? 68  GLN A NE2 1 
ATOM   553  N N   . PRO A 1 70 ? 3.858   -19.930 -8.009  1.00 69.30  ? 69  PRO A N   1 
ATOM   554  C CA  . PRO A 1 70 ? 3.100   -20.740 -7.037  1.00 55.73  ? 69  PRO A CA  1 
ATOM   555  C C   . PRO A 1 70 ? 3.688   -20.781 -5.632  1.00 49.67  ? 69  PRO A C   1 
ATOM   556  O O   . PRO A 1 70 ? 2.935   -20.990 -4.674  1.00 46.83  ? 69  PRO A O   1 
ATOM   557  C CB  . PRO A 1 70 ? 3.105   -22.130 -7.681  1.00 69.79  ? 69  PRO A CB  1 
ATOM   558  C CG  . PRO A 1 70 ? 3.139   -21.850 -9.142  1.00 54.16  ? 69  PRO A CG  1 
ATOM   559  C CD  . PRO A 1 70 ? 4.013   -20.635 -9.298  1.00 51.86  ? 69  PRO A CD  1 
ATOM   560  N N   . ASN A 1 71 ? 5.003   -20.608 -5.469  1.00 64.61  ? 70  ASN A N   1 
ATOM   561  C CA  . ASN A 1 71 ? 5.587   -20.628 -4.131  1.00 67.36  ? 70  ASN A CA  1 
ATOM   562  C C   . ASN A 1 71 ? 4.996   -19.548 -3.234  1.00 58.71  ? 70  ASN A C   1 
ATOM   563  O O   . ASN A 1 71 ? 4.931   -19.716 -2.009  1.00 51.75  ? 70  ASN A O   1 
ATOM   564  C CB  . ASN A 1 71 ? 7.104   -20.459 -4.215  1.00 79.79  ? 70  ASN A CB  1 
ATOM   565  C CG  . ASN A 1 71 ? 7.517   -19.448 -5.266  1.00 92.57  ? 70  ASN A CG  1 
ATOM   566  O OD1 . ASN A 1 71 ? 7.180   -19.594 -6.439  1.00 84.58  ? 70  ASN A OD1 1 
ATOM   567  N ND2 . ASN A 1 71 ? 8.245   -18.419 -4.851  1.00 99.65  ? 70  ASN A ND2 1 
ATOM   568  N N   . HIS A 1 72 ? 4.558   -18.437 -3.826  1.00 52.67  ? 71  HIS A N   1 
ATOM   569  C CA  . HIS A 1 72 ? 4.144   -17.261 -3.074  1.00 53.93  ? 71  HIS A CA  1 
ATOM   570  C C   . HIS A 1 72 ? 2.799   -17.427 -2.380  1.00 48.78  ? 71  HIS A C   1 
ATOM   571  O O   . HIS A 1 72 ? 2.397   -16.527 -1.636  1.00 56.59  ? 71  HIS A O   1 
ATOM   572  C CB  . HIS A 1 72 ? 4.106   -16.048 -4.006  1.00 49.68  ? 71  HIS A CB  1 
ATOM   573  C CG  . HIS A 1 72 ? 5.462   -15.575 -4.431  1.00 51.74  ? 71  HIS A CG  1 
ATOM   574  N ND1 . HIS A 1 72 ? 5.848   -15.501 -5.753  1.00 64.72  ? 71  HIS A ND1 1 
ATOM   575  C CD2 . HIS A 1 72 ? 6.527   -15.157 -3.706  1.00 52.76  ? 71  HIS A CD2 1 
ATOM   576  C CE1 . HIS A 1 72 ? 7.091   -15.055 -5.823  1.00 58.79  ? 71  HIS A CE1 1 
ATOM   577  N NE2 . HIS A 1 72 ? 7.524   -14.838 -4.595  1.00 50.17  ? 71  HIS A NE2 1 
ATOM   578  N N   . ILE A 1 73 ? 2.101   -18.542 -2.595  1.00 40.87  ? 72  ILE A N   1 
ATOM   579  C CA  . ILE A 1 73 ? 0.836   -18.779 -1.913  1.00 46.90  ? 72  ILE A CA  1 
ATOM   580  C C   . ILE A 1 73 ? 1.088   -19.018 -0.429  1.00 42.32  ? 72  ILE A C   1 
ATOM   581  O O   . ILE A 1 73 ? 2.005   -19.757 -0.043  1.00 59.48  ? 72  ILE A O   1 
ATOM   582  C CB  . ILE A 1 73 ? 0.100   -19.962 -2.565  1.00 59.20  ? 72  ILE A CB  1 
ATOM   583  C CG1 . ILE A 1 73 ? 0.102   -19.815 -4.091  1.00 55.14  ? 72  ILE A CG1 1 
ATOM   584  C CG2 . ILE A 1 73 ? -1.315  -20.086 -2.026  1.00 62.39  ? 72  ILE A CG2 1 
ATOM   585  C CD1 . ILE A 1 73 ? -0.873  -20.735 -4.796  1.00 66.96  ? 72  ILE A CD1 1 
ATOM   586  N N   . GLY A 1 74 ? 0.276   -18.389 0.409   1.00 36.21  ? 73  GLY A N   1 
ATOM   587  C CA  . GLY A 1 74 ? 0.413   -18.516 1.846   1.00 38.96  ? 73  GLY A CA  1 
ATOM   588  C C   . GLY A 1 74 ? -0.205  -17.323 2.544   1.00 45.76  ? 73  GLY A C   1 
ATOM   589  O O   . GLY A 1 74 ? -0.707  -16.394 1.913   1.00 45.04  ? 73  GLY A O   1 
ATOM   590  N N   . ASN A 1 75 ? -0.165  -17.371 3.877   1.00 41.23  ? 74  ASN A N   1 
ATOM   591  C CA  . ASN A 1 75 ? -0.665  -16.276 4.700   1.00 52.16  ? 74  ASN A CA  1 
ATOM   592  C C   . ASN A 1 75 ? 0.524   -15.441 5.165   1.00 50.44  ? 74  ASN A C   1 
ATOM   593  O O   . ASN A 1 75 ? 1.431   -15.957 5.828   1.00 39.64  ? 74  ASN A O   1 
ATOM   594  C CB  . ASN A 1 75 ? -1.468  -16.782 5.903   1.00 42.75  ? 74  ASN A CB  1 
ATOM   595  C CG  . ASN A 1 75 ? -2.404  -17.924 5.548   1.00 68.21  ? 74  ASN A CG  1 
ATOM   596  O OD1 . ASN A 1 75 ? -2.936  -18.000 4.437   1.00 74.52  ? 74  ASN A OD1 1 
ATOM   597  N ND2 . ASN A 1 75 ? -2.614  -18.817 6.513   1.00 90.13  ? 74  ASN A ND2 1 
ATOM   598  N N   . TYR A 1 76 ? 0.514   -14.157 4.812   1.00 48.12  ? 75  TYR A N   1 
ATOM   599  C CA  . TYR A 1 76 ? 1.581   -13.225 5.151   1.00 42.76  ? 75  TYR A CA  1 
ATOM   600  C C   . TYR A 1 76 ? 1.151   -12.385 6.346   1.00 47.44  ? 75  TYR A C   1 
ATOM   601  O O   . TYR A 1 76 ? 0.060   -11.808 6.340   1.00 45.83  ? 75  TYR A O   1 
ATOM   602  C CB  . TYR A 1 76 ? 1.902   -12.316 3.963   1.00 30.38  ? 75  TYR A CB  1 
ATOM   603  C CG  . TYR A 1 76 ? 2.498   -13.023 2.767   1.00 39.83  ? 75  TYR A CG  1 
ATOM   604  C CD1 . TYR A 1 76 ? 1.722   -13.852 1.965   1.00 45.08  ? 75  TYR A CD1 1 
ATOM   605  C CD2 . TYR A 1 76 ? 3.830   -12.839 2.422   1.00 42.53  ? 75  TYR A CD2 1 
ATOM   606  C CE1 . TYR A 1 76 ? 2.263   -14.492 0.866   1.00 52.14  ? 75  TYR A CE1 1 
ATOM   607  C CE2 . TYR A 1 76 ? 4.379   -13.473 1.325   1.00 40.46  ? 75  TYR A CE2 1 
ATOM   608  C CZ  . TYR A 1 76 ? 3.591   -14.298 0.550   1.00 45.10  ? 75  TYR A CZ  1 
ATOM   609  O OH  . TYR A 1 76 ? 4.134   -14.932 -0.544  1.00 53.28  ? 75  TYR A OH  1 
ATOM   610  N N   . THR A 1 77 ? 2.013   -12.301 7.356   1.00 45.52  ? 76  THR A N   1 
ATOM   611  C CA  . THR A 1 77 ? 1.689   -11.637 8.613   1.00 41.19  ? 76  THR A CA  1 
ATOM   612  C C   . THR A 1 77 ? 2.683   -10.520 8.884   1.00 45.62  ? 76  THR A C   1 
ATOM   613  O O   . THR A 1 77 ? 3.897   -10.728 8.798   1.00 50.58  ? 76  THR A O   1 
ATOM   614  C CB  . THR A 1 77 ? 1.696   -12.628 9.780   1.00 40.80  ? 76  THR A CB  1 
ATOM   615  O OG1 . THR A 1 77 ? 0.653   -13.593 9.601   1.00 47.52  ? 76  THR A OG1 1 
ATOM   616  C CG2 . THR A 1 77 ? 1.488   -11.900 11.101  1.00 40.42  ? 76  THR A CG2 1 
ATOM   617  N N   . CYS A 1 78 ? 2.165   -9.342  9.218   1.00 47.05  ? 77  CYS A N   1 
ATOM   618  C CA  . CYS A 1 78 ? 2.978   -8.219  9.660   1.00 39.44  ? 77  CYS A CA  1 
ATOM   619  C C   . CYS A 1 78 ? 2.804   -8.008  11.155  1.00 40.32  ? 77  CYS A C   1 
ATOM   620  O O   . CYS A 1 78 ? 1.710   -8.203  11.694  1.00 53.12  ? 77  CYS A O   1 
ATOM   621  C CB  . CYS A 1 78 ? 2.604   -6.938  8.921   1.00 40.82  ? 77  CYS A CB  1 
ATOM   622  S SG  . CYS A 1 78 ? 3.230   -5.442  9.710   1.00 40.41  ? 77  CYS A SG  1 
ATOM   623  N N   . ILE A 1 79 ? 3.889   -7.622  11.823  1.00 33.89  ? 78  ILE A N   1 
ATOM   624  C CA  . ILE A 1 79 ? 3.880   -7.369  13.259  1.00 33.47  ? 78  ILE A CA  1 
ATOM   625  C C   . ILE A 1 79 ? 4.594   -6.050  13.512  1.00 44.31  ? 78  ILE A C   1 
ATOM   626  O O   . ILE A 1 79 ? 5.788   -5.918  13.214  1.00 51.86  ? 78  ILE A O   1 
ATOM   627  C CB  . ILE A 1 79 ? 4.543   -8.504  14.061  1.00 33.08  ? 78  ILE A CB  1 
ATOM   628  C CG1 . ILE A 1 79 ? 4.099   -9.879  13.552  1.00 34.08  ? 78  ILE A CG1 1 
ATOM   629  C CG2 . ILE A 1 79 ? 4.199   -8.376  15.526  1.00 33.45  ? 78  ILE A CG2 1 
ATOM   630  C CD1 . ILE A 1 79 ? 5.096   -10.553 12.634  1.00 32.33  ? 78  ILE A CD1 1 
ATOM   631  N N   . VAL A 1 80 ? 3.868   -5.079  14.058  1.00 35.26  ? 79  VAL A N   1 
ATOM   632  C CA  . VAL A 1 80 ? 4.417   -3.777  14.412  1.00 38.02  ? 79  VAL A CA  1 
ATOM   633  C C   . VAL A 1 80 ? 4.584   -3.715  15.924  1.00 35.58  ? 79  VAL A C   1 
ATOM   634  O O   . VAL A 1 80 ? 3.772   -4.270  16.674  1.00 39.72  ? 79  VAL A O   1 
ATOM   635  C CB  . VAL A 1 80 ? 3.523   -2.628  13.905  1.00 41.82  ? 79  VAL A CB  1 
ATOM   636  C CG1 . VAL A 1 80 ? 4.306   -1.321  13.870  1.00 40.62  ? 79  VAL A CG1 1 
ATOM   637  C CG2 . VAL A 1 80 ? 2.992   -2.953  12.527  1.00 58.24  ? 79  VAL A CG2 1 
ATOM   638  N N   . LYS A 1 81 ? 5.641   -3.043  16.362  1.00 37.26  ? 80  LYS A N   1 
ATOM   639  C CA  . LYS A 1 81 ? 5.997   -2.952  17.769  1.00 35.49  ? 80  LYS A CA  1 
ATOM   640  C C   . LYS A 1 81 ? 6.394   -1.522  18.100  1.00 43.26  ? 80  LYS A C   1 
ATOM   641  O O   . LYS A 1 81 ? 6.923   -0.799  17.252  1.00 51.34  ? 80  LYS A O   1 
ATOM   642  C CB  . LYS A 1 81 ? 7.163   -3.883  18.111  1.00 29.63  ? 80  LYS A CB  1 
ATOM   643  C CG  . LYS A 1 81 ? 7.366   -4.159  19.593  1.00 47.71  ? 80  LYS A CG  1 
ATOM   644  C CD  . LYS A 1 81 ? 8.761   -4.713  19.837  1.00 38.55  ? 80  LYS A CD  1 
ATOM   645  C CE  . LYS A 1 81 ? 9.805   -3.613  19.738  1.00 41.93  ? 80  LYS A CE  1 
ATOM   646  N NZ  . LYS A 1 81 ? 9.635   -2.592  20.809  1.00 57.12  ? 80  LYS A NZ  1 
ATOM   647  N N   . ASN A 1 82 ? 6.133   -1.124  19.338  1.00 41.58  ? 81  ASN A N   1 
ATOM   648  C CA  . ASN A 1 82 ? 6.750   0.074   19.901  1.00 54.73  ? 81  ASN A CA  1 
ATOM   649  C C   . ASN A 1 82 ? 6.904   -0.141  21.407  1.00 46.41  ? 81  ASN A C   1 
ATOM   650  O O   . ASN A 1 82 ? 6.822   -1.270  21.896  1.00 54.90  ? 81  ASN A O   1 
ATOM   651  C CB  . ASN A 1 82 ? 5.960   1.343   19.510  1.00 42.53  ? 81  ASN A CB  1 
ATOM   652  C CG  . ASN A 1 82 ? 4.616   1.479   20.227  1.00 41.22  ? 81  ASN A CG  1 
ATOM   653  O OD1 . ASN A 1 82 ? 4.303   0.749   21.167  1.00 53.96  ? 81  ASN A OD1 1 
ATOM   654  N ND2 . ASN A 1 82 ? 3.815   2.436   19.773  1.00 33.90  ? 81  ASN A ND2 1 
ATOM   655  N N   . SER A 1 83 ? 7.126   0.955   22.138  1.00 35.84  ? 82  SER A N   1 
ATOM   656  C CA  . SER A 1 83 ? 7.423   0.882   23.568  1.00 27.05  ? 82  SER A CA  1 
ATOM   657  C C   . SER A 1 83 ? 6.304   0.213   24.363  1.00 49.49  ? 82  SER A C   1 
ATOM   658  O O   . SER A 1 83 ? 6.553   -0.568  25.288  1.00 40.68  ? 82  SER A O   1 
ATOM   659  C CB  . SER A 1 83 ? 7.638   2.286   24.113  1.00 42.85  ? 82  SER A CB  1 
ATOM   660  O OG  . SER A 1 83 ? 8.292   3.129   23.180  1.00 80.53  ? 82  SER A OG  1 
ATOM   661  N N   . VAL A 1 84 ? 5.058   0.507   24.013  1.00 37.14  ? 83  VAL A N   1 
ATOM   662  C CA  . VAL A 1 84 ? 3.924   0.241   24.891  1.00 39.14  ? 83  VAL A CA  1 
ATOM   663  C C   . VAL A 1 84 ? 2.996   -0.843  24.367  1.00 54.49  ? 83  VAL A C   1 
ATOM   664  O O   . VAL A 1 84 ? 2.070   -1.240  25.090  1.00 58.86  ? 83  VAL A O   1 
ATOM   665  C CB  . VAL A 1 84 ? 3.121   1.530   25.163  1.00 40.06  ? 83  VAL A CB  1 
ATOM   666  C CG1 . VAL A 1 84 ? 3.965   2.522   25.957  1.00 29.70  ? 83  VAL A CG1 1 
ATOM   667  C CG2 . VAL A 1 84 ? 2.647   2.136   23.859  1.00 38.09  ? 83  VAL A CG2 1 
ATOM   668  N N   . GLY A 1 85 ? 3.208   -1.349  23.157  1.00 56.12  ? 84  GLY A N   1 
ATOM   669  C CA  . GLY A 1 85 ? 2.330   -2.391  22.657  1.00 52.41  ? 84  GLY A CA  1 
ATOM   670  C C   . GLY A 1 85 ? 2.798   -2.914  21.319  1.00 43.12  ? 84  GLY A C   1 
ATOM   671  O O   . GLY A 1 85 ? 3.850   -2.528  20.803  1.00 48.77  ? 84  GLY A O   1 
ATOM   672  N N   . SER A 1 86 ? 1.988   -3.813  20.761  1.00 36.79  ? 85  SER A N   1 
ATOM   673  C CA  . SER A 1 86 ? 2.254   -4.375  19.448  1.00 35.87  ? 85  SER A CA  1 
ATOM   674  C C   . SER A 1 86 ? 0.930   -4.705  18.770  1.00 37.46  ? 85  SER A C   1 
ATOM   675  O O   . SER A 1 86 ? -0.130  -4.727  19.401  1.00 55.57  ? 85  SER A O   1 
ATOM   676  C CB  . SER A 1 86 ? 3.147   -5.618  19.540  1.00 36.44  ? 85  SER A CB  1 
ATOM   677  O OG  . SER A 1 86 ? 2.467   -6.701  20.145  1.00 29.17  ? 85  SER A OG  1 
ATOM   678  N N   . ASP A 1 87 ? 1.004   -4.957  17.466  1.00 38.84  ? 86  ASP A N   1 
ATOM   679  C CA  . ASP A 1 87 ? -0.174  -5.327  16.697  1.00 46.75  ? 86  ASP A CA  1 
ATOM   680  C C   . ASP A 1 87 ? 0.238   -6.290  15.592  1.00 36.29  ? 86  ASP A C   1 
ATOM   681  O O   . ASP A 1 87 ? 1.424   -6.462  15.295  1.00 41.84  ? 86  ASP A O   1 
ATOM   682  C CB  . ASP A 1 87 ? -0.877  -4.093  16.119  1.00 38.97  ? 86  ASP A CB  1 
ATOM   683  C CG  . ASP A 1 87 ? -2.281  -4.400  15.633  1.00 48.08  ? 86  ASP A CG  1 
ATOM   684  O OD1 . ASP A 1 87 ? -2.943  -5.263  16.247  1.00 57.73  ? 86  ASP A OD1 1 
ATOM   685  O OD2 . ASP A 1 87 ? -2.721  -3.786  14.638  1.00 45.01  ? 86  ASP A OD2 1 
ATOM   686  N N   . SER A 1 88 ? -0.765  -6.918  14.983  1.00 45.51  ? 87  SER A N   1 
ATOM   687  C CA  . SER A 1 88 ? -0.533  -7.934  13.970  1.00 38.36  ? 87  SER A CA  1 
ATOM   688  C C   . SER A 1 88 ? -1.693  -7.956  12.985  1.00 36.15  ? 87  SER A C   1 
ATOM   689  O O   . SER A 1 88 ? -2.838  -7.666  13.342  1.00 53.65  ? 87  SER A O   1 
ATOM   690  C CB  . SER A 1 88 ? -0.354  -9.317  14.606  1.00 44.91  ? 87  SER A CB  1 
ATOM   691  O OG  . SER A 1 88 ? -0.866  -10.335 13.767  1.00 69.66  ? 87  SER A OG  1 
ATOM   692  N N   . PHE A 1 89 ? -1.381  -8.300  11.737  1.00 38.70  ? 88  PHE A N   1 
ATOM   693  C CA  . PHE A 1 89 ? -2.392  -8.478  10.706  1.00 38.69  ? 88  PHE A CA  1 
ATOM   694  C C   . PHE A 1 89 ? -1.888  -9.504  9.706   1.00 49.66  ? 88  PHE A C   1 
ATOM   695  O O   . PHE A 1 89 ? -0.687  -9.593  9.437   1.00 43.82  ? 88  PHE A O   1 
ATOM   696  C CB  . PHE A 1 89 ? -2.729  -7.166  9.986   1.00 35.97  ? 88  PHE A CB  1 
ATOM   697  C CG  . PHE A 1 89 ? -3.944  -7.257  9.106   1.00 39.98  ? 88  PHE A CG  1 
ATOM   698  C CD1 . PHE A 1 89 ? -5.207  -7.034  9.627   1.00 37.11  ? 88  PHE A CD1 1 
ATOM   699  C CD2 . PHE A 1 89 ? -3.825  -7.569  7.759   1.00 39.16  ? 88  PHE A CD2 1 
ATOM   700  C CE1 . PHE A 1 89 ? -6.328  -7.118  8.825   1.00 30.36  ? 88  PHE A CE1 1 
ATOM   701  C CE2 . PHE A 1 89 ? -4.944  -7.655  6.952   1.00 34.15  ? 88  PHE A CE2 1 
ATOM   702  C CZ  . PHE A 1 89 ? -6.197  -7.430  7.486   1.00 46.55  ? 88  PHE A CZ  1 
ATOM   703  N N   . THR A 1 90 ? -2.823  -10.274 9.153   1.00 47.42  ? 89  THR A N   1 
ATOM   704  C CA  . THR A 1 90 ? -2.504  -11.355 8.231   1.00 42.08  ? 89  THR A CA  1 
ATOM   705  C C   . THR A 1 90 ? -3.376  -11.250 6.990   1.00 34.94  ? 89  THR A C   1 
ATOM   706  O O   . THR A 1 90 ? -4.597  -11.094 7.093   1.00 57.23  ? 89  THR A O   1 
ATOM   707  C CB  . THR A 1 90 ? -2.700  -12.721 8.896   1.00 43.38  ? 89  THR A CB  1 
ATOM   708  O OG1 . THR A 1 90 ? -2.026  -12.736 10.161  1.00 45.34  ? 89  THR A OG1 1 
ATOM   709  C CG2 . THR A 1 90 ? -2.138  -13.824 8.015   1.00 28.88  ? 89  THR A CG2 1 
ATOM   710  N N   . ALA A 1 91 ? -2.743  -11.328 5.821   1.00 32.50  ? 90  ALA A N   1 
ATOM   711  C CA  . ALA A 1 91 ? -3.431  -11.391 4.540   1.00 28.19  ? 90  ALA A CA  1 
ATOM   712  C C   . ALA A 1 91 ? -2.895  -12.581 3.758   1.00 43.49  ? 90  ALA A C   1 
ATOM   713  O O   . ALA A 1 91 ? -1.688  -12.847 3.769   1.00 42.79  ? 90  ALA A O   1 
ATOM   714  C CB  . ALA A 1 91 ? -3.250  -10.100 3.733   1.00 33.75  ? 90  ALA A CB  1 
ATOM   715  N N   . SER A 1 92 ? -3.793  -13.294 3.081   1.00 50.05  ? 91  SER A N   1 
ATOM   716  C CA  . SER A 1 92 ? -3.465  -14.541 2.408   1.00 49.43  ? 91  SER A CA  1 
ATOM   717  C C   . SER A 1 92 ? -3.454  -14.340 0.899   1.00 42.52  ? 91  SER A C   1 
ATOM   718  O O   . SER A 1 92 ? -4.340  -13.689 0.339   1.00 46.95  ? 91  SER A O   1 
ATOM   719  C CB  . SER A 1 92 ? -4.454  -15.652 2.783   1.00 46.73  ? 91  SER A CB  1 
ATOM   720  O OG  . SER A 1 92 ? -5.448  -15.811 1.787   1.00 62.58  ? 91  SER A OG  1 
ATOM   721  N N   . LEU A 1 93 ? -2.453  -14.923 0.250   1.00 45.93  ? 92  LEU A N   1 
ATOM   722  C CA  . LEU A 1 93 ? -2.280  -14.841 -1.193  1.00 50.96  ? 92  LEU A CA  1 
ATOM   723  C C   . LEU A 1 93 ? -2.823  -16.118 -1.827  1.00 61.36  ? 92  LEU A C   1 
ATOM   724  O O   . LEU A 1 93 ? -2.357  -17.217 -1.507  1.00 57.98  ? 92  LEU A O   1 
ATOM   725  C CB  . LEU A 1 93 ? -0.802  -14.643 -1.533  1.00 42.22  ? 92  LEU A CB  1 
ATOM   726  C CG  . LEU A 1 93 ? -0.355  -14.092 -2.891  1.00 32.76  ? 92  LEU A CG  1 
ATOM   727  C CD1 . LEU A 1 93 ? 1.029   -13.480 -2.775  1.00 44.82  ? 92  LEU A CD1 1 
ATOM   728  C CD2 . LEU A 1 93 ? -0.345  -15.188 -3.943  1.00 50.26  ? 92  LEU A CD2 1 
ATOM   729  N N   . ILE A 1 94 ? -3.798  -15.976 -2.725  1.00 59.38  ? 93  ILE A N   1 
ATOM   730  C CA  . ILE A 1 94 ? -4.438  -17.110 -3.381  1.00 65.45  ? 93  ILE A CA  1 
ATOM   731  C C   . ILE A 1 94 ? -4.265  -16.973 -4.887  1.00 64.60  ? 93  ILE A C   1 
ATOM   732  O O   . ILE A 1 94 ? -4.310  -15.863 -5.431  1.00 71.26  ? 93  ILE A O   1 
ATOM   733  C CB  . ILE A 1 94 ? -5.934  -17.222 -3.010  1.00 59.05  ? 93  ILE A CB  1 
ATOM   734  C CG1 . ILE A 1 94 ? -6.112  -17.182 -1.492  1.00 64.01  ? 93  ILE A CG1 1 
ATOM   735  C CG2 . ILE A 1 94 ? -6.537  -18.505 -3.566  1.00 78.97  ? 93  ILE A CG2 1 
ATOM   736  C CD1 . ILE A 1 94 ? -7.489  -16.735 -1.053  1.00 56.33  ? 93  ILE A CD1 1 
ATOM   737  N N   . LEU A 1 95 ? -4.063  -18.105 -5.556  1.00 72.91  ? 94  LEU A N   1 
ATOM   738  C CA  . LEU A 1 95 ? -3.929  -18.168 -7.009  1.00 75.73  ? 94  LEU A CA  1 
ATOM   739  C C   . LEU A 1 95 ? -5.079  -19.013 -7.550  1.00 90.35  ? 94  LEU A C   1 
ATOM   740  O O   . LEU A 1 95 ? -5.036  -20.246 -7.487  1.00 96.12  ? 94  LEU A O   1 
ATOM   741  C CB  . LEU A 1 95 ? -2.575  -18.747 -7.408  1.00 62.08  ? 94  LEU A CB  1 
ATOM   742  C CG  . LEU A 1 95 ? -1.460  -17.746 -7.711  1.00 68.33  ? 94  LEU A CG  1 
ATOM   743  C CD1 . LEU A 1 95 ? -0.156  -18.469 -8.018  1.00 51.30  ? 94  LEU A CD1 1 
ATOM   744  C CD2 . LEU A 1 95 ? -1.852  -16.834 -8.860  1.00 82.76  ? 94  LEU A CD2 1 
ATOM   745  N N   . LYS A 1 96 ? -6.102  -18.354 -8.083  1.00 95.46  ? 95  LYS A N   1 
ATOM   746  C CA  . LYS A 1 96 ? -7.277  -19.052 -8.593  1.00 100.99 ? 95  LYS A CA  1 
ATOM   747  C C   . LYS A 1 96 ? -6.978  -19.738 -9.920  1.00 103.75 ? 95  LYS A C   1 
ATOM   748  O O   . LYS A 1 96 ? -7.716  -20.621 -10.358 1.00 103.84 ? 95  LYS A O   1 
ATOM   749  C CB  . LYS A 1 96 ? -8.448  -18.080 -8.748  1.00 83.72  ? 95  LYS A CB  1 
ATOM   750  C CG  . LYS A 1 96 ? -8.948  -17.515 -7.429  1.00 87.04  ? 95  LYS A CG  1 
ATOM   751  C CD  . LYS A 1 96 ? -10.173 -16.637 -7.618  1.00 84.30  ? 95  LYS A CD  1 
ATOM   752  C CE  . LYS A 1 96 ? -10.845 -16.353 -6.285  1.00 62.09  ? 95  LYS A CE  1 
ATOM   753  N NZ  . LYS A 1 96 ? -12.113 -15.593 -6.445  1.00 54.28  ? 95  LYS A NZ  1 
ATOM   754  N N   . SER B 1 1  ? 2.848   -4.661  -24.502 1.00 70.44  ? 0   SER B N   1 
ATOM   755  C CA  . SER B 1 1  ? 1.847   -5.595  -25.008 1.00 84.25  ? 0   SER B CA  1 
ATOM   756  C C   . SER B 1 1  ? 0.685   -5.756  -24.046 1.00 87.43  ? 0   SER B C   1 
ATOM   757  O O   . SER B 1 1  ? -0.300  -6.408  -24.363 1.00 91.71  ? 0   SER B O   1 
ATOM   758  C CB  . SER B 1 1  ? 2.481   -6.957  -25.312 1.00 86.37  ? 0   SER B CB  1 
ATOM   759  O OG  . SER B 1 1  ? 1.559   -8.021  -25.148 1.00 88.04  ? 0   SER B OG  1 
ATOM   760  N N   . THR B 1 2  ? 0.775   -5.112  -22.890 1.00 75.10  ? 1   THR B N   1 
ATOM   761  C CA  . THR B 1 2  ? -0.181  -5.336  -21.820 1.00 71.71  ? 1   THR B CA  1 
ATOM   762  C C   . THR B 1 2  ? -0.660  -4.002  -21.270 1.00 68.76  ? 1   THR B C   1 
ATOM   763  O O   . THR B 1 2  ? 0.151   -3.157  -20.869 1.00 77.81  ? 1   THR B O   1 
ATOM   764  C CB  . THR B 1 2  ? 0.433   -6.185  -20.696 1.00 73.78  ? 1   THR B CB  1 
ATOM   765  O OG1 . THR B 1 2  ? 1.070   -7.347  -21.248 1.00 81.14  ? 1   THR B OG1 1 
ATOM   766  C CG2 . THR B 1 2  ? -0.657  -6.638  -19.717 1.00 59.69  ? 1   THR B CG2 1 
ATOM   767  N N   . VAL B 1 3  ? -1.976  -3.838  -21.230 1.00 75.15  ? 2   VAL B N   1 
ATOM   768  C CA  . VAL B 1 3  ? -2.605  -2.596  -20.769 1.00 78.65  ? 2   VAL B CA  1 
ATOM   769  C C   . VAL B 1 3  ? -2.466  -2.495  -19.254 1.00 71.19  ? 2   VAL B C   1 
ATOM   770  O O   . VAL B 1 3  ? -2.545  -3.526  -18.559 1.00 68.90  ? 2   VAL B O   1 
ATOM   771  C CB  . VAL B 1 3  ? -4.079  -2.562  -21.201 1.00 61.62  ? 2   VAL B CB  1 
ATOM   772  C CG1 . VAL B 1 3  ? -4.762  -3.880  -20.879 1.00 57.93  ? 2   VAL B CG1 1 
ATOM   773  C CG2 . VAL B 1 3  ? -4.839  -1.396  -20.558 1.00 63.47  ? 2   VAL B CG2 1 
ATOM   774  N N   . PRO B 1 4  ? -2.233  -1.303  -18.698 1.00 68.04  ? 3   PRO B N   1 
ATOM   775  C CA  . PRO B 1 4  ? -2.118  -1.179  -17.241 1.00 71.54  ? 3   PRO B CA  1 
ATOM   776  C C   . PRO B 1 4  ? -3.387  -1.620  -16.526 1.00 63.52  ? 3   PRO B C   1 
ATOM   777  O O   . PRO B 1 4  ? -4.496  -1.524  -17.055 1.00 60.83  ? 3   PRO B O   1 
ATOM   778  C CB  . PRO B 1 4  ? -1.853  0.316   -17.030 1.00 62.67  ? 3   PRO B CB  1 
ATOM   779  C CG  . PRO B 1 4  ? -1.263  0.780   -18.313 1.00 61.24  ? 3   PRO B CG  1 
ATOM   780  C CD  . PRO B 1 4  ? -1.901  -0.044  -19.389 1.00 65.05  ? 3   PRO B CD  1 
ATOM   781  N N   . GLN B 1 5  ? -3.204  -2.111  -15.300 1.00 69.04  ? 4   GLN B N   1 
ATOM   782  C CA  . GLN B 1 5  ? -4.299  -2.606  -14.475 1.00 64.98  ? 4   GLN B CA  1 
ATOM   783  C C   . GLN B 1 5  ? -3.988  -2.278  -13.022 1.00 54.63  ? 4   GLN B C   1 
ATOM   784  O O   . GLN B 1 5  ? -2.946  -2.688  -12.504 1.00 58.20  ? 4   GLN B O   1 
ATOM   785  C CB  . GLN B 1 5  ? -4.489  -4.113  -14.664 1.00 58.74  ? 4   GLN B CB  1 
ATOM   786  C CG  . GLN B 1 5  ? -5.619  -4.710  -13.847 1.00 75.32  ? 4   GLN B CG  1 
ATOM   787  C CD  . GLN B 1 5  ? -5.453  -6.200  -13.634 1.00 83.00  ? 4   GLN B CD  1 
ATOM   788  O OE1 . GLN B 1 5  ? -5.332  -6.966  -14.591 1.00 74.39  ? 4   GLN B OE1 1 
ATOM   789  N NE2 . GLN B 1 5  ? -5.447  -6.621  -12.375 1.00 82.19  ? 4   GLN B NE2 1 
ATOM   790  N N   . ILE B 1 6  ? -4.887  -1.544  -12.369 1.00 46.90  ? 5   ILE B N   1 
ATOM   791  C CA  . ILE B 1 6  ? -4.645  -0.999  -11.037 1.00 51.63  ? 5   ILE B CA  1 
ATOM   792  C C   . ILE B 1 6  ? -5.301  -1.889  -9.993  1.00 55.53  ? 5   ILE B C   1 
ATOM   793  O O   . ILE B 1 6  ? -6.474  -2.260  -10.126 1.00 63.24  ? 5   ILE B O   1 
ATOM   794  C CB  . ILE B 1 6  ? -5.169  0.442   -10.923 1.00 48.65  ? 5   ILE B CB  1 
ATOM   795  C CG1 . ILE B 1 6  ? -4.394  1.372   -11.855 1.00 47.63  ? 5   ILE B CG1 1 
ATOM   796  C CG2 . ILE B 1 6  ? -5.081  0.934   -9.486  1.00 35.72  ? 5   ILE B CG2 1 
ATOM   797  C CD1 . ILE B 1 6  ? -4.995  2.752   -11.959 1.00 44.16  ? 5   ILE B CD1 1 
ATOM   798  N N   . LYS B 1 7  ? -4.554  -2.219  -8.952  1.00 48.85  ? 6   LYS B N   1 
ATOM   799  C CA  . LYS B 1 7  ? -5.134  -2.913  -7.815  1.00 46.42  ? 6   LYS B CA  1 
ATOM   800  C C   . LYS B 1 7  ? -5.975  -1.932  -7.007  1.00 48.90  ? 6   LYS B C   1 
ATOM   801  O O   . LYS B 1 7  ? -5.524  -0.812  -6.741  1.00 63.05  ? 6   LYS B O   1 
ATOM   802  C CB  . LYS B 1 7  ? -4.034  -3.518  -6.951  1.00 37.24  ? 6   LYS B CB  1 
ATOM   803  C CG  . LYS B 1 7  ? -4.520  -4.233  -5.708  1.00 41.94  ? 6   LYS B CG  1 
ATOM   804  C CD  . LYS B 1 7  ? -3.371  -4.954  -5.022  1.00 38.44  ? 6   LYS B CD  1 
ATOM   805  C CE  . LYS B 1 7  ? -3.679  -5.211  -3.561  1.00 43.50  ? 6   LYS B CE  1 
ATOM   806  N NZ  . LYS B 1 7  ? -2.453  -5.627  -2.827  1.00 44.91  ? 6   LYS B NZ  1 
ATOM   807  N N   . PRO B 1 8  ? -7.197  -2.298  -6.622  1.00 49.67  ? 7   PRO B N   1 
ATOM   808  C CA  . PRO B 1 8  ? -8.029  -1.381  -5.832  1.00 55.74  ? 7   PRO B CA  1 
ATOM   809  C C   . PRO B 1 8  ? -7.356  -1.027  -4.516  1.00 50.56  ? 7   PRO B C   1 
ATOM   810  O O   . PRO B 1 8  ? -6.725  -1.868  -3.873  1.00 55.65  ? 7   PRO B O   1 
ATOM   811  C CB  . PRO B 1 8  ? -9.320  -2.179  -5.609  1.00 46.91  ? 7   PRO B CB  1 
ATOM   812  C CG  . PRO B 1 8  ? -9.354  -3.168  -6.729  1.00 50.38  ? 7   PRO B CG  1 
ATOM   813  C CD  . PRO B 1 8  ? -7.920  -3.524  -6.997  1.00 58.02  ? 7   PRO B CD  1 
ATOM   814  N N   . PHE B 1 9  ? -7.481  0.241   -4.128  1.00 41.42  ? 8   PHE B N   1 
ATOM   815  C CA  . PHE B 1 9  ? -6.951  0.727   -2.864  1.00 48.28  ? 8   PHE B CA  1 
ATOM   816  C C   . PHE B 1 9  ? -8.046  1.465   -2.110  1.00 46.61  ? 8   PHE B C   1 
ATOM   817  O O   . PHE B 1 9  ? -9.008  1.965   -2.699  1.00 55.97  ? 8   PHE B O   1 
ATOM   818  C CB  . PHE B 1 9  ? -5.728  1.638   -3.067  1.00 53.70  ? 8   PHE B CB  1 
ATOM   819  C CG  . PHE B 1 9  ? -5.932  2.720   -4.089  1.00 44.43  ? 8   PHE B CG  1 
ATOM   820  C CD1 . PHE B 1 9  ? -6.495  3.934   -3.730  1.00 40.69  ? 8   PHE B CD1 1 
ATOM   821  C CD2 . PHE B 1 9  ? -5.546  2.528   -5.406  1.00 44.75  ? 8   PHE B CD2 1 
ATOM   822  C CE1 . PHE B 1 9  ? -6.679  4.933   -4.668  1.00 37.60  ? 8   PHE B CE1 1 
ATOM   823  C CE2 . PHE B 1 9  ? -5.728  3.525   -6.349  1.00 44.92  ? 8   PHE B CE2 1 
ATOM   824  C CZ  . PHE B 1 9  ? -6.294  4.728   -5.979  1.00 40.52  ? 8   PHE B CZ  1 
ATOM   825  N N   . TYR B 1 10 ? -7.890  1.524   -0.789  1.00 44.13  ? 9   TYR B N   1 
ATOM   826  C CA  . TYR B 1 10 ? -8.922  2.060   0.085   1.00 54.25  ? 9   TYR B CA  1 
ATOM   827  C C   . TYR B 1 10 ? -8.287  2.870   1.201   1.00 50.63  ? 9   TYR B C   1 
ATOM   828  O O   . TYR B 1 10 ? -7.172  2.584   1.644   1.00 62.87  ? 9   TYR B O   1 
ATOM   829  C CB  . TYR B 1 10 ? -9.777  0.945   0.703   1.00 50.94  ? 9   TYR B CB  1 
ATOM   830  C CG  . TYR B 1 10 ? -10.271 -0.078  -0.288  1.00 66.52  ? 9   TYR B CG  1 
ATOM   831  C CD1 . TYR B 1 10 ? -11.319 0.211   -1.149  1.00 68.12  ? 9   TYR B CD1 1 
ATOM   832  C CD2 . TYR B 1 10 ? -9.680  -1.332  -0.372  1.00 70.62  ? 9   TYR B CD2 1 
ATOM   833  C CE1 . TYR B 1 10 ? -11.774 -0.723  -2.060  1.00 61.89  ? 9   TYR B CE1 1 
ATOM   834  C CE2 . TYR B 1 10 ? -10.126 -2.273  -1.282  1.00 72.06  ? 9   TYR B CE2 1 
ATOM   835  C CZ  . TYR B 1 10 ? -11.174 -1.963  -2.124  1.00 71.37  ? 9   TYR B CZ  1 
ATOM   836  O OH  . TYR B 1 10 ? -11.622 -2.894  -3.031  1.00 67.02  ? 9   TYR B OH  1 
ATOM   837  N N   . PHE B 1 11 ? -9.009  3.891   1.647   1.00 46.33  ? 10  PHE B N   1 
ATOM   838  C CA  . PHE B 1 11 ? -8.690  4.530   2.909   1.00 37.86  ? 10  PHE B CA  1 
ATOM   839  C C   . PHE B 1 11 ? -9.351  3.755   4.046   1.00 47.99  ? 10  PHE B C   1 
ATOM   840  O O   . PHE B 1 11 ? -10.225 2.912   3.830   1.00 51.12  ? 10  PHE B O   1 
ATOM   841  C CB  . PHE B 1 11 ? -9.146  5.988   2.909   1.00 39.30  ? 10  PHE B CB  1 
ATOM   842  C CG  . PHE B 1 11 ? -8.438  6.842   1.896   1.00 58.87  ? 10  PHE B CG  1 
ATOM   843  C CD1 . PHE B 1 11 ? -8.910  6.937   0.598   1.00 59.01  ? 10  PHE B CD1 1 
ATOM   844  C CD2 . PHE B 1 11 ? -7.297  7.546   2.240   1.00 55.90  ? 10  PHE B CD2 1 
ATOM   845  C CE1 . PHE B 1 11 ? -8.257  7.720   -0.336  1.00 55.53  ? 10  PHE B CE1 1 
ATOM   846  C CE2 . PHE B 1 11 ? -6.640  8.331   1.312   1.00 42.04  ? 10  PHE B CE2 1 
ATOM   847  C CZ  . PHE B 1 11 ? -7.122  8.418   0.022   1.00 53.88  ? 10  PHE B CZ  1 
ATOM   848  N N   . SER B 1 12 ? -8.918  4.036   5.270   1.00 63.29  ? 11  SER B N   1 
ATOM   849  C CA  . SER B 1 12 ? -9.465  3.324   6.415   1.00 60.91  ? 11  SER B CA  1 
ATOM   850  C C   . SER B 1 12 ? -10.908 3.741   6.662   1.00 73.77  ? 11  SER B C   1 
ATOM   851  O O   . SER B 1 12 ? -11.257 4.921   6.572   1.00 70.57  ? 11  SER B O   1 
ATOM   852  C CB  . SER B 1 12 ? -8.622  3.576   7.663   1.00 64.97  ? 11  SER B CB  1 
ATOM   853  O OG  . SER B 1 12 ? -8.970  2.669   8.695   1.00 81.74  ? 11  SER B OG  1 
ATOM   854  N N   . THR B 1 13 ? -11.750 2.756   6.976   1.00 90.47  ? 12  THR B N   1 
ATOM   855  C CA  . THR B 1 13 ? -13.148 3.029   7.271   1.00 71.89  ? 12  THR B CA  1 
ATOM   856  C C   . THR B 1 13 ? -13.343 3.638   8.652   1.00 74.24  ? 12  THR B C   1 
ATOM   857  O O   . THR B 1 13 ? -14.408 4.202   8.922   1.00 104.10 ? 12  THR B O   1 
ATOM   858  C CB  . THR B 1 13 ? -13.973 1.745   7.158   1.00 75.32  ? 12  THR B CB  1 
ATOM   859  O OG1 . THR B 1 13 ? -13.511 0.791   8.123   1.00 81.41  ? 12  THR B OG1 1 
ATOM   860  C CG2 . THR B 1 13 ? -13.837 1.153   5.762   1.00 67.43  ? 12  THR B CG2 1 
ATOM   861  N N   . THR B 1 14 ? -12.347 3.530   9.532   1.00 67.98  ? 13  THR B N   1 
ATOM   862  C CA  . THR B 1 14 ? -12.412 4.090   10.875  1.00 74.92  ? 13  THR B CA  1 
ATOM   863  C C   . THR B 1 14 ? -11.451 5.263   11.043  1.00 74.74  ? 13  THR B C   1 
ATOM   864  O O   . THR B 1 14 ? -10.842 5.430   12.103  1.00 63.10  ? 13  THR B O   1 
ATOM   865  C CB  . THR B 1 14 ? -12.119 3.013   11.919  1.00 83.85  ? 13  THR B CB  1 
ATOM   866  O OG1 . THR B 1 14 ? -10.707 2.771   11.973  1.00 89.30  ? 13  THR B OG1 1 
ATOM   867  C CG2 . THR B 1 14 ? -12.832 1.718   11.560  1.00 87.11  ? 13  THR B CG2 1 
ATOM   868  N N   . LEU B 1 15 ? -11.314 6.084   10.003  1.00 69.93  ? 14  LEU B N   1 
ATOM   869  C CA  . LEU B 1 15 ? -10.338 7.163   10.021  1.00 62.85  ? 14  LEU B CA  1 
ATOM   870  C C   . LEU B 1 15 ? -10.682 8.191   11.090  1.00 63.43  ? 14  LEU B C   1 
ATOM   871  O O   . LEU B 1 15 ? -11.837 8.607   11.225  1.00 88.00  ? 14  LEU B O   1 
ATOM   872  C CB  . LEU B 1 15 ? -10.271 7.834   8.650   1.00 57.42  ? 14  LEU B CB  1 
ATOM   873  C CG  . LEU B 1 15 ? -8.987  7.633   7.844   1.00 58.75  ? 14  LEU B CG  1 
ATOM   874  C CD1 . LEU B 1 15 ? -9.015  8.492   6.595   1.00 55.40  ? 14  LEU B CD1 1 
ATOM   875  C CD2 . LEU B 1 15 ? -7.758  7.951   8.686   1.00 55.28  ? 14  LEU B CD2 1 
ATOM   876  N N   . GLN B 1 16 ? -9.672  8.588   11.857  1.00 60.53  ? 15  GLN B N   1 
ATOM   877  C CA  . GLN B 1 16 ? -9.784  9.684   12.803  1.00 67.45  ? 15  GLN B CA  1 
ATOM   878  C C   . GLN B 1 16 ? -8.661  10.672  12.534  1.00 70.41  ? 15  GLN B C   1 
ATOM   879  O O   . GLN B 1 16 ? -7.593  10.300  12.042  1.00 88.92  ? 15  GLN B O   1 
ATOM   880  C CB  . GLN B 1 16 ? -9.722  9.197   14.257  1.00 66.96  ? 15  GLN B CB  1 
ATOM   881  C CG  . GLN B 1 16 ? -10.828 8.227   14.633  1.00 69.05  ? 15  GLN B CG  1 
ATOM   882  C CD  . GLN B 1 16 ? -10.367 7.178   15.621  1.00 83.93  ? 15  GLN B CD  1 
ATOM   883  O OE1 . GLN B 1 16 ? -10.298 7.430   16.824  1.00 82.36  ? 15  GLN B OE1 1 
ATOM   884  N NE2 . GLN B 1 16 ? -10.046 5.991   15.119  1.00 77.41  ? 15  GLN B NE2 1 
ATOM   885  N N   . GLU B 1 17 ? -8.916  11.939  12.852  1.00 76.45  ? 16  GLU B N   1 
ATOM   886  C CA  . GLU B 1 17 ? -7.928  12.975  12.596  1.00 71.69  ? 16  GLU B CA  1 
ATOM   887  C C   . GLU B 1 17 ? -6.663  12.729  13.411  1.00 75.15  ? 16  GLU B C   1 
ATOM   888  O O   . GLU B 1 17 ? -6.681  12.049  14.441  1.00 76.86  ? 16  GLU B O   1 
ATOM   889  C CB  . GLU B 1 17 ? -8.504  14.356  12.906  1.00 77.97  ? 16  GLU B CB  1 
ATOM   890  C CG  . GLU B 1 17 ? -9.784  14.674  12.146  1.00 85.19  ? 16  GLU B CG  1 
ATOM   891  C CD  . GLU B 1 17 ? -10.447 15.945  12.631  1.00 104.19 ? 16  GLU B CD  1 
ATOM   892  O OE1 . GLU B 1 17 ? -9.722  16.909  12.959  1.00 81.88  ? 16  GLU B OE1 1 
ATOM   893  O OE2 . GLU B 1 17 ? -11.694 15.982  12.685  1.00 109.98 ? 16  GLU B OE2 1 
ATOM   894  N N   . LYS B 1 18 ? -5.556  13.295  12.928  1.00 78.98  ? 17  LYS B N   1 
ATOM   895  C CA  . LYS B 1 18 ? -4.185  13.141  13.419  1.00 72.75  ? 17  LYS B CA  1 
ATOM   896  C C   . LYS B 1 18 ? -3.636  11.729  13.223  1.00 75.78  ? 17  LYS B C   1 
ATOM   897  O O   . LYS B 1 18 ? -2.499  11.462  13.634  1.00 73.92  ? 17  LYS B O   1 
ATOM   898  C CB  . LYS B 1 18 ? -4.021  13.546  14.895  1.00 60.13  ? 17  LYS B CB  1 
ATOM   899  C CG  . LYS B 1 18 ? -4.940  14.672  15.359  1.00 90.50  ? 17  LYS B CG  1 
ATOM   900  C CD  . LYS B 1 18 ? -4.279  16.031  15.211  1.00 89.15  ? 17  LYS B CD  1 
ATOM   901  C CE  . LYS B 1 18 ? -5.275  17.155  15.463  1.00 92.91  ? 17  LYS B CE  1 
ATOM   902  N NZ  . LYS B 1 18 ? -6.402  17.132  14.490  1.00 94.35  ? 17  LYS B NZ  1 
ATOM   903  N N   . GLN B 1 19 ? -4.387  10.823  12.601  1.00 75.87  ? 18  GLN B N   1 
ATOM   904  C CA  . GLN B 1 19 ? -3.853  9.521   12.239  1.00 61.25  ? 18  GLN B CA  1 
ATOM   905  C C   . GLN B 1 19 ? -3.090  9.610   10.918  1.00 66.83  ? 18  GLN B C   1 
ATOM   906  O O   . GLN B 1 19 ? -3.203  10.580  10.164  1.00 60.77  ? 18  GLN B O   1 
ATOM   907  C CB  . GLN B 1 19 ? -4.974  8.485   12.138  1.00 56.21  ? 18  GLN B CB  1 
ATOM   908  C CG  . GLN B 1 19 ? -5.499  7.985   13.480  1.00 66.64  ? 18  GLN B CG  1 
ATOM   909  C CD  . GLN B 1 19 ? -6.608  6.960   13.326  1.00 68.62  ? 18  GLN B CD  1 
ATOM   910  O OE1 . GLN B 1 19 ? -7.104  6.723   12.225  1.00 54.62  ? 18  GLN B OE1 1 
ATOM   911  N NE2 . GLN B 1 19 ? -6.999  6.341   14.435  1.00 60.75  ? 18  GLN B NE2 1 
ATOM   912  N N   . ARG B 1 20 ? -2.302  8.576   10.643  1.00 74.83  ? 19  ARG B N   1 
ATOM   913  C CA  . ARG B 1 20 ? -1.514  8.492   9.424   1.00 52.76  ? 19  ARG B CA  1 
ATOM   914  C C   . ARG B 1 20 ? -2.229  7.621   8.398   1.00 48.38  ? 19  ARG B C   1 
ATOM   915  O O   . ARG B 1 20 ? -2.947  6.682   8.747   1.00 54.83  ? 19  ARG B O   1 
ATOM   916  C CB  . ARG B 1 20 ? -0.122  7.926   9.719   1.00 38.33  ? 19  ARG B CB  1 
ATOM   917  C CG  . ARG B 1 20 ? 0.664   8.746   10.733  1.00 44.19  ? 19  ARG B CG  1 
ATOM   918  C CD  . ARG B 1 20 ? 1.910   8.023   11.212  1.00 40.29  ? 19  ARG B CD  1 
ATOM   919  N NE  . ARG B 1 20 ? 1.592   6.858   12.032  1.00 49.64  ? 19  ARG B NE  1 
ATOM   920  C CZ  . ARG B 1 20 ? 2.014   6.689   13.281  1.00 36.70  ? 19  ARG B CZ  1 
ATOM   921  N NH1 . ARG B 1 20 ? 2.774   7.610   13.857  1.00 29.13  ? 19  ARG B NH1 1 
ATOM   922  N NH2 . ARG B 1 20 ? 1.677   5.598   13.956  1.00 38.60  ? 19  ARG B NH2 1 
ATOM   923  N N   . GLU B 1 21 ? -2.028  7.939   7.122   1.00 43.07  ? 20  GLU B N   1 
ATOM   924  C CA  . GLU B 1 21 ? -2.719  7.239   6.051   1.00 46.25  ? 20  GLU B CA  1 
ATOM   925  C C   . GLU B 1 21 ? -1.772  7.002   4.885   1.00 46.63  ? 20  GLU B C   1 
ATOM   926  O O   . GLU B 1 21 ? -0.885  7.812   4.608   1.00 44.10  ? 20  GLU B O   1 
ATOM   927  C CB  . GLU B 1 21 ? -3.953  8.022   5.584   1.00 46.54  ? 20  GLU B CB  1 
ATOM   928  C CG  . GLU B 1 21 ? -4.855  7.240   4.655   1.00 56.51  ? 20  GLU B CG  1 
ATOM   929  C CD  . GLU B 1 21 ? -5.365  5.960   5.284   1.00 60.68  ? 20  GLU B CD  1 
ATOM   930  O OE1 . GLU B 1 21 ? -5.963  6.026   6.377   1.00 71.31  ? 20  GLU B OE1 1 
ATOM   931  O OE2 . GLU B 1 21 ? -5.160  4.886   4.682   1.00 53.64  ? 20  GLU B OE2 1 
ATOM   932  N N   . GLN B 1 22 ? -1.971  5.872   4.209   1.00 39.66  ? 21  GLN B N   1 
ATOM   933  C CA  . GLN B 1 22 ? -1.191  5.523   3.030   1.00 34.10  ? 21  GLN B CA  1 
ATOM   934  C C   . GLN B 1 22 ? -2.065  4.721   2.081   1.00 32.59  ? 21  GLN B C   1 
ATOM   935  O O   . GLN B 1 22 ? -2.784  3.815   2.512   1.00 42.14  ? 21  GLN B O   1 
ATOM   936  C CB  . GLN B 1 22 ? 0.059   4.719   3.405   1.00 38.20  ? 21  GLN B CB  1 
ATOM   937  C CG  . GLN B 1 22 ? 1.051   4.559   2.261   1.00 46.83  ? 21  GLN B CG  1 
ATOM   938  C CD  . GLN B 1 22 ? 0.973   3.194   1.594   1.00 48.68  ? 21  GLN B CD  1 
ATOM   939  O OE1 . GLN B 1 22 ? -0.109  2.625   1.437   1.00 49.91  ? 21  GLN B OE1 1 
ATOM   940  N NE2 . GLN B 1 22 ? 2.121   2.672   1.182   1.00 40.45  ? 21  GLN B NE2 1 
ATOM   941  N N   . ILE B 1 23 ? -2.002  5.057   0.795   1.00 27.49  ? 22  ILE B N   1 
ATOM   942  C CA  . ILE B 1 23 ? -2.601  4.252   -0.261  1.00 37.53  ? 22  ILE B CA  1 
ATOM   943  C C   . ILE B 1 23 ? -1.566  4.084   -1.362  1.00 44.03  ? 22  ILE B C   1 
ATOM   944  O O   . ILE B 1 23 ? -0.739  4.969   -1.603  1.00 51.29  ? 22  ILE B O   1 
ATOM   945  C CB  . ILE B 1 23 ? -3.899  4.872   -0.824  1.00 39.29  ? 22  ILE B CB  1 
ATOM   946  C CG1 . ILE B 1 23 ? -3.676  6.336   -1.207  1.00 42.51  ? 22  ILE B CG1 1 
ATOM   947  C CG2 . ILE B 1 23 ? -5.036  4.739   0.175   1.00 39.72  ? 22  ILE B CG2 1 
ATOM   948  C CD1 . ILE B 1 23 ? -4.763  6.905   -2.088  1.00 41.18  ? 22  ILE B CD1 1 
ATOM   949  N N   . THR B 1 24 ? -1.608  2.933   -2.029  1.00 48.95  ? 23  THR B N   1 
ATOM   950  C CA  . THR B 1 24 ? -0.662  2.612   -3.089  1.00 42.60  ? 23  THR B CA  1 
ATOM   951  C C   . THR B 1 24 ? -1.427  2.337   -4.373  1.00 42.71  ? 23  THR B C   1 
ATOM   952  O O   . THR B 1 24 ? -2.283  1.446   -4.417  1.00 40.95  ? 23  THR B O   1 
ATOM   953  C CB  . THR B 1 24 ? 0.210   1.411   -2.721  1.00 41.18  ? 23  THR B CB  1 
ATOM   954  O OG1 . THR B 1 24 ? 0.970   1.722   -1.548  1.00 46.75  ? 23  THR B OG1 1 
ATOM   955  C CG2 . THR B 1 24 ? 1.154   1.059   -3.871  1.00 36.03  ? 23  THR B CG2 1 
ATOM   956  N N   . CYS B 1 25 ? -1.113  3.107   -5.410  1.00 40.56  ? 24  CYS B N   1 
ATOM   957  C CA  . CYS B 1 25 ? -1.611  2.850   -6.760  1.00 35.48  ? 24  CYS B CA  1 
ATOM   958  C C   . CYS B 1 25 ? -0.679  1.836   -7.410  1.00 46.42  ? 24  CYS B C   1 
ATOM   959  O O   . CYS B 1 25 ? 0.328   2.188   -8.026  1.00 44.42  ? 24  CYS B O   1 
ATOM   960  C CB  . CYS B 1 25 ? -1.680  4.140   -7.562  1.00 45.81  ? 24  CYS B CB  1 
ATOM   961  S SG  . CYS B 1 25 ? -2.587  4.072   -9.106  1.00 54.56  ? 24  CYS B SG  1 
ATOM   962  N N   . LEU B 1 26 ? -1.002  0.557   -7.248  1.00 38.35  ? 25  LEU B N   1 
ATOM   963  C CA  . LEU B 1 26 ? -0.159  -0.524  -7.738  1.00 36.10  ? 25  LEU B CA  1 
ATOM   964  C C   . LEU B 1 26 ? -0.620  -0.964  -9.122  1.00 35.31  ? 25  LEU B C   1 
ATOM   965  O O   . LEU B 1 26 ? -1.805  -1.242  -9.330  1.00 41.75  ? 25  LEU B O   1 
ATOM   966  C CB  . LEU B 1 26 ? -0.179  -1.715  -6.778  1.00 34.56  ? 25  LEU B CB  1 
ATOM   967  C CG  . LEU B 1 26 ? 0.427   -3.016  -7.320  1.00 33.11  ? 25  LEU B CG  1 
ATOM   968  C CD1 . LEU B 1 26 ? 1.931   -2.883  -7.509  1.00 43.00  ? 25  LEU B CD1 1 
ATOM   969  C CD2 . LEU B 1 26 ? 0.103   -4.205  -6.426  1.00 48.32  ? 25  LEU B CD2 1 
ATOM   970  N N   . ALA B 1 27 ? 0.316   -1.015  -10.064 1.00 34.70  ? 26  ALA B N   1 
ATOM   971  C CA  . ALA B 1 27 ? 0.047   -1.543  -11.398 1.00 45.48  ? 26  ALA B CA  1 
ATOM   972  C C   . ALA B 1 27 ? 0.373   -3.031  -11.374 1.00 44.09  ? 26  ALA B C   1 
ATOM   973  O O   . ALA B 1 27 ? 1.518   -3.441  -11.568 1.00 40.97  ? 26  ALA B O   1 
ATOM   974  C CB  . ALA B 1 27 ? 0.860   -0.792  -12.444 1.00 40.07  ? 26  ALA B CB  1 
ATOM   975  N N   . ILE B 1 28 ? -0.654  -3.851  -11.126 1.00 46.42  ? 27  ILE B N   1 
ATOM   976  C CA  . ILE B 1 28 ? -0.447  -5.297  -11.039 1.00 51.49  ? 27  ILE B CA  1 
ATOM   977  C C   . ILE B 1 28 ? 0.023   -5.854  -12.375 1.00 53.68  ? 27  ILE B C   1 
ATOM   978  O O   . ILE B 1 28 ? 0.869   -6.756  -12.426 1.00 52.38  ? 27  ILE B O   1 
ATOM   979  C CB  . ILE B 1 28 ? -1.729  -6.002  -10.559 1.00 42.69  ? 27  ILE B CB  1 
ATOM   980  C CG1 . ILE B 1 28 ? -2.100  -5.557  -9.145  1.00 57.45  ? 27  ILE B CG1 1 
ATOM   981  C CG2 . ILE B 1 28 ? -1.551  -7.513  -10.597 1.00 58.00  ? 27  ILE B CG2 1 
ATOM   982  C CD1 . ILE B 1 28 ? -3.055  -6.511  -8.440  1.00 67.04  ? 27  ILE B CD1 1 
ATOM   983  N N   . ALA B 1 29 ? -0.515  -5.333  -13.474 1.00 57.46  ? 28  ALA B N   1 
ATOM   984  C CA  . ALA B 1 29 ? -0.071  -5.707  -14.807 1.00 52.77  ? 28  ALA B CA  1 
ATOM   985  C C   . ALA B 1 29 ? 0.094   -4.443  -15.637 1.00 65.17  ? 28  ALA B C   1 
ATOM   986  O O   . ALA B 1 29 ? -0.485  -3.397  -15.335 1.00 63.43  ? 28  ALA B O   1 
ATOM   987  C CB  . ALA B 1 29 ? -1.050  -6.676  -15.483 1.00 57.21  ? 28  ALA B CB  1 
ATOM   988  N N   . GLY B 1 30 ? 0.900   -4.553  -16.689 1.00 45.34  ? 29  GLY B N   1 
ATOM   989  C CA  . GLY B 1 30 ? 1.201   -3.415  -17.535 1.00 34.09  ? 29  GLY B CA  1 
ATOM   990  C C   . GLY B 1 30 ? 2.690   -3.251  -17.754 1.00 60.94  ? 29  GLY B C   1 
ATOM   991  O O   . GLY B 1 30 ? 3.461   -3.220  -16.791 1.00 66.36  ? 29  GLY B O   1 
ATOM   992  N N   . ASP B 1 31 ? 3.106   -3.147  -19.015 1.00 55.47  ? 30  ASP B N   1 
ATOM   993  C CA  . ASP B 1 31 ? 4.524   -3.074  -19.340 1.00 58.19  ? 30  ASP B CA  1 
ATOM   994  C C   . ASP B 1 31 ? 5.071   -1.676  -19.055 1.00 72.03  ? 30  ASP B C   1 
ATOM   995  O O   . ASP B 1 31 ? 4.472   -0.677  -19.467 1.00 72.88  ? 30  ASP B O   1 
ATOM   996  C CB  . ASP B 1 31 ? 4.757   -3.422  -20.808 1.00 65.57  ? 30  ASP B CB  1 
ATOM   997  C CG  . ASP B 1 31 ? 4.512   -4.885  -21.108 1.00 78.78  ? 30  ASP B CG  1 
ATOM   998  O OD1 . ASP B 1 31 ? 4.585   -5.710  -20.172 1.00 85.60  ? 30  ASP B OD1 1 
ATOM   999  O OD2 . ASP B 1 31 ? 4.251   -5.211  -22.284 1.00 80.59  ? 30  ASP B OD2 1 
ATOM   1000 N N   . PRO B 1 32 ? 6.198   -1.579  -18.357 1.00 69.44  ? 31  PRO B N   1 
ATOM   1001 C CA  . PRO B 1 32 ? 6.854   -0.282  -18.171 1.00 58.80  ? 31  PRO B CA  1 
ATOM   1002 C C   . PRO B 1 32 ? 7.407   0.231   -19.489 1.00 60.45  ? 31  PRO B C   1 
ATOM   1003 O O   . PRO B 1 32 ? 7.652   -0.559  -20.413 1.00 66.86  ? 31  PRO B O   1 
ATOM   1004 C CB  . PRO B 1 32 ? 7.984   -0.597  -17.175 1.00 50.18  ? 31  PRO B CB  1 
ATOM   1005 C CG  . PRO B 1 32 ? 7.589   -1.894  -16.539 1.00 47.41  ? 31  PRO B CG  1 
ATOM   1006 C CD  . PRO B 1 32 ? 6.875   -2.650  -17.609 1.00 68.91  ? 31  PRO B CD  1 
ATOM   1007 N N   . PRO B 1 33 ? 7.626   1.548   -19.622 1.00 52.54  ? 32  PRO B N   1 
ATOM   1008 C CA  . PRO B 1 33 ? 7.414   2.585   -18.606 1.00 55.95  ? 32  PRO B CA  1 
ATOM   1009 C C   . PRO B 1 33 ? 5.946   2.963   -18.409 1.00 41.26  ? 32  PRO B C   1 
ATOM   1010 O O   . PRO B 1 33 ? 5.187   3.059   -19.379 1.00 55.46  ? 32  PRO B O   1 
ATOM   1011 C CB  . PRO B 1 33 ? 8.208   3.770   -19.157 1.00 52.54  ? 32  PRO B CB  1 
ATOM   1012 C CG  . PRO B 1 33 ? 8.139   3.595   -20.631 1.00 69.58  ? 32  PRO B CG  1 
ATOM   1013 C CD  . PRO B 1 33 ? 8.159   2.110   -20.876 1.00 52.50  ? 32  PRO B CD  1 
ATOM   1014 N N   . LEU B 1 34 ? 5.564   3.170   -17.152 1.00 46.04  ? 33  LEU B N   1 
ATOM   1015 C CA  . LEU B 1 34 ? 4.220   3.582   -16.788 1.00 40.29  ? 33  LEU B CA  1 
ATOM   1016 C C   . LEU B 1 34 ? 4.256   4.962   -16.144 1.00 42.63  ? 33  LEU B C   1 
ATOM   1017 O O   . LEU B 1 34 ? 5.181   5.287   -15.395 1.00 49.89  ? 33  LEU B O   1 
ATOM   1018 C CB  . LEU B 1 34 ? 3.575   2.579   -15.829 1.00 45.68  ? 33  LEU B CB  1 
ATOM   1019 C CG  . LEU B 1 34 ? 3.553   1.099   -16.216 1.00 59.79  ? 33  LEU B CG  1 
ATOM   1020 C CD1 . LEU B 1 34 ? 3.301   0.230   -14.974 1.00 52.65  ? 33  LEU B CD1 1 
ATOM   1021 C CD2 . LEU B 1 34 ? 2.527   0.830   -17.317 1.00 78.19  ? 33  LEU B CD2 1 
ATOM   1022 N N   . SER B 1 35 ? 3.226   5.762   -16.421 1.00 37.37  ? 34  SER B N   1 
ATOM   1023 C CA  . SER B 1 35 ? 3.150   7.142   -15.947 1.00 40.10  ? 34  SER B CA  1 
ATOM   1024 C C   . SER B 1 35 ? 2.007   7.268   -14.945 1.00 43.71  ? 34  SER B C   1 
ATOM   1025 O O   . SER B 1 35 ? 0.837   7.100   -15.304 1.00 47.77  ? 34  SER B O   1 
ATOM   1026 C CB  . SER B 1 35 ? 2.965   8.113   -17.115 1.00 43.06  ? 34  SER B CB  1 
ATOM   1027 O OG  . SER B 1 35 ? 2.506   9.381   -16.672 1.00 51.74  ? 34  SER B OG  1 
ATOM   1028 N N   . PHE B 1 36 ? 2.348   7.583   -13.698 1.00 43.81  ? 35  PHE B N   1 
ATOM   1029 C CA  . PHE B 1 36 ? 1.379   7.703   -12.618 1.00 38.83  ? 35  PHE B CA  1 
ATOM   1030 C C   . PHE B 1 36 ? 1.046   9.170   -12.378 1.00 39.31  ? 35  PHE B C   1 
ATOM   1031 O O   . PHE B 1 36 ? 1.917   10.039  -12.478 1.00 49.55  ? 35  PHE B O   1 
ATOM   1032 C CB  . PHE B 1 36 ? 1.917   7.077   -11.328 1.00 44.35  ? 35  PHE B CB  1 
ATOM   1033 C CG  . PHE B 1 36 ? 2.151   5.592   -11.420 1.00 42.08  ? 35  PHE B CG  1 
ATOM   1034 C CD1 . PHE B 1 36 ? 3.229   5.086   -12.130 1.00 38.74  ? 35  PHE B CD1 1 
ATOM   1035 C CD2 . PHE B 1 36 ? 1.302   4.702   -10.779 1.00 29.86  ? 35  PHE B CD2 1 
ATOM   1036 C CE1 . PHE B 1 36 ? 3.450   3.726   -12.211 1.00 36.73  ? 35  PHE B CE1 1 
ATOM   1037 C CE2 . PHE B 1 36 ? 1.520   3.336   -10.857 1.00 39.76  ? 35  PHE B CE2 1 
ATOM   1038 C CZ  . PHE B 1 36 ? 2.595   2.850   -11.574 1.00 36.09  ? 35  PHE B CZ  1 
ATOM   1039 N N   . SER B 1 37 ? -0.217  9.437   -12.052 1.00 43.77  ? 36  SER B N   1 
ATOM   1040 C CA  . SER B 1 37 ? -0.673  10.791  -11.777 1.00 37.77  ? 36  SER B CA  1 
ATOM   1041 C C   . SER B 1 37 ? -1.812  10.741  -10.771 1.00 37.86  ? 36  SER B C   1 
ATOM   1042 O O   . SER B 1 37 ? -2.613  9.804   -10.766 1.00 49.76  ? 36  SER B O   1 
ATOM   1043 C CB  . SER B 1 37 ? -1.124  11.501  -13.059 1.00 41.14  ? 36  SER B CB  1 
ATOM   1044 O OG  . SER B 1 37 ? -1.875  10.629  -13.888 1.00 54.63  ? 36  SER B OG  1 
ATOM   1045 N N   . TRP B 1 38 ? -1.883  11.767  -9.922  1.00 38.18  ? 37  TRP B N   1 
ATOM   1046 C CA  . TRP B 1 38 ? -2.868  11.827  -8.851  1.00 39.85  ? 37  TRP B CA  1 
ATOM   1047 C C   . TRP B 1 38 ? -3.665  13.120  -8.917  1.00 50.72  ? 37  TRP B C   1 
ATOM   1048 O O   . TRP B 1 38 ? -3.120  14.185  -9.222  1.00 55.47  ? 37  TRP B O   1 
ATOM   1049 C CB  . TRP B 1 38 ? -2.207  11.725  -7.472  1.00 54.18  ? 37  TRP B CB  1 
ATOM   1050 C CG  . TRP B 1 38 ? -1.638  10.382  -7.168  1.00 51.90  ? 37  TRP B CG  1 
ATOM   1051 C CD1 . TRP B 1 38 ? -0.390  9.932   -7.481  1.00 45.10  ? 37  TRP B CD1 1 
ATOM   1052 C CD2 . TRP B 1 38 ? -2.293  9.308   -6.484  1.00 44.20  ? 37  TRP B CD2 1 
ATOM   1053 N NE1 . TRP B 1 38 ? -0.226  8.644   -7.035  1.00 54.11  ? 37  TRP B NE1 1 
ATOM   1054 C CE2 . TRP B 1 38 ? -1.381  8.237   -6.419  1.00 42.50  ? 37  TRP B CE2 1 
ATOM   1055 C CE3 . TRP B 1 38 ? -3.562  9.148   -5.920  1.00 38.50  ? 37  TRP B CE3 1 
ATOM   1056 C CZ2 . TRP B 1 38 ? -1.696  7.025   -5.812  1.00 42.27  ? 37  TRP B CZ2 1 
ATOM   1057 C CZ3 . TRP B 1 38 ? -3.875  7.942   -5.321  1.00 43.02  ? 37  TRP B CZ3 1 
ATOM   1058 C CH2 . TRP B 1 38 ? -2.945  6.897   -5.272  1.00 47.73  ? 37  TRP B CH2 1 
ATOM   1059 N N   . THR B 1 39 ? -4.960  13.018  -8.619  1.00 61.24  ? 38  THR B N   1 
ATOM   1060 C CA  . THR B 1 39 ? -5.829  14.171  -8.444  1.00 48.68  ? 38  THR B CA  1 
ATOM   1061 C C   . THR B 1 39 ? -6.706  13.956  -7.220  1.00 47.08  ? 38  THR B C   1 
ATOM   1062 O O   . THR B 1 39 ? -7.089  12.826  -6.903  1.00 45.66  ? 38  THR B O   1 
ATOM   1063 C CB  . THR B 1 39 ? -6.726  14.427  -9.668  1.00 51.24  ? 38  THR B CB  1 
ATOM   1064 O OG1 . THR B 1 39 ? -7.508  13.258  -9.945  1.00 49.53  ? 38  THR B OG1 1 
ATOM   1065 C CG2 . THR B 1 39 ? -5.894  14.791  -10.893 1.00 40.46  ? 38  THR B CG2 1 
ATOM   1066 N N   . LYS B 1 40 ? -7.017  15.051  -6.530  1.00 45.29  ? 39  LYS B N   1 
ATOM   1067 C CA  . LYS B 1 40 ? -7.976  15.045  -5.429  1.00 47.46  ? 39  LYS B CA  1 
ATOM   1068 C C   . LYS B 1 40 ? -9.122  15.973  -5.802  1.00 62.38  ? 39  LYS B C   1 
ATOM   1069 O O   . LYS B 1 40 ? -8.929  17.190  -5.907  1.00 68.30  ? 39  LYS B O   1 
ATOM   1070 C CB  . LYS B 1 40 ? -7.333  15.482  -4.116  1.00 36.89  ? 39  LYS B CB  1 
ATOM   1071 C CG  . LYS B 1 40 ? -8.283  15.380  -2.932  1.00 45.10  ? 39  LYS B CG  1 
ATOM   1072 C CD  . LYS B 1 40 ? -7.790  16.167  -1.733  1.00 48.63  ? 39  LYS B CD  1 
ATOM   1073 C CE  . LYS B 1 40 ? -8.778  16.067  -0.581  1.00 55.36  ? 39  LYS B CE  1 
ATOM   1074 N NZ  . LYS B 1 40 ? -9.045  17.379  0.073   1.00 62.86  ? 39  LYS B NZ  1 
ATOM   1075 N N   . ASP B 1 41 ? -10.308 15.398  -6.006  1.00 58.34  ? 40  ASP B N   1 
ATOM   1076 C CA  . ASP B 1 41 ? -11.494 16.152  -6.415  1.00 51.05  ? 40  ASP B CA  1 
ATOM   1077 C C   . ASP B 1 41 ? -11.248 16.900  -7.724  1.00 50.86  ? 40  ASP B C   1 
ATOM   1078 O O   . ASP B 1 41 ? -11.670 18.044  -7.898  1.00 41.88  ? 40  ASP B O   1 
ATOM   1079 C CB  . ASP B 1 41 ? -11.947 17.113  -5.313  1.00 28.52  ? 40  ASP B CB  1 
ATOM   1080 C CG  . ASP B 1 41 ? -12.297 16.396  -4.024  1.00 65.18  ? 40  ASP B CG  1 
ATOM   1081 O OD1 . ASP B 1 41 ? -12.913 15.312  -4.094  1.00 69.53  ? 40  ASP B OD1 1 
ATOM   1082 O OD2 . ASP B 1 41 ? -11.950 16.911  -2.940  1.00 55.35  ? 40  ASP B OD2 1 
ATOM   1083 N N   . GLY B 1 42 ? -10.560 16.243  -8.656  1.00 46.71  ? 41  GLY B N   1 
ATOM   1084 C CA  . GLY B 1 42 ? -10.247 16.838  -9.937  1.00 39.29  ? 41  GLY B CA  1 
ATOM   1085 C C   . GLY B 1 42 ? -9.121  17.848  -9.923  1.00 56.01  ? 41  GLY B C   1 
ATOM   1086 O O   . GLY B 1 42 ? -8.853  18.465  -10.963 1.00 38.10  ? 41  GLY B O   1 
ATOM   1087 N N   . ILE B 1 43 ? -8.450  18.035  -8.789  1.00 50.11  ? 42  ILE B N   1 
ATOM   1088 C CA  . ILE B 1 43 ? -7.371  19.006  -8.653  1.00 59.79  ? 42  ILE B CA  1 
ATOM   1089 C C   . ILE B 1 43 ? -6.046  18.263  -8.599  1.00 63.27  ? 42  ILE B C   1 
ATOM   1090 O O   . ILE B 1 43 ? -5.935  17.220  -7.944  1.00 64.17  ? 42  ILE B O   1 
ATOM   1091 C CB  . ILE B 1 43 ? -7.553  19.878  -7.395  1.00 55.95  ? 42  ILE B CB  1 
ATOM   1092 C CG1 . ILE B 1 43 ? -8.955  20.483  -7.362  1.00 53.23  ? 42  ILE B CG1 1 
ATOM   1093 C CG2 . ILE B 1 43 ? -6.491  20.968  -7.339  1.00 56.44  ? 42  ILE B CG2 1 
ATOM   1094 C CD1 . ILE B 1 43 ? -9.287  21.162  -6.054  1.00 51.64  ? 42  ILE B CD1 1 
ATOM   1095 N N   . ASN B 1 44 ? -5.045  18.802  -9.294  1.00 55.43  ? 43  ASN B N   1 
ATOM   1096 C CA  . ASN B 1 44 ? -3.690  18.271  -9.218  1.00 52.41  ? 43  ASN B CA  1 
ATOM   1097 C C   . ASN B 1 44 ? -3.266  18.119  -7.764  1.00 62.31  ? 43  ASN B C   1 
ATOM   1098 O O   . ASN B 1 44 ? -3.434  19.035  -6.955  1.00 63.94  ? 43  ASN B O   1 
ATOM   1099 C CB  . ASN B 1 44 ? -2.728  19.203  -9.962  1.00 53.68  ? 43  ASN B CB  1 
ATOM   1100 C CG  . ASN B 1 44 ? -1.369  18.571  -10.218 1.00 49.16  ? 43  ASN B CG  1 
ATOM   1101 O OD1 . ASN B 1 44 ? -0.846  17.826  -9.391  1.00 61.09  ? 43  ASN B OD1 1 
ATOM   1102 N ND2 . ASN B 1 44 ? -0.789  18.874  -11.374 1.00 61.03  ? 43  ASN B ND2 1 
ATOM   1103 N N   . ILE B 1 45 ? -2.721  16.945  -7.432  1.00 56.67  ? 44  ILE B N   1 
ATOM   1104 C CA  . ILE B 1 45 ? -2.279  16.687  -6.067  1.00 47.50  ? 44  ILE B CA  1 
ATOM   1105 C C   . ILE B 1 45 ? -1.147  17.627  -5.665  1.00 53.18  ? 44  ILE B C   1 
ATOM   1106 O O   . ILE B 1 45 ? -0.829  17.737  -4.475  1.00 44.23  ? 44  ILE B O   1 
ATOM   1107 C CB  . ILE B 1 45 ? -1.872  15.208  -5.917  1.00 36.99  ? 44  ILE B CB  1 
ATOM   1108 C CG1 . ILE B 1 45 ? -1.950  14.772  -4.452  1.00 33.63  ? 44  ILE B CG1 1 
ATOM   1109 C CG2 . ILE B 1 45 ? -0.489  14.961  -6.504  1.00 46.56  ? 44  ILE B CG2 1 
ATOM   1110 C CD1 . ILE B 1 45 ? -3.370  14.590  -3.949  1.00 36.10  ? 44  ILE B CD1 1 
ATOM   1111 N N   . ASP B 1 46 ? -0.529  18.297  -6.642  1.00 49.85  ? 45  ASP B N   1 
ATOM   1112 C CA  . ASP B 1 46 ? 0.388   19.406  -6.388  1.00 48.38  ? 45  ASP B CA  1 
ATOM   1113 C C   . ASP B 1 46 ? -0.106  20.335  -5.286  1.00 63.20  ? 45  ASP B C   1 
ATOM   1114 O O   . ASP B 1 46 ? 0.604   20.604  -4.311  1.00 53.26  ? 45  ASP B O   1 
ATOM   1115 C CB  . ASP B 1 46 ? 0.570   20.212  -7.677  1.00 62.96  ? 45  ASP B CB  1 
ATOM   1116 C CG  . ASP B 1 46 ? 1.873   19.920  -8.379  1.00 86.06  ? 45  ASP B CG  1 
ATOM   1117 O OD1 . ASP B 1 46 ? 2.546   18.937  -7.998  1.00 93.49  ? 45  ASP B OD1 1 
ATOM   1118 O OD2 . ASP B 1 46 ? 2.224   20.676  -9.314  1.00 77.30  ? 45  ASP B OD2 1 
ATOM   1119 N N   . LYS B 1 47 ? -1.341  20.820  -5.426  1.00 60.86  ? 46  LYS B N   1 
ATOM   1120 C CA  . LYS B 1 47 ? -1.835  21.943  -4.638  1.00 42.68  ? 46  LYS B CA  1 
ATOM   1121 C C   . LYS B 1 47 ? -2.079  21.600  -3.176  1.00 54.54  ? 46  LYS B C   1 
ATOM   1122 O O   . LYS B 1 47 ? -2.403  22.503  -2.396  1.00 59.64  ? 46  LYS B O   1 
ATOM   1123 C CB  . LYS B 1 47 ? -3.119  22.473  -5.273  1.00 53.09  ? 46  LYS B CB  1 
ATOM   1124 C CG  . LYS B 1 47 ? -3.069  22.510  -6.793  1.00 51.86  ? 46  LYS B CG  1 
ATOM   1125 C CD  . LYS B 1 47 ? -1.971  23.444  -7.285  1.00 54.24  ? 46  LYS B CD  1 
ATOM   1126 C CE  . LYS B 1 47 ? -2.039  23.635  -8.791  1.00 63.20  ? 46  LYS B CE  1 
ATOM   1127 N NZ  . LYS B 1 47 ? -1.185  24.770  -9.243  1.00 64.22  ? 46  LYS B NZ  1 
ATOM   1128 N N   . PHE B 1 48 ? -1.931  20.341  -2.783  1.00 59.09  ? 47  PHE B N   1 
ATOM   1129 C CA  . PHE B 1 48 ? -2.125  19.912  -1.401  1.00 62.45  ? 47  PHE B CA  1 
ATOM   1130 C C   . PHE B 1 48 ? -0.747  19.596  -0.821  1.00 75.03  ? 47  PHE B C   1 
ATOM   1131 O O   . PHE B 1 48 ? -0.237  18.482  -0.951  1.00 69.65  ? 47  PHE B O   1 
ATOM   1132 C CB  . PHE B 1 48 ? -3.074  18.724  -1.338  1.00 58.59  ? 47  PHE B CB  1 
ATOM   1133 C CG  . PHE B 1 48 ? -4.409  18.991  -1.975  1.00 70.78  ? 47  PHE B CG  1 
ATOM   1134 C CD1 . PHE B 1 48 ? -5.424  19.603  -1.256  1.00 52.94  ? 47  PHE B CD1 1 
ATOM   1135 C CD2 . PHE B 1 48 ? -4.643  18.649  -3.299  1.00 56.74  ? 47  PHE B CD2 1 
ATOM   1136 C CE1 . PHE B 1 48 ? -6.652  19.857  -1.841  1.00 53.02  ? 47  PHE B CE1 1 
ATOM   1137 C CE2 . PHE B 1 48 ? -5.869  18.901  -3.889  1.00 57.35  ? 47  PHE B CE2 1 
ATOM   1138 C CZ  . PHE B 1 48 ? -6.874  19.505  -3.159  1.00 64.20  ? 47  PHE B CZ  1 
ATOM   1139 N N   . SER B 1 49 ? -0.148  20.598  -0.173  1.00 71.35  ? 48  SER B N   1 
ATOM   1140 C CA  . SER B 1 49 ? 1.212   20.477  0.337   1.00 57.99  ? 48  SER B CA  1 
ATOM   1141 C C   . SER B 1 49 ? 1.321   19.557  1.546   1.00 70.85  ? 48  SER B C   1 
ATOM   1142 O O   . SER B 1 49 ? 2.437   19.175  1.908   1.00 79.55  ? 48  SER B O   1 
ATOM   1143 C CB  . SER B 1 49 ? 1.760   21.858  0.697   1.00 67.40  ? 48  SER B CB  1 
ATOM   1144 O OG  . SER B 1 49 ? 2.642   21.779  1.803   1.00 80.22  ? 48  SER B OG  1 
ATOM   1145 N N   . ASP B 1 50 ? 0.207   19.193  2.178   1.00 61.90  ? 49  ASP B N   1 
ATOM   1146 C CA  . ASP B 1 50 ? 0.232   18.253  3.291   1.00 52.38  ? 49  ASP B CA  1 
ATOM   1147 C C   . ASP B 1 50 ? 0.273   16.800  2.833   1.00 65.63  ? 49  ASP B C   1 
ATOM   1148 O O   . ASP B 1 50 ? 0.261   15.896  3.677   1.00 58.97  ? 49  ASP B O   1 
ATOM   1149 C CB  . ASP B 1 50 ? -0.993  18.467  4.182   1.00 47.19  ? 49  ASP B CB  1 
ATOM   1150 C CG  . ASP B 1 50 ? -0.659  19.169  5.484   1.00 94.46  ? 49  ASP B CG  1 
ATOM   1151 O OD1 . ASP B 1 50 ? 0.327   19.933  5.507   1.00 95.04  ? 49  ASP B OD1 1 
ATOM   1152 O OD2 . ASP B 1 50 ? -1.365  18.937  6.489   1.00 103.97 ? 49  ASP B OD2 1 
ATOM   1153 N N   . ILE B 1 51 ? 0.329   16.556  1.528   1.00 48.58  ? 50  ILE B N   1 
ATOM   1154 C CA  . ILE B 1 51 ? 0.260   15.214  0.966   1.00 46.14  ? 50  ILE B CA  1 
ATOM   1155 C C   . ILE B 1 51 ? 1.557   14.927  0.223   1.00 47.23  ? 50  ILE B C   1 
ATOM   1156 O O   . ILE B 1 51 ? 1.995   15.731  -0.608  1.00 47.05  ? 50  ILE B O   1 
ATOM   1157 C CB  . ILE B 1 51 ? -0.956  15.061  0.035   1.00 60.35  ? 50  ILE B CB  1 
ATOM   1158 C CG1 . ILE B 1 51 ? -2.253  15.301  0.811   1.00 51.16  ? 50  ILE B CG1 1 
ATOM   1159 C CG2 . ILE B 1 51 ? -0.964  13.687  -0.616  1.00 47.03  ? 50  ILE B CG2 1 
ATOM   1160 C CD1 . ILE B 1 51 ? -3.504  15.097  -0.013  1.00 50.82  ? 50  ILE B CD1 1 
ATOM   1161 N N   . ILE B 1 52 ? 2.167   13.783  0.529   1.00 43.92  ? 51  ILE B N   1 
ATOM   1162 C CA  . ILE B 1 52 ? 3.411   13.352  -0.096  1.00 47.14  ? 51  ILE B CA  1 
ATOM   1163 C C   . ILE B 1 52 ? 3.091   12.272  -1.120  1.00 50.97  ? 51  ILE B C   1 
ATOM   1164 O O   . ILE B 1 52 ? 2.391   11.299  -0.808  1.00 51.13  ? 51  ILE B O   1 
ATOM   1165 C CB  . ILE B 1 52 ? 4.409   12.831  0.952   1.00 42.39  ? 51  ILE B CB  1 
ATOM   1166 C CG1 . ILE B 1 52 ? 4.411   13.732  2.186   1.00 53.28  ? 51  ILE B CG1 1 
ATOM   1167 C CG2 . ILE B 1 52 ? 5.804   12.727  0.356   1.00 63.89  ? 51  ILE B CG2 1 
ATOM   1168 C CD1 . ILE B 1 52 ? 4.836   13.025  3.454   1.00 46.33  ? 51  ILE B CD1 1 
ATOM   1169 N N   . VAL B 1 53 ? 3.602   12.441  -2.337  1.00 35.15  ? 52  VAL B N   1 
ATOM   1170 C CA  . VAL B 1 53 ? 3.405   11.492  -3.427  1.00 43.60  ? 52  VAL B CA  1 
ATOM   1171 C C   . VAL B 1 53 ? 4.772   11.095  -3.964  1.00 44.49  ? 52  VAL B C   1 
ATOM   1172 O O   . VAL B 1 53 ? 5.602   11.961  -4.259  1.00 40.57  ? 52  VAL B O   1 
ATOM   1173 C CB  . VAL B 1 53 ? 2.522   12.083  -4.543  1.00 36.57  ? 52  VAL B CB  1 
ATOM   1174 C CG1 . VAL B 1 53 ? 2.421   11.116  -5.716  1.00 40.74  ? 52  VAL B CG1 1 
ATOM   1175 C CG2 . VAL B 1 53 ? 1.140   12.419  -4.002  1.00 35.40  ? 52  VAL B CG2 1 
ATOM   1176 N N   . GLU B 1 54 ? 5.006   9.790   -4.074  1.00 33.77  ? 53  GLU B N   1 
ATOM   1177 C CA  . GLU B 1 54 ? 6.273   9.264   -4.562  1.00 37.29  ? 53  GLU B CA  1 
ATOM   1178 C C   . GLU B 1 54 ? 6.006   8.123   -5.532  1.00 39.04  ? 53  GLU B C   1 
ATOM   1179 O O   . GLU B 1 54 ? 4.905   7.571   -5.588  1.00 42.37  ? 53  GLU B O   1 
ATOM   1180 C CB  . GLU B 1 54 ? 7.166   8.766   -3.415  1.00 42.47  ? 53  GLU B CB  1 
ATOM   1181 C CG  . GLU B 1 54 ? 7.352   9.756   -2.275  1.00 37.80  ? 53  GLU B CG  1 
ATOM   1182 C CD  . GLU B 1 54 ? 8.354   9.267   -1.249  1.00 47.90  ? 53  GLU B CD  1 
ATOM   1183 O OE1 . GLU B 1 54 ? 9.012   8.237   -1.507  1.00 51.81  ? 53  GLU B OE1 1 
ATOM   1184 O OE2 . GLU B 1 54 ? 8.480   9.906   -0.182  1.00 46.61  ? 53  GLU B OE2 1 
ATOM   1185 N N   . THR B 1 55 ? 7.036   7.772   -6.299  1.00 39.61  ? 54  THR B N   1 
ATOM   1186 C CA  . THR B 1 55 ? 7.024   6.594   -7.167  1.00 39.79  ? 54  THR B CA  1 
ATOM   1187 C C   . THR B 1 55 ? 8.311   5.818   -6.898  1.00 29.26  ? 54  THR B C   1 
ATOM   1188 O O   . THR B 1 55 ? 9.267   5.862   -7.684  1.00 26.99  ? 54  THR B O   1 
ATOM   1189 C CB  . THR B 1 55 ? 6.850   6.989   -8.637  1.00 34.93  ? 54  THR B CB  1 
ATOM   1190 O OG1 . THR B 1 55 ? 6.958   5.829   -9.473  1.00 76.73  ? 54  THR B OG1 1 
ATOM   1191 C CG2 . THR B 1 55 ? 7.863   8.042   -9.056  1.00 30.89  ? 54  THR B CG2 1 
ATOM   1192 N N   . PRO B 1 56 ? 8.363   5.084   -5.783  1.00 29.44  ? 55  PRO B N   1 
ATOM   1193 C CA  . PRO B 1 56 ? 9.635   4.473   -5.368  1.00 28.47  ? 55  PRO B CA  1 
ATOM   1194 C C   . PRO B 1 56 ? 10.127  3.404   -6.323  1.00 41.82  ? 55  PRO B C   1 
ATOM   1195 O O   . PRO B 1 56 ? 11.344  3.241   -6.479  1.00 32.43  ? 55  PRO B O   1 
ATOM   1196 C CB  . PRO B 1 56 ? 9.311   3.887   -3.983  1.00 22.92  ? 55  PRO B CB  1 
ATOM   1197 C CG  . PRO B 1 56 ? 7.978   4.482   -3.592  1.00 38.75  ? 55  PRO B CG  1 
ATOM   1198 C CD  . PRO B 1 56 ? 7.263   4.743   -4.872  1.00 47.27  ? 55  PRO B CD  1 
ATOM   1199 N N   . LYS B 1 57 ? 9.221   2.670   -6.964  1.00 41.22  ? 56  LYS B N   1 
ATOM   1200 C CA  . LYS B 1 57 ? 9.568   1.674   -7.964  1.00 33.40  ? 56  LYS B CA  1 
ATOM   1201 C C   . LYS B 1 57 ? 8.784   1.963   -9.238  1.00 35.54  ? 56  LYS B C   1 
ATOM   1202 O O   . LYS B 1 57 ? 7.825   2.740   -9.240  1.00 39.89  ? 56  LYS B O   1 
ATOM   1203 C CB  . LYS B 1 57 ? 9.296   0.254   -7.449  1.00 35.34  ? 56  LYS B CB  1 
ATOM   1204 C CG  . LYS B 1 57 ? 9.850   0.005   -6.049  1.00 32.15  ? 56  LYS B CG  1 
ATOM   1205 C CD  . LYS B 1 57 ? 9.999   -1.478  -5.746  1.00 32.00  ? 56  LYS B CD  1 
ATOM   1206 C CE  . LYS B 1 57 ? 10.349  -1.710  -4.279  1.00 37.89  ? 56  LYS B CE  1 
ATOM   1207 N NZ  . LYS B 1 57 ? 11.664  -1.112  -3.915  1.00 38.74  ? 56  LYS B NZ  1 
ATOM   1208 N N   . ASN B 1 58 ? 9.198   1.332   -10.334 1.00 37.11  ? 57  ASN B N   1 
ATOM   1209 C CA  . ASN B 1 58 ? 8.661   1.679   -11.643 1.00 39.17  ? 57  ASN B CA  1 
ATOM   1210 C C   . ASN B 1 58 ? 7.283   1.077   -11.918 1.00 41.47  ? 57  ASN B C   1 
ATOM   1211 O O   . ASN B 1 58 ? 6.796   1.201   -13.048 1.00 49.44  ? 57  ASN B O   1 
ATOM   1212 C CB  . ASN B 1 58 ? 9.645   1.266   -12.745 1.00 29.04  ? 57  ASN B CB  1 
ATOM   1213 C CG  . ASN B 1 58 ? 9.740   -0.240  -12.925 1.00 36.89  ? 57  ASN B CG  1 
ATOM   1214 O OD1 . ASN B 1 58 ? 9.249   -1.013  -12.104 1.00 47.77  ? 57  ASN B OD1 1 
ATOM   1215 N ND2 . ASN B 1 58 ? 10.388  -0.663  -14.006 1.00 21.60  ? 57  ASN B ND2 1 
ATOM   1216 N N   . PHE B 1 59 ? 6.639   0.444   -10.933 1.00 39.01  ? 58  PHE B N   1 
ATOM   1217 C CA  . PHE B 1 59 ? 5.326   -0.150  -11.154 1.00 33.35  ? 58  PHE B CA  1 
ATOM   1218 C C   . PHE B 1 59 ? 4.324   0.164   -10.048 1.00 32.23  ? 58  PHE B C   1 
ATOM   1219 O O   . PHE B 1 59 ? 3.267   -0.478  -9.993  1.00 47.49  ? 58  PHE B O   1 
ATOM   1220 C CB  . PHE B 1 59 ? 5.437   -1.670  -11.342 1.00 33.78  ? 58  PHE B CB  1 
ATOM   1221 C CG  . PHE B 1 59 ? 6.015   -2.393  -10.159 1.00 43.58  ? 58  PHE B CG  1 
ATOM   1222 C CD1 . PHE B 1 59 ? 7.384   -2.547  -10.026 1.00 29.34  ? 58  PHE B CD1 1 
ATOM   1223 C CD2 . PHE B 1 59 ? 5.188   -2.932  -9.187  1.00 35.47  ? 58  PHE B CD2 1 
ATOM   1224 C CE1 . PHE B 1 59 ? 7.919   -3.215  -8.942  1.00 32.05  ? 58  PHE B CE1 1 
ATOM   1225 C CE2 . PHE B 1 59 ? 5.716   -3.602  -8.099  1.00 26.62  ? 58  PHE B CE2 1 
ATOM   1226 C CZ  . PHE B 1 59 ? 7.084   -3.743  -7.977  1.00 36.14  ? 58  PHE B CZ  1 
ATOM   1227 N N   . TYR B 1 60 ? 4.618   1.121   -9.170  1.00 25.75  ? 59  TYR B N   1 
ATOM   1228 C CA  . TYR B 1 60 ? 3.604   1.624   -8.253  1.00 35.81  ? 59  TYR B CA  1 
ATOM   1229 C C   . TYR B 1 60 ? 3.998   3.015   -7.778  1.00 37.69  ? 59  TYR B C   1 
ATOM   1230 O O   . TYR B 1 60 ? 5.165   3.411   -7.851  1.00 49.32  ? 59  TYR B O   1 
ATOM   1231 C CB  . TYR B 1 60 ? 3.371   0.677   -7.062  1.00 50.83  ? 59  TYR B CB  1 
ATOM   1232 C CG  . TYR B 1 60 ? 4.508   0.529   -6.065  1.00 32.64  ? 59  TYR B CG  1 
ATOM   1233 C CD1 . TYR B 1 60 ? 4.708   1.466   -5.058  1.00 37.07  ? 59  TYR B CD1 1 
ATOM   1234 C CD2 . TYR B 1 60 ? 5.347   -0.579  -6.099  1.00 37.72  ? 59  TYR B CD2 1 
ATOM   1235 C CE1 . TYR B 1 60 ? 5.732   1.325   -4.136  1.00 36.44  ? 59  TYR B CE1 1 
ATOM   1236 C CE2 . TYR B 1 60 ? 6.372   -0.729  -5.179  1.00 40.02  ? 59  TYR B CE2 1 
ATOM   1237 C CZ  . TYR B 1 60 ? 6.559   0.224   -4.201  1.00 41.18  ? 59  TYR B CZ  1 
ATOM   1238 O OH  . TYR B 1 60 ? 7.576   0.078   -3.286  1.00 36.96  ? 59  TYR B OH  1 
ATOM   1239 N N   . SER B 1 61 ? 2.996   3.754   -7.304  1.00 37.50  ? 60  SER B N   1 
ATOM   1240 C CA  . SER B 1 61 ? 3.178   5.078   -6.729  1.00 43.14  ? 60  SER B CA  1 
ATOM   1241 C C   . SER B 1 61 ? 2.404   5.147   -5.422  1.00 44.87  ? 60  SER B C   1 
ATOM   1242 O O   . SER B 1 61 ? 1.328   4.555   -5.297  1.00 45.29  ? 60  SER B O   1 
ATOM   1243 C CB  . SER B 1 61 ? 2.704   6.181   -7.686  1.00 34.51  ? 60  SER B CB  1 
ATOM   1244 O OG  . SER B 1 61 ? 2.585   7.422   -7.014  1.00 43.84  ? 60  SER B OG  1 
ATOM   1245 N N   . VAL B 1 62 ? 2.949   5.875   -4.451  1.00 48.42  ? 61  VAL B N   1 
ATOM   1246 C CA  . VAL B 1 62 ? 2.438   5.880   -3.086  1.00 36.33  ? 61  VAL B CA  1 
ATOM   1247 C C   . VAL B 1 62 ? 2.011   7.293   -2.710  1.00 46.09  ? 61  VAL B C   1 
ATOM   1248 O O   . VAL B 1 62 ? 2.680   8.271   -3.061  1.00 40.16  ? 61  VAL B O   1 
ATOM   1249 C CB  . VAL B 1 62 ? 3.494   5.340   -2.097  1.00 29.90  ? 61  VAL B CB  1 
ATOM   1250 C CG1 . VAL B 1 62 ? 2.960   5.359   -0.679  1.00 43.23  ? 61  VAL B CG1 1 
ATOM   1251 C CG2 . VAL B 1 62 ? 3.914   3.932   -2.492  1.00 31.43  ? 61  VAL B CG2 1 
ATOM   1252 N N   . LEU B 1 63 ? 0.889   7.391   -1.999  1.00 41.54  ? 62  LEU B N   1 
ATOM   1253 C CA  . LEU B 1 63 ? 0.374   8.646   -1.468  1.00 34.11  ? 62  LEU B CA  1 
ATOM   1254 C C   . LEU B 1 63 ? 0.277   8.522   0.046   1.00 39.40  ? 62  LEU B C   1 
ATOM   1255 O O   . LEU B 1 63 ? -0.346  7.583   0.554   1.00 49.86  ? 62  LEU B O   1 
ATOM   1256 C CB  . LEU B 1 63 ? -0.993  8.977   -2.077  1.00 32.86  ? 62  LEU B CB  1 
ATOM   1257 C CG  . LEU B 1 63 ? -1.612  10.347  -1.794  1.00 36.45  ? 62  LEU B CG  1 
ATOM   1258 C CD1 . LEU B 1 63 ? -2.330  10.868  -3.028  1.00 35.62  ? 62  LEU B CD1 1 
ATOM   1259 C CD2 . LEU B 1 63 ? -2.565  10.289  -0.608  1.00 27.76  ? 62  LEU B CD2 1 
ATOM   1260 N N   . VAL B 1 64 ? 0.890   9.461   0.766   1.00 38.34  ? 63  VAL B N   1 
ATOM   1261 C CA  . VAL B 1 64 ? 1.017   9.376   2.217   1.00 48.85  ? 63  VAL B CA  1 
ATOM   1262 C C   . VAL B 1 64 ? 0.549   10.680  2.848   1.00 43.79  ? 63  VAL B C   1 
ATOM   1263 O O   . VAL B 1 64 ? 0.848   11.770  2.343   1.00 44.31  ? 63  VAL B O   1 
ATOM   1264 C CB  . VAL B 1 64 ? 2.471   9.064   2.638   1.00 37.66  ? 63  VAL B CB  1 
ATOM   1265 C CG1 . VAL B 1 64 ? 2.608   9.067   4.153   1.00 45.99  ? 63  VAL B CG1 1 
ATOM   1266 C CG2 . VAL B 1 64 ? 2.920   7.731   2.062   1.00 34.30  ? 63  VAL B CG2 1 
ATOM   1267 N N   . ILE B 1 65 ? -0.179  10.567  3.959   1.00 42.92  ? 64  ILE B N   1 
ATOM   1268 C CA  . ILE B 1 65 ? -0.605  11.709  4.759   1.00 46.59  ? 64  ILE B CA  1 
ATOM   1269 C C   . ILE B 1 65 ? -0.200  11.449  6.203   1.00 53.87  ? 64  ILE B C   1 
ATOM   1270 O O   . ILE B 1 65 ? -0.644  10.463  6.807   1.00 52.23  ? 64  ILE B O   1 
ATOM   1271 C CB  . ILE B 1 65 ? -2.119  11.959  4.656   1.00 44.17  ? 64  ILE B CB  1 
ATOM   1272 C CG1 . ILE B 1 65 ? -2.514  12.247  3.208   1.00 44.41  ? 64  ILE B CG1 1 
ATOM   1273 C CG2 . ILE B 1 65 ? -2.523  13.115  5.553   1.00 57.57  ? 64  ILE B CG2 1 
ATOM   1274 C CD1 . ILE B 1 65 ? -4.003  12.176  2.955   1.00 45.68  ? 64  ILE B CD1 1 
ATOM   1275 N N   . LEU B 1 66 ? 0.627   12.335  6.761   1.00 52.04  ? 65  LEU B N   1 
ATOM   1276 C CA  . LEU B 1 66 ? 1.187   12.096  8.088   1.00 44.19  ? 65  LEU B CA  1 
ATOM   1277 C C   . LEU B 1 66 ? 0.216   12.449  9.207   1.00 59.82  ? 65  LEU B C   1 
ATOM   1278 O O   . LEU B 1 66 ? 0.254   11.823  10.271  1.00 69.60  ? 65  LEU B O   1 
ATOM   1279 C CB  . LEU B 1 66 ? 2.485   12.883  8.265   1.00 46.62  ? 65  LEU B CB  1 
ATOM   1280 C CG  . LEU B 1 66 ? 3.466   12.880  7.092   1.00 57.57  ? 65  LEU B CG  1 
ATOM   1281 C CD1 . LEU B 1 66 ? 4.680   13.725  7.436   1.00 64.66  ? 65  LEU B CD1 1 
ATOM   1282 C CD2 . LEU B 1 66 ? 3.876   11.459  6.736   1.00 54.11  ? 65  LEU B CD2 1 
ATOM   1283 N N   . SER B 1 67 ? -0.652  13.439  9.002   1.00 64.59  ? 66  SER B N   1 
ATOM   1284 C CA  . SER B 1 67 ? -1.630  13.822  10.021  1.00 59.32  ? 66  SER B CA  1 
ATOM   1285 C C   . SER B 1 67 ? -2.937  14.161  9.311   1.00 62.18  ? 66  SER B C   1 
ATOM   1286 O O   . SER B 1 67 ? -3.068  15.233  8.714   1.00 75.54  ? 66  SER B O   1 
ATOM   1287 C CB  . SER B 1 67 ? -1.131  14.991  10.862  1.00 72.79  ? 66  SER B CB  1 
ATOM   1288 O OG  . SER B 1 67 ? -1.733  14.982  12.145  1.00 67.38  ? 66  SER B OG  1 
ATOM   1289 N N   . ILE B 1 68 ? -3.895  13.238  9.376   1.00 68.60  ? 67  ILE B N   1 
ATOM   1290 C CA  . ILE B 1 68 ? -5.188  13.449  8.741   1.00 67.18  ? 67  ILE B CA  1 
ATOM   1291 C C   . ILE B 1 68 ? -5.939  14.548  9.477   1.00 71.43  ? 67  ILE B C   1 
ATOM   1292 O O   . ILE B 1 68 ? -6.017  14.550  10.712  1.00 77.99  ? 67  ILE B O   1 
ATOM   1293 C CB  . ILE B 1 68 ? -5.997  12.143  8.724   1.00 63.15  ? 67  ILE B CB  1 
ATOM   1294 C CG1 . ILE B 1 68 ? -5.373  11.141  7.751   1.00 58.37  ? 67  ILE B CG1 1 
ATOM   1295 C CG2 . ILE B 1 68 ? -7.450  12.419  8.365   1.00 69.94  ? 67  ILE B CG2 1 
ATOM   1296 C CD1 . ILE B 1 68 ? -5.682  11.438  6.300   1.00 53.87  ? 67  ILE B CD1 1 
ATOM   1297 N N   . GLN B 1 69 ? -6.491  15.489  8.722   1.00 74.56  ? 68  GLN B N   1 
ATOM   1298 C CA  . GLN B 1 69 ? -7.283  16.570  9.287   1.00 75.43  ? 68  GLN B CA  1 
ATOM   1299 C C   . GLN B 1 69 ? -8.330  16.970  8.255   1.00 83.23  ? 68  GLN B C   1 
ATOM   1300 O O   . GLN B 1 69 ? -8.208  16.608  7.080   1.00 75.24  ? 68  GLN B O   1 
ATOM   1301 C CB  . GLN B 1 69 ? -6.392  17.754  9.698   1.00 63.70  ? 68  GLN B CB  1 
ATOM   1302 C CG  . GLN B 1 69 ? -5.728  17.557  11.072  1.00 87.96  ? 68  GLN B CG  1 
ATOM   1303 C CD  . GLN B 1 69 ? -5.133  18.828  11.646  1.00 104.97 ? 68  GLN B CD  1 
ATOM   1304 O OE1 . GLN B 1 69 ? -5.699  19.910  11.506  1.00 96.01  ? 68  GLN B OE1 1 
ATOM   1305 N NE2 . GLN B 1 69 ? -3.992  18.696  12.314  1.00 91.01  ? 68  GLN B NE2 1 
ATOM   1306 N N   . PRO B 1 70 ? -9.381  17.696  8.673   1.00 92.18  ? 69  PRO B N   1 
ATOM   1307 C CA  . PRO B 1 70 ? -10.584 17.834  7.825   1.00 72.84  ? 69  PRO B CA  1 
ATOM   1308 C C   . PRO B 1 70 ? -10.351 18.173  6.361   1.00 68.72  ? 69  PRO B C   1 
ATOM   1309 O O   . PRO B 1 70 ? -11.160 17.766  5.519   1.00 57.03  ? 69  PRO B O   1 
ATOM   1310 C CB  . PRO B 1 70 ? -11.357 18.955  8.525   1.00 67.36  ? 69  PRO B CB  1 
ATOM   1311 C CG  . PRO B 1 70 ? -11.039 18.759  9.955   1.00 74.15  ? 69  PRO B CG  1 
ATOM   1312 C CD  . PRO B 1 70 ? -9.620  18.245  10.021  1.00 76.97  ? 69  PRO B CD  1 
ATOM   1313 N N   . ASN B 1 71 ? -9.292  18.906  6.017   1.00 61.62  ? 70  ASN B N   1 
ATOM   1314 C CA  . ASN B 1 71 ? -9.125  19.297  4.622   1.00 68.68  ? 70  ASN B CA  1 
ATOM   1315 C C   . ASN B 1 71 ? -8.786  18.124  3.712   1.00 84.11  ? 70  ASN B C   1 
ATOM   1316 O O   . ASN B 1 71 ? -8.807  18.290  2.488   1.00 85.28  ? 70  ASN B O   1 
ATOM   1317 C CB  . ASN B 1 71 ? -8.048  20.377  4.497   1.00 72.40  ? 70  ASN B CB  1 
ATOM   1318 C CG  . ASN B 1 71 ? -6.875  20.137  5.419   1.00 99.03  ? 70  ASN B CG  1 
ATOM   1319 O OD1 . ASN B 1 71 ? -7.030  19.561  6.496   1.00 98.73  ? 70  ASN B OD1 1 
ATOM   1320 N ND2 . ASN B 1 71 ? -5.691  20.572  5.002   1.00 82.70  ? 70  ASN B ND2 1 
ATOM   1321 N N   . HIS B 1 72 ? -8.492  16.949  4.269   1.00 78.90  ? 71  HIS B N   1 
ATOM   1322 C CA  . HIS B 1 72 ? -8.089  15.803  3.463   1.00 64.89  ? 71  HIS B CA  1 
ATOM   1323 C C   . HIS B 1 72 ? -9.270  14.992  2.941   1.00 68.13  ? 71  HIS B C   1 
ATOM   1324 O O   . HIS B 1 72 ? -9.059  14.022  2.207   1.00 67.57  ? 71  HIS B O   1 
ATOM   1325 C CB  . HIS B 1 72 ? -7.155  14.904  4.277   1.00 55.01  ? 71  HIS B CB  1 
ATOM   1326 C CG  . HIS B 1 72 ? -5.828  15.532  4.575   1.00 68.10  ? 71  HIS B CG  1 
ATOM   1327 N ND1 . HIS B 1 72 ? -5.391  15.779  5.858   1.00 62.41  ? 71  HIS B ND1 1 
ATOM   1328 C CD2 . HIS B 1 72 ? -4.846  15.971  3.751   1.00 63.37  ? 71  HIS B CD2 1 
ATOM   1329 C CE1 . HIS B 1 72 ? -4.195  16.339  5.813   1.00 64.28  ? 71  HIS B CE1 1 
ATOM   1330 N NE2 . HIS B 1 72 ? -3.842  16.466  4.547   1.00 75.04  ? 71  HIS B NE2 1 
ATOM   1331 N N   . ILE B 1 73 ? -10.501 15.369  3.288   1.00 62.83  ? 72  ILE B N   1 
ATOM   1332 C CA  . ILE B 1 73 ? -11.681 14.678  2.781   1.00 56.53  ? 72  ILE B CA  1 
ATOM   1333 C C   . ILE B 1 73 ? -11.817 14.913  1.281   1.00 61.93  ? 72  ILE B C   1 
ATOM   1334 O O   . ILE B 1 73 ? -11.628 16.034  0.791   1.00 64.41  ? 72  ILE B O   1 
ATOM   1335 C CB  . ILE B 1 73 ? -12.932 15.164  3.535   1.00 70.74  ? 72  ILE B CB  1 
ATOM   1336 C CG1 . ILE B 1 73 ? -12.690 15.177  5.047   1.00 61.25  ? 72  ILE B CG1 1 
ATOM   1337 C CG2 . ILE B 1 73 ? -14.152 14.330  3.167   1.00 63.92  ? 72  ILE B CG2 1 
ATOM   1338 C CD1 . ILE B 1 73 ? -13.925 15.494  5.859   1.00 73.08  ? 72  ILE B CD1 1 
ATOM   1339 N N   . GLY B 1 74 ? -12.151 13.860  0.546   1.00 48.00  ? 73  GLY B N   1 
ATOM   1340 C CA  . GLY B 1 74 ? -12.375 13.972  -0.882  1.00 51.69  ? 73  GLY B CA  1 
ATOM   1341 C C   . GLY B 1 74 ? -12.209 12.632  -1.573  1.00 51.22  ? 73  GLY B C   1 
ATOM   1342 O O   . GLY B 1 74 ? -11.947 11.608  -0.942  1.00 59.07  ? 73  GLY B O   1 
ATOM   1343 N N   . ASN B 1 75 ? -12.387 12.664  -2.897  1.00 52.84  ? 74  ASN B N   1 
ATOM   1344 C CA  . ASN B 1 75 ? -12.117 11.520  -3.765  1.00 72.84  ? 74  ASN B CA  1 
ATOM   1345 C C   . ASN B 1 75 ? -10.705 11.664  -4.320  1.00 66.19  ? 74  ASN B C   1 
ATOM   1346 O O   . ASN B 1 75 ? -10.392 12.663  -4.978  1.00 61.05  ? 74  ASN B O   1 
ATOM   1347 C CB  . ASN B 1 75 ? -13.130 11.413  -4.914  1.00 83.73  ? 74  ASN B CB  1 
ATOM   1348 C CG  . ASN B 1 75 ? -14.566 11.544  -4.443  1.00 96.17  ? 74  ASN B CG  1 
ATOM   1349 O OD1 . ASN B 1 75 ? -14.892 11.099  -3.342  1.00 92.85  ? 74  ASN B OD1 1 
ATOM   1350 N ND2 . ASN B 1 75 ? -15.438 12.147  -5.281  1.00 127.42 ? 74  ASN B ND2 1 
ATOM   1351 N N   . TYR B 1 76 ? -9.857  10.673  -4.051  1.00 61.11  ? 75  TYR B N   1 
ATOM   1352 C CA  . TYR B 1 76 ? -8.484  10.648  -4.544  1.00 46.00  ? 75  TYR B CA  1 
ATOM   1353 C C   . TYR B 1 76 ? -8.401  9.686   -5.725  1.00 51.58  ? 75  TYR B C   1 
ATOM   1354 O O   . TYR B 1 76 ? -8.754  8.509   -5.598  1.00 40.56  ? 75  TYR B O   1 
ATOM   1355 C CB  . TYR B 1 76 ? -7.514  10.224  -3.442  1.00 39.53  ? 75  TYR B CB  1 
ATOM   1356 C CG  . TYR B 1 76 ? -7.365  11.218  -2.311  1.00 48.78  ? 75  TYR B CG  1 
ATOM   1357 C CD1 . TYR B 1 76 ? -8.339  11.332  -1.327  1.00 56.57  ? 75  TYR B CD1 1 
ATOM   1358 C CD2 . TYR B 1 76 ? -6.243  12.030  -2.219  1.00 55.41  ? 75  TYR B CD2 1 
ATOM   1359 C CE1 . TYR B 1 76 ? -8.201  12.235  -0.284  1.00 51.55  ? 75  TYR B CE1 1 
ATOM   1360 C CE2 . TYR B 1 76 ? -6.097  12.935  -1.182  1.00 57.59  ? 75  TYR B CE2 1 
ATOM   1361 C CZ  . TYR B 1 76 ? -7.078  13.032  -0.217  1.00 49.68  ? 75  TYR B CZ  1 
ATOM   1362 O OH  . TYR B 1 76 ? -6.936  13.931  0.816   1.00 55.56  ? 75  TYR B OH  1 
ATOM   1363 N N   . THR B 1 77 ? -7.924  10.184  -6.866  1.00 41.10  ? 76  THR B N   1 
ATOM   1364 C CA  . THR B 1 77 ? -7.902  9.423   -8.108  1.00 36.06  ? 76  THR B CA  1 
ATOM   1365 C C   . THR B 1 77 ? -6.476  9.307   -8.624  1.00 54.08  ? 76  THR B C   1 
ATOM   1366 O O   . THR B 1 77 ? -5.768  10.313  -8.746  1.00 59.41  ? 76  THR B O   1 
ATOM   1367 C CB  . THR B 1 77 ? -8.783  10.076  -9.173  1.00 52.79  ? 76  THR B CB  1 
ATOM   1368 O OG1 . THR B 1 77 ? -10.135 10.116  -8.708  1.00 51.38  ? 76  THR B OG1 1 
ATOM   1369 C CG2 . THR B 1 77 ? -8.728  9.285   -10.481 1.00 34.50  ? 76  THR B CG2 1 
ATOM   1370 N N   . CYS B 1 78 ? -6.069  8.081   -8.937  1.00 46.23  ? 77  CYS B N   1 
ATOM   1371 C CA  . CYS B 1 78 ? -4.782  7.796   -9.555  1.00 50.82  ? 77  CYS B CA  1 
ATOM   1372 C C   . CYS B 1 78 ? -4.991  7.296   -10.976 1.00 48.30  ? 77  CYS B C   1 
ATOM   1373 O O   . CYS B 1 78 ? -5.884  6.482   -11.228 1.00 51.08  ? 77  CYS B O   1 
ATOM   1374 C CB  . CYS B 1 78 ? -4.001  6.750   -8.760  1.00 53.06  ? 77  CYS B CB  1 
ATOM   1375 S SG  . CYS B 1 78 ? -2.627  6.012   -9.689  1.00 62.64  ? 77  CYS B SG  1 
ATOM   1376 N N   . ILE B 1 79 ? -4.155  7.772   -11.901 1.00 41.60  ? 78  ILE B N   1 
ATOM   1377 C CA  . ILE B 1 79 ? -4.227  7.374   -13.303 1.00 44.82  ? 78  ILE B CA  1 
ATOM   1378 C C   . ILE B 1 79 ? -2.862  6.861   -13.746 1.00 47.15  ? 78  ILE B C   1 
ATOM   1379 O O   . ILE B 1 79 ? -1.844  7.534   -13.548 1.00 54.15  ? 78  ILE B O   1 
ATOM   1380 C CB  . ILE B 1 79 ? -4.685  8.537   -14.205 1.00 59.04  ? 78  ILE B CB  1 
ATOM   1381 C CG1 . ILE B 1 79 ? -5.984  9.148   -13.682 1.00 56.28  ? 78  ILE B CG1 1 
ATOM   1382 C CG2 . ILE B 1 79 ? -4.851  8.072   -15.647 1.00 41.52  ? 78  ILE B CG2 1 
ATOM   1383 C CD1 . ILE B 1 79 ? -6.572  10.214  -14.596 1.00 31.98  ? 78  ILE B CD1 1 
ATOM   1384 N N   . VAL B 1 80 ? -2.844  5.675   -14.351 1.00 43.22  ? 79  VAL B N   1 
ATOM   1385 C CA  . VAL B 1 80 ? -1.626  5.060   -14.863 1.00 51.94  ? 79  VAL B CA  1 
ATOM   1386 C C   . VAL B 1 80 ? -1.762  4.903   -16.371 1.00 52.56  ? 79  VAL B C   1 
ATOM   1387 O O   . VAL B 1 80 ? -2.825  4.516   -16.870 1.00 52.61  ? 79  VAL B O   1 
ATOM   1388 C CB  . VAL B 1 80 ? -1.343  3.698   -14.193 1.00 47.05  ? 79  VAL B CB  1 
ATOM   1389 C CG1 . VAL B 1 80 ? 0.063   3.221   -14.520 1.00 44.21  ? 79  VAL B CG1 1 
ATOM   1390 C CG2 . VAL B 1 80 ? -1.547  3.791   -12.683 1.00 42.60  ? 79  VAL B CG2 1 
ATOM   1391 N N   . LYS B 1 81 ? -0.686  5.209   -17.095 1.00 43.15  ? 80  LYS B N   1 
ATOM   1392 C CA  . LYS B 1 81 ? -0.679  5.168   -18.551 1.00 49.91  ? 80  LYS B CA  1 
ATOM   1393 C C   . LYS B 1 81 ? 0.589   4.492   -19.047 1.00 61.32  ? 80  LYS B C   1 
ATOM   1394 O O   . LYS B 1 81 ? 1.622   4.506   -18.373 1.00 65.98  ? 80  LYS B O   1 
ATOM   1395 C CB  . LYS B 1 81 ? -0.757  6.578   -19.160 1.00 51.58  ? 80  LYS B CB  1 
ATOM   1396 C CG  . LYS B 1 81 ? -2.027  7.346   -18.842 1.00 57.30  ? 80  LYS B CG  1 
ATOM   1397 C CD  . LYS B 1 81 ? -1.872  8.818   -19.198 1.00 51.78  ? 80  LYS B CD  1 
ATOM   1398 C CE  . LYS B 1 81 ? -3.185  9.567   -19.042 1.00 52.24  ? 80  LYS B CE  1 
ATOM   1399 N NZ  . LYS B 1 81 ? -3.006  11.039  -19.166 1.00 51.68  ? 80  LYS B NZ  1 
ATOM   1400 N N   . ASN B 1 82 ? 0.512   3.906   -20.239 1.00 65.41  ? 81  ASN B N   1 
ATOM   1401 C CA  . ASN B 1 82 ? 1.709   3.402   -20.902 1.00 58.96  ? 81  ASN B CA  1 
ATOM   1402 C C   . ASN B 1 82 ? 1.494   3.445   -22.411 1.00 61.91  ? 81  ASN B C   1 
ATOM   1403 O O   . ASN B 1 82 ? 0.560   4.081   -22.908 1.00 57.11  ? 81  ASN B O   1 
ATOM   1404 C CB  . ASN B 1 82 ? 2.075   1.994   -20.412 1.00 65.25  ? 81  ASN B CB  1 
ATOM   1405 C CG  . ASN B 1 82 ? 1.086   0.927   -20.855 1.00 70.59  ? 81  ASN B CG  1 
ATOM   1406 O OD1 . ASN B 1 82 ? 0.081   1.217   -21.500 1.00 74.82  ? 81  ASN B OD1 1 
ATOM   1407 N ND2 . ASN B 1 82 ? 1.373   -0.321  -20.502 1.00 65.31  ? 81  ASN B ND2 1 
ATOM   1408 N N   . SER B 1 83 ? 2.374   2.744   -23.130 1.00 73.32  ? 82  SER B N   1 
ATOM   1409 C CA  . SER B 1 83 ? 2.333   2.713   -24.588 1.00 62.03  ? 82  SER B CA  1 
ATOM   1410 C C   . SER B 1 83 ? 0.965   2.297   -25.118 1.00 67.51  ? 82  SER B C   1 
ATOM   1411 O O   . SER B 1 83 ? 0.469   2.872   -26.093 1.00 79.25  ? 82  SER B O   1 
ATOM   1412 C CB  . SER B 1 83 ? 3.419   1.762   -25.102 1.00 63.84  ? 82  SER B CB  1 
ATOM   1413 O OG  . SER B 1 83 ? 3.389   1.650   -26.514 1.00 85.24  ? 82  SER B OG  1 
ATOM   1414 N N   . VAL B 1 84 ? 0.336   1.300   -24.489 1.00 68.29  ? 83  VAL B N   1 
ATOM   1415 C CA  . VAL B 1 84 ? -0.817  0.635   -25.090 1.00 59.55  ? 83  VAL B CA  1 
ATOM   1416 C C   . VAL B 1 84 ? -2.154  1.008   -24.459 1.00 57.79  ? 83  VAL B C   1 
ATOM   1417 O O   . VAL B 1 84 ? -3.201  0.760   -25.080 1.00 70.91  ? 83  VAL B O   1 
ATOM   1418 C CB  . VAL B 1 84 ? -0.646  -0.900  -25.057 1.00 63.01  ? 83  VAL B CB  1 
ATOM   1419 C CG1 . VAL B 1 84 ? 0.575   -1.306  -25.862 1.00 66.63  ? 83  VAL B CG1 1 
ATOM   1420 C CG2 . VAL B 1 84 ? -0.533  -1.389  -23.623 1.00 76.45  ? 83  VAL B CG2 1 
ATOM   1421 N N   . GLY B 1 85 ? -2.171  1.573   -23.258 1.00 63.02  ? 84  GLY B N   1 
ATOM   1422 C CA  . GLY B 1 85 ? -3.453  1.861   -22.644 1.00 57.64  ? 84  GLY B CA  1 
ATOM   1423 C C   . GLY B 1 85 ? -3.320  2.652   -21.363 1.00 67.61  ? 84  GLY B C   1 
ATOM   1424 O O   . GLY B 1 85 ? -2.267  3.215   -21.055 1.00 71.93  ? 84  GLY B O   1 
ATOM   1425 N N   . SER B 1 86 ? -4.427  2.676   -20.619 1.00 60.88  ? 85  SER B N   1 
ATOM   1426 C CA  . SER B 1 86 ? -4.573  3.473   -19.411 1.00 48.16  ? 85  SER B CA  1 
ATOM   1427 C C   . SER B 1 86 ? -5.440  2.720   -18.410 1.00 55.69  ? 85  SER B C   1 
ATOM   1428 O O   . SER B 1 86 ? -6.059  1.702   -18.732 1.00 75.77  ? 85  SER B O   1 
ATOM   1429 C CB  . SER B 1 86 ? -5.192  4.841   -19.720 1.00 61.34  ? 85  SER B CB  1 
ATOM   1430 O OG  . SER B 1 86 ? -6.001  5.286   -18.645 1.00 64.77  ? 85  SER B OG  1 
ATOM   1431 N N   . ASP B 1 87 ? -5.470  3.231   -17.181 1.00 61.09  ? 86  ASP B N   1 
ATOM   1432 C CA  . ASP B 1 87 ? -6.379  2.742   -16.152 1.00 48.20  ? 86  ASP B CA  1 
ATOM   1433 C C   . ASP B 1 87 ? -6.466  3.795   -15.060 1.00 39.29  ? 86  ASP B C   1 
ATOM   1434 O O   . ASP B 1 87 ? -5.574  4.634   -14.911 1.00 59.58  ? 86  ASP B O   1 
ATOM   1435 C CB  . ASP B 1 87 ? -5.927  1.395   -15.577 1.00 54.11  ? 86  ASP B CB  1 
ATOM   1436 C CG  . ASP B 1 87 ? -7.006  0.725   -14.744 1.00 50.21  ? 86  ASP B CG  1 
ATOM   1437 O OD1 . ASP B 1 87 ? -8.142  1.241   -14.714 1.00 45.07  ? 86  ASP B OD1 1 
ATOM   1438 O OD2 . ASP B 1 87 ? -6.718  -0.320  -14.124 1.00 60.58  ? 86  ASP B OD2 1 
ATOM   1439 N N   . SER B 1 88 ? -7.556  3.745   -14.299 1.00 30.68  ? 87  SER B N   1 
ATOM   1440 C CA  . SER B 1 88 ? -7.788  4.724   -13.250 1.00 44.17  ? 87  SER B CA  1 
ATOM   1441 C C   . SER B 1 88 ? -8.516  4.057   -12.095 1.00 60.69  ? 87  SER B C   1 
ATOM   1442 O O   . SER B 1 88 ? -9.215  3.058   -12.276 1.00 71.79  ? 87  SER B O   1 
ATOM   1443 C CB  . SER B 1 88 ? -8.596  5.920   -13.769 1.00 53.54  ? 87  SER B CB  1 
ATOM   1444 O OG  . SER B 1 88 ? -9.420  6.456   -12.750 1.00 62.29  ? 87  SER B OG  1 
ATOM   1445 N N   . PHE B 1 89 ? -8.336  4.619   -10.901 1.00 47.01  ? 88  PHE B N   1 
ATOM   1446 C CA  . PHE B 1 89 ? -9.051  4.161   -9.720  1.00 51.97  ? 88  PHE B CA  1 
ATOM   1447 C C   . PHE B 1 89 ? -9.216  5.325   -8.756  1.00 54.44  ? 88  PHE B C   1 
ATOM   1448 O O   . PHE B 1 89 ? -8.312  6.151   -8.606  1.00 65.86  ? 88  PHE B O   1 
ATOM   1449 C CB  . PHE B 1 89 ? -8.330  3.000   -9.028  1.00 41.56  ? 88  PHE B CB  1 
ATOM   1450 C CG  . PHE B 1 89 ? -9.179  2.280   -8.019  1.00 49.99  ? 88  PHE B CG  1 
ATOM   1451 C CD1 . PHE B 1 89 ? -9.237  2.714   -6.703  1.00 49.34  ? 88  PHE B CD1 1 
ATOM   1452 C CD2 . PHE B 1 89 ? -9.934  1.179   -8.390  1.00 49.96  ? 88  PHE B CD2 1 
ATOM   1453 C CE1 . PHE B 1 89 ? -10.025 2.059   -5.775  1.00 47.64  ? 88  PHE B CE1 1 
ATOM   1454 C CE2 . PHE B 1 89 ? -10.723 0.520   -7.466  1.00 40.99  ? 88  PHE B CE2 1 
ATOM   1455 C CZ  . PHE B 1 89 ? -10.769 0.960   -6.158  1.00 43.53  ? 88  PHE B CZ  1 
ATOM   1456 N N   . THR B 1 90 ? -10.374 5.375   -8.103  1.00 38.92  ? 89  THR B N   1 
ATOM   1457 C CA  . THR B 1 90 ? -10.708 6.429   -7.158  1.00 46.50  ? 89  THR B CA  1 
ATOM   1458 C C   . THR B 1 90 ? -11.082 5.820   -5.814  1.00 43.32  ? 89  THR B C   1 
ATOM   1459 O O   . THR B 1 90 ? -11.763 4.791   -5.755  1.00 52.97  ? 89  THR B O   1 
ATOM   1460 C CB  . THR B 1 90 ? -11.865 7.291   -7.679  1.00 42.65  ? 89  THR B CB  1 
ATOM   1461 O OG1 . THR B 1 90 ? -11.565 7.738   -9.006  1.00 48.21  ? 89  THR B OG1 1 
ATOM   1462 C CG2 . THR B 1 90 ? -12.087 8.498   -6.777  1.00 41.29  ? 89  THR B CG2 1 
ATOM   1463 N N   . ALA B 1 91 ? -10.624 6.458   -4.739  1.00 38.62  ? 90  ALA B N   1 
ATOM   1464 C CA  . ALA B 1 91 ? -10.976 6.082   -3.379  1.00 42.75  ? 90  ALA B CA  1 
ATOM   1465 C C   . ALA B 1 91 ? -11.354 7.334   -2.603  1.00 47.75  ? 90  ALA B C   1 
ATOM   1466 O O   . ALA B 1 91 ? -10.721 8.381   -2.758  1.00 52.42  ? 90  ALA B O   1 
ATOM   1467 C CB  . ALA B 1 91 ? -9.824  5.356   -2.678  1.00 42.62  ? 90  ALA B CB  1 
ATOM   1468 N N   . SER B 1 92 ? -12.382 7.222   -1.767  1.00 53.56  ? 91  SER B N   1 
ATOM   1469 C CA  . SER B 1 92 ? -12.910 8.357   -1.021  1.00 56.14  ? 91  SER B CA  1 
ATOM   1470 C C   . SER B 1 92 ? -12.420 8.311   0.419   1.00 60.17  ? 91  SER B C   1 
ATOM   1471 O O   . SER B 1 92 ? -12.546 7.281   1.092   1.00 62.71  ? 91  SER B O   1 
ATOM   1472 C CB  . SER B 1 92 ? -14.438 8.371   -1.057  1.00 57.58  ? 91  SER B CB  1 
ATOM   1473 O OG  . SER B 1 92 ? -14.917 8.380   -2.391  1.00 88.39  ? 91  SER B OG  1 
ATOM   1474 N N   . LEU B 1 93 ? -11.870 9.427   0.886   1.00 53.84  ? 92  LEU B N   1 
ATOM   1475 C CA  . LEU B 1 93 ? -11.423 9.564   2.263   1.00 48.36  ? 92  LEU B CA  1 
ATOM   1476 C C   . LEU B 1 93 ? -12.536 10.238  3.054   1.00 59.81  ? 92  LEU B C   1 
ATOM   1477 O O   . LEU B 1 93 ? -12.910 11.379  2.759   1.00 69.73  ? 92  LEU B O   1 
ATOM   1478 C CB  . LEU B 1 93 ? -10.122 10.366  2.332   1.00 57.08  ? 92  LEU B CB  1 
ATOM   1479 C CG  . LEU B 1 93 ? -9.436  10.611  3.681   1.00 56.87  ? 92  LEU B CG  1 
ATOM   1480 C CD1 . LEU B 1 93 ? -7.960  10.877  3.457   1.00 53.98  ? 92  LEU B CD1 1 
ATOM   1481 C CD2 . LEU B 1 93 ? -10.054 11.764  4.469   1.00 59.73  ? 92  LEU B CD2 1 
ATOM   1482 N N   . ILE B 1 94 ? -13.070 9.526   4.046   1.00 66.76  ? 93  ILE B N   1 
ATOM   1483 C CA  . ILE B 1 94 ? -14.186 10.024  4.841   1.00 76.70  ? 93  ILE B CA  1 
ATOM   1484 C C   . ILE B 1 94 ? -13.797 10.041  6.314   1.00 80.29  ? 93  ILE B C   1 
ATOM   1485 O O   . ILE B 1 94 ? -13.011 9.211   6.781   1.00 73.00  ? 93  ILE B O   1 
ATOM   1486 C CB  . ILE B 1 94 ? -15.466 9.183   4.642   1.00 58.95  ? 93  ILE B CB  1 
ATOM   1487 C CG1 . ILE B 1 94 ? -15.550 8.622   3.220   1.00 73.42  ? 93  ILE B CG1 1 
ATOM   1488 C CG2 . ILE B 1 94 ? -16.699 10.027  4.946   1.00 66.99  ? 93  ILE B CG2 1 
ATOM   1489 C CD1 . ILE B 1 94 ? -15.783 9.678   2.160   1.00 71.60  ? 93  ILE B CD1 1 
ATOM   1490 N N   . LEU B 1 95 ? -14.341 11.012  7.046   1.00 84.81  ? 94  LEU B N   1 
ATOM   1491 C CA  . LEU B 1 95 ? -14.039 11.203  8.460   1.00 82.46  ? 94  LEU B CA  1 
ATOM   1492 C C   . LEU B 1 95 ? -15.343 11.229  9.244   1.00 100.69 ? 94  LEU B C   1 
ATOM   1493 O O   . LEU B 1 95 ? -16.166 12.133  9.057   1.00 106.59 ? 94  LEU B O   1 
ATOM   1494 C CB  . LEU B 1 95 ? -13.249 12.496  8.684   1.00 69.90  ? 94  LEU B CB  1 
ATOM   1495 C CG  . LEU B 1 95 ? -11.723 12.391  8.717   1.00 72.60  ? 94  LEU B CG  1 
ATOM   1496 C CD1 . LEU B 1 95 ? -11.111 13.782  8.769   1.00 69.86  ? 94  LEU B CD1 1 
ATOM   1497 C CD2 . LEU B 1 95 ? -11.261 11.552  9.896   1.00 78.67  ? 94  LEU B CD2 1 
ATOM   1498 N N   . LYS B 1 96 ? -15.527 10.239  10.113  1.00 98.14  ? 95  LYS B N   1 
ATOM   1499 C CA  . LYS B 1 96 ? -16.730 10.137  10.932  1.00 101.97 ? 95  LYS B CA  1 
ATOM   1500 C C   . LYS B 1 96 ? -16.735 11.146  12.078  1.00 113.36 ? 95  LYS B C   1 
ATOM   1501 O O   . LYS B 1 96 ? -17.769 11.379  12.707  1.00 105.30 ? 95  LYS B O   1 
ATOM   1502 C CB  . LYS B 1 96 ? -16.875 8.722   11.497  1.00 96.46  ? 95  LYS B CB  1 
ATOM   1503 C CG  . LYS B 1 96 ? -17.321 7.689   10.480  1.00 93.67  ? 95  LYS B CG  1 
ATOM   1504 C CD  . LYS B 1 96 ? -17.816 6.422   11.150  1.00 105.59 ? 95  LYS B CD  1 
ATOM   1505 C CE  . LYS B 1 96 ? -16.669 5.643   11.771  1.00 102.95 ? 95  LYS B CE  1 
ATOM   1506 N NZ  . LYS B 1 96 ? -15.844 4.949   10.744  1.00 106.45 ? 95  LYS B NZ  1 
HETATM 1507 C C1  . NAG C 2 .  ? -3.390  -20.039 6.456   1.00 88.97  ? 100 NAG A C1  1 
HETATM 1508 C C2  . NAG C 2 .  ? -4.811  -20.208 6.975   1.00 97.76  ? 100 NAG A C2  1 
HETATM 1509 C C3  . NAG C 2 .  ? -5.056  -21.682 7.292   1.00 111.65 ? 100 NAG A C3  1 
HETATM 1510 C C4  . NAG C 2 .  ? -4.653  -22.569 6.115   1.00 112.33 ? 100 NAG A C4  1 
HETATM 1511 C C5  . NAG C 2 .  ? -3.302  -22.161 5.511   1.00 114.52 ? 100 NAG A C5  1 
HETATM 1512 C C6  . NAG C 2 .  ? -2.997  -22.842 4.198   1.00 118.79 ? 100 NAG A C6  1 
HETATM 1513 C C7  . NAG C 2 .  ? -6.116  -18.548 8.213   1.00 122.46 ? 100 NAG A C7  1 
HETATM 1514 C C8  . NAG C 2 .  ? -6.267  -17.784 9.495   1.00 101.64 ? 100 NAG A C8  1 
HETATM 1515 N N2  . NAG C 2 .  ? -5.076  -19.384 8.145   1.00 112.70 ? 100 NAG A N2  1 
HETATM 1516 O O3  . NAG C 2 .  ? -6.425  -21.888 7.622   1.00 95.56  ? 100 NAG A O3  1 
HETATM 1517 O O4  . NAG C 2 .  ? -4.533  -23.912 6.571   1.00 108.42 ? 100 NAG A O4  1 
HETATM 1518 O O5  . NAG C 2 .  ? -3.249  -20.749 5.264   1.00 98.78  ? 100 NAG A O5  1 
HETATM 1519 O O6  . NAG C 2 .  ? -1.676  -22.548 3.762   1.00 104.60 ? 100 NAG A O6  1 
HETATM 1520 O O7  . NAG C 2 .  ? -6.898  -18.406 7.276   1.00 119.77 ? 100 NAG A O7  1 
HETATM 1521 C C1  . NAG D 2 .  ? -16.826 12.399  -4.935  1.00 117.42 ? 100 NAG B C1  1 
HETATM 1522 C C2  . NAG D 2 .  ? -17.889 11.261  -5.021  1.00 108.71 ? 100 NAG B C2  1 
HETATM 1523 C C3  . NAG D 2 .  ? -19.153 11.606  -4.208  1.00 103.31 ? 100 NAG B C3  1 
HETATM 1524 C C4  . NAG D 2 .  ? -18.823 12.160  -2.829  1.00 110.07 ? 100 NAG B C4  1 
HETATM 1525 C C5  . NAG D 2 .  ? -17.866 13.323  -2.979  1.00 114.94 ? 100 NAG B C5  1 
HETATM 1526 C C6  . NAG D 2 .  ? -17.433 13.917  -1.660  1.00 110.36 ? 100 NAG B C6  1 
HETATM 1527 C C7  . NAG D 2 .  ? -17.918 9.926   -7.101  1.00 116.05 ? 100 NAG B C7  1 
HETATM 1528 C C8  . NAG D 2 .  ? -18.427 9.861   -8.512  1.00 90.20  ? 100 NAG B C8  1 
HETATM 1529 N N2  . NAG D 2 .  ? -18.262 11.015  -6.406  1.00 104.39 ? 100 NAG B N2  1 
HETATM 1530 O O3  . NAG D 2 .  ? -19.966 10.445  -4.079  1.00 106.95 ? 100 NAG B O3  1 
HETATM 1531 O O4  . NAG D 2 .  ? -20.008 12.620  -2.189  1.00 100.93 ? 100 NAG B O4  1 
HETATM 1532 O O5  . NAG D 2 .  ? -16.682 12.830  -3.600  1.00 114.14 ? 100 NAG B O5  1 
HETATM 1533 O O6  . NAG D 2 .  ? -16.059 13.650  -1.409  1.00 101.50 ? 100 NAG B O6  1 
HETATM 1534 O O7  . NAG D 2 .  ? -17.218 9.040   -6.622  1.00 119.50 ? 100 NAG B O7  1 
HETATM 1535 O O   . HOH E 3 .  ? -4.953  -13.438 -3.177  1.00 49.96  ? 201 HOH A O   1 
HETATM 1536 O O   . HOH E 3 .  ? -3.041  -11.801 12.867  1.00 26.08  ? 202 HOH A O   1 
HETATM 1537 O O   . HOH F 3 .  ? 0.779   10.879  -16.700 1.00 37.52  ? 201 HOH B O   1 
HETATM 1538 O O   . HOH F 3 .  ? 7.652   2.073   -1.094  1.00 26.62  ? 202 HOH B O   1 
# 
